data_2EJY
#
_entry.id   2EJY
#
loop_
_entity.id
_entity.type
_entity.pdbx_description
1 polymer '55 kDa erythrocyte membrane protein'
2 polymer 'Glycophorin C'
#
loop_
_entity_poly.entity_id
_entity_poly.type
_entity_poly.pdbx_seq_one_letter_code
_entity_poly.pdbx_strand_id
1 'polypeptide(L)'
;MGHHHHHHSGHMVRLIQFEKVTEEPMGICLKLNEKQSCTVARILHGGMIHRQGSLHVGDEILEINGTNVTNHSVDQLQKA
MKETKGMISLKVIPNQQ
;
A
2 'polypeptide(L)' DAGDSSRKEYCI B
#
# COMPACT_ATOMS: atom_id res chain seq x y z
N VAL A 13 -11.42 -10.90 -0.99
CA VAL A 13 -11.23 -9.43 -1.13
C VAL A 13 -11.61 -8.69 0.15
N ARG A 14 -10.70 -7.86 0.65
CA ARG A 14 -10.95 -7.09 1.86
C ARG A 14 -10.73 -5.61 1.62
N LEU A 15 -11.71 -4.80 2.01
CA LEU A 15 -11.61 -3.36 1.84
C LEU A 15 -11.24 -2.67 3.15
N ILE A 16 -9.96 -2.33 3.29
CA ILE A 16 -9.47 -1.66 4.48
C ILE A 16 -9.58 -0.15 4.33
N GLN A 17 -9.84 0.54 5.43
CA GLN A 17 -9.98 2.00 5.39
C GLN A 17 -9.30 2.65 6.59
N PHE A 18 -8.37 3.55 6.30
CA PHE A 18 -7.65 4.28 7.34
C PHE A 18 -7.50 5.74 6.95
N GLU A 19 -7.82 6.64 7.87
CA GLU A 19 -7.73 8.07 7.61
C GLU A 19 -6.30 8.58 7.74
N LYS A 20 -5.91 9.44 6.82
CA LYS A 20 -4.56 10.02 6.82
C LYS A 20 -4.65 11.54 6.69
N VAL A 21 -4.29 12.23 7.77
CA VAL A 21 -4.33 13.69 7.79
C VAL A 21 -2.94 14.29 7.64
N THR A 22 -1.94 13.56 8.10
CA THR A 22 -0.56 14.02 8.04
C THR A 22 0.11 13.59 6.74
N GLU A 23 1.04 14.42 6.26
CA GLU A 23 1.76 14.12 5.04
C GLU A 23 2.98 13.27 5.33
N GLU A 24 2.79 11.96 5.30
CA GLU A 24 3.86 11.02 5.58
C GLU A 24 3.50 9.62 5.12
N PRO A 25 4.51 8.78 4.81
CA PRO A 25 4.27 7.41 4.35
C PRO A 25 3.33 6.66 5.26
N MET A 26 2.45 5.85 4.65
CA MET A 26 1.48 5.07 5.41
C MET A 26 2.17 4.20 6.45
N GLY A 27 3.10 3.37 5.99
CA GLY A 27 3.82 2.50 6.90
C GLY A 27 3.99 1.10 6.34
N ILE A 28 4.26 1.01 5.04
CA ILE A 28 4.46 -0.28 4.38
C ILE A 28 5.21 -0.11 3.07
N CYS A 29 5.82 -1.18 2.60
CA CYS A 29 6.58 -1.15 1.35
C CYS A 29 6.06 -2.22 0.40
N LEU A 30 5.65 -1.82 -0.79
CA LEU A 30 5.12 -2.75 -1.78
C LEU A 30 5.82 -2.59 -3.12
N LYS A 31 5.75 -3.64 -3.95
CA LYS A 31 6.39 -3.62 -5.26
C LYS A 31 5.49 -4.24 -6.32
N LEU A 32 5.84 -4.04 -7.59
CA LEU A 32 5.07 -4.58 -8.69
C LEU A 32 5.82 -5.74 -9.35
N ASN A 33 5.38 -6.96 -9.06
CA ASN A 33 6.00 -8.16 -9.62
C ASN A 33 5.81 -8.19 -11.14
N GLU A 34 6.40 -9.20 -11.78
CA GLU A 34 6.29 -9.36 -13.23
C GLU A 34 4.83 -9.29 -13.67
N LYS A 35 3.93 -9.73 -12.80
CA LYS A 35 2.50 -9.72 -13.09
C LYS A 35 1.92 -8.30 -12.99
N GLN A 36 2.65 -7.42 -12.32
CA GLN A 36 2.23 -6.03 -12.13
C GLN A 36 1.13 -5.94 -11.08
N SER A 37 1.55 -5.80 -9.82
CA SER A 37 0.61 -5.71 -8.71
C SER A 37 1.32 -5.20 -7.46
N CYS A 38 0.62 -4.39 -6.68
CA CYS A 38 1.21 -3.83 -5.46
C CYS A 38 1.01 -4.76 -4.27
N THR A 39 2.11 -5.34 -3.79
CA THR A 39 2.09 -6.23 -2.65
C THR A 39 3.15 -5.81 -1.64
N VAL A 40 2.77 -5.69 -0.38
CA VAL A 40 3.72 -5.27 0.64
C VAL A 40 4.90 -6.23 0.70
N ALA A 41 6.03 -5.77 0.19
CA ALA A 41 7.24 -6.57 0.18
C ALA A 41 7.85 -6.67 1.57
N ARG A 42 7.51 -5.71 2.43
CA ARG A 42 8.01 -5.69 3.80
C ARG A 42 7.34 -4.59 4.60
N ILE A 43 6.95 -4.90 5.84
CA ILE A 43 6.31 -3.93 6.72
C ILE A 43 7.35 -3.12 7.46
N LEU A 44 7.20 -1.80 7.47
CA LEU A 44 8.14 -0.92 8.15
C LEU A 44 7.71 -0.69 9.60
N HIS A 45 8.71 -0.52 10.48
CA HIS A 45 8.43 -0.30 11.90
C HIS A 45 8.13 1.17 12.16
N GLY A 46 7.11 1.43 12.97
CA GLY A 46 6.73 2.79 13.29
C GLY A 46 5.56 3.28 12.46
N GLY A 47 5.42 2.73 11.27
CA GLY A 47 4.33 3.12 10.40
C GLY A 47 2.97 2.89 11.03
N MET A 48 1.93 3.47 10.45
CA MET A 48 0.57 3.33 10.97
C MET A 48 0.03 1.93 10.71
N ILE A 49 0.56 1.28 9.67
CA ILE A 49 0.11 -0.08 9.32
C ILE A 49 0.73 -1.11 10.27
N HIS A 50 1.98 -0.88 10.67
CA HIS A 50 2.66 -1.79 11.58
C HIS A 50 2.23 -1.55 13.02
N ARG A 51 1.88 -0.31 13.33
CA ARG A 51 1.45 0.06 14.67
C ARG A 51 -0.04 -0.24 14.86
N GLN A 52 -0.85 0.25 13.92
CA GLN A 52 -2.30 0.04 13.99
C GLN A 52 -2.65 -1.40 13.62
N GLY A 53 -2.00 -1.91 12.58
CA GLY A 53 -2.27 -3.27 12.14
C GLY A 53 -3.38 -3.34 11.11
N SER A 54 -3.10 -2.84 9.91
CA SER A 54 -4.09 -2.86 8.84
C SER A 54 -3.69 -3.85 7.74
N LEU A 55 -2.39 -4.07 7.60
CA LEU A 55 -1.88 -5.00 6.60
C LEU A 55 -0.70 -5.80 7.13
N HIS A 56 -0.26 -6.78 6.35
CA HIS A 56 0.87 -7.61 6.74
C HIS A 56 1.77 -7.91 5.55
N VAL A 57 3.08 -7.92 5.79
CA VAL A 57 4.07 -8.18 4.74
C VAL A 57 3.64 -9.36 3.87
N GLY A 58 3.49 -9.11 2.57
CA GLY A 58 3.09 -10.16 1.65
C GLY A 58 1.69 -9.97 1.12
N ASP A 59 0.84 -9.33 1.91
CA ASP A 59 -0.55 -9.08 1.52
C ASP A 59 -0.63 -8.53 0.10
N GLU A 60 -1.55 -9.05 -0.70
CA GLU A 60 -1.71 -8.61 -2.08
C GLU A 60 -2.78 -7.52 -2.19
N ILE A 61 -2.39 -6.35 -2.67
CA ILE A 61 -3.32 -5.25 -2.85
C ILE A 61 -3.78 -5.15 -4.30
N LEU A 62 -4.97 -5.68 -4.56
CA LEU A 62 -5.54 -5.67 -5.91
C LEU A 62 -5.80 -4.25 -6.39
N GLU A 63 -6.06 -3.34 -5.45
CA GLU A 63 -6.33 -1.95 -5.80
C GLU A 63 -5.82 -1.00 -4.71
N ILE A 64 -5.23 0.11 -5.15
CA ILE A 64 -4.70 1.11 -4.21
C ILE A 64 -5.40 2.44 -4.39
N ASN A 65 -6.37 2.71 -3.53
CA ASN A 65 -7.12 3.97 -3.59
C ASN A 65 -7.93 4.04 -4.89
N GLY A 66 -8.30 2.87 -5.42
CA GLY A 66 -9.07 2.84 -6.65
C GLY A 66 -8.19 2.72 -7.88
N THR A 67 -6.89 2.52 -7.68
CA THR A 67 -5.95 2.40 -8.79
C THR A 67 -5.02 1.22 -8.58
N ASN A 68 -4.92 0.36 -9.59
CA ASN A 68 -4.07 -0.82 -9.53
C ASN A 68 -2.68 -0.51 -10.09
N VAL A 69 -1.68 -0.48 -9.21
CA VAL A 69 -0.32 -0.19 -9.62
C VAL A 69 0.21 -1.26 -10.57
N THR A 70 0.84 -0.82 -11.66
CA THR A 70 1.39 -1.74 -12.65
C THR A 70 2.90 -1.59 -12.73
N ASN A 71 3.52 -2.34 -13.65
CA ASN A 71 4.97 -2.29 -13.83
C ASN A 71 5.42 -0.89 -14.21
N HIS A 72 4.48 -0.08 -14.72
CA HIS A 72 4.80 1.29 -15.12
C HIS A 72 5.35 2.08 -13.94
N SER A 73 5.39 3.40 -14.08
CA SER A 73 5.90 4.26 -13.02
C SER A 73 4.94 4.29 -11.83
N VAL A 74 5.49 4.15 -10.64
CA VAL A 74 4.69 4.17 -9.41
C VAL A 74 4.55 5.58 -8.87
N ASP A 75 5.44 6.48 -9.30
CA ASP A 75 5.42 7.86 -8.86
C ASP A 75 4.01 8.43 -8.87
N GLN A 76 3.15 7.89 -9.72
CA GLN A 76 1.77 8.34 -9.81
C GLN A 76 1.01 8.03 -8.52
N LEU A 77 1.23 6.83 -7.99
CA LEU A 77 0.58 6.41 -6.76
C LEU A 77 1.31 6.97 -5.55
N GLN A 78 2.65 6.97 -5.63
CA GLN A 78 3.48 7.49 -4.56
C GLN A 78 3.13 8.94 -4.24
N LYS A 79 2.96 9.73 -5.29
CA LYS A 79 2.62 11.15 -5.14
C LYS A 79 1.18 11.29 -4.65
N ALA A 80 0.25 10.59 -5.30
CA ALA A 80 -1.15 10.65 -4.93
C ALA A 80 -1.35 10.25 -3.47
N MET A 81 -0.62 9.22 -3.04
CA MET A 81 -0.72 8.74 -1.67
C MET A 81 -0.15 9.75 -0.68
N LYS A 82 0.88 10.47 -1.12
CA LYS A 82 1.52 11.48 -0.29
C LYS A 82 0.72 12.78 -0.29
N GLU A 83 -0.03 13.02 -1.36
CA GLU A 83 -0.84 14.22 -1.49
C GLU A 83 -2.28 13.98 -1.06
N THR A 84 -2.65 12.71 -0.93
CA THR A 84 -4.01 12.35 -0.52
C THR A 84 -4.35 12.95 0.84
N LYS A 85 -5.64 13.11 1.10
CA LYS A 85 -6.11 13.66 2.37
C LYS A 85 -7.50 13.14 2.71
N GLY A 86 -7.56 12.20 3.66
CA GLY A 86 -8.84 11.65 4.07
C GLY A 86 -8.76 10.16 4.33
N MET A 87 -9.86 9.45 4.09
CA MET A 87 -9.91 8.01 4.32
C MET A 87 -9.44 7.25 3.09
N ILE A 88 -8.32 6.55 3.23
CA ILE A 88 -7.77 5.77 2.13
C ILE A 88 -8.40 4.39 2.07
N SER A 89 -8.84 4.00 0.88
CA SER A 89 -9.46 2.70 0.68
C SER A 89 -8.60 1.82 -0.22
N LEU A 90 -8.07 0.74 0.34
CA LEU A 90 -7.22 -0.18 -0.41
C LEU A 90 -7.81 -1.58 -0.46
N LYS A 91 -7.72 -2.21 -1.63
CA LYS A 91 -8.24 -3.57 -1.79
C LYS A 91 -7.12 -4.58 -1.61
N VAL A 92 -7.11 -5.26 -0.48
CA VAL A 92 -6.07 -6.24 -0.19
C VAL A 92 -6.65 -7.62 0.09
N ILE A 93 -5.81 -8.64 -0.07
CA ILE A 93 -6.22 -10.02 0.17
C ILE A 93 -5.17 -10.76 0.99
N PRO A 94 -5.59 -11.51 2.03
CA PRO A 94 -4.66 -12.25 2.89
C PRO A 94 -4.04 -13.45 2.17
N ASN A 95 -2.71 -13.46 2.12
CA ASN A 95 -1.98 -14.53 1.46
C ASN A 95 -1.53 -15.58 2.47
N GLN A 96 -2.41 -15.90 3.42
CA GLN A 96 -2.09 -16.88 4.45
C GLN A 96 -0.89 -16.44 5.28
N GLN A 97 -1.15 -16.08 6.53
CA GLN A 97 -0.09 -15.63 7.43
C GLN A 97 0.47 -16.81 8.24
N ARG B 7 14.69 -6.26 -9.23
CA ARG B 7 13.40 -6.00 -8.54
C ARG B 7 13.42 -4.64 -7.83
N LYS B 8 12.22 -4.08 -7.62
CA LYS B 8 12.10 -2.79 -6.96
C LYS B 8 11.11 -2.87 -5.80
N GLU B 9 11.11 -1.82 -4.97
CA GLU B 9 10.22 -1.75 -3.83
C GLU B 9 9.92 -0.31 -3.49
N TYR B 10 8.65 -0.03 -3.24
CA TYR B 10 8.21 1.31 -2.93
C TYR B 10 7.62 1.39 -1.52
N CYS B 11 8.01 2.41 -0.78
CA CYS B 11 7.49 2.60 0.56
C CYS B 11 6.53 3.77 0.52
N ILE B 12 5.27 3.49 0.80
CA ILE B 12 4.23 4.49 0.74
C ILE B 12 3.14 4.23 1.78
N VAL A 13 -11.35 -10.67 -0.78
CA VAL A 13 -11.42 -9.21 -1.06
C VAL A 13 -11.75 -8.43 0.21
N ARG A 14 -10.75 -7.76 0.76
CA ARG A 14 -10.94 -6.98 1.98
C ARG A 14 -10.75 -5.49 1.70
N LEU A 15 -11.47 -4.65 2.43
CA LEU A 15 -11.38 -3.21 2.26
C LEU A 15 -10.81 -2.54 3.51
N ILE A 16 -9.51 -2.24 3.48
CA ILE A 16 -8.85 -1.59 4.60
C ILE A 16 -8.94 -0.07 4.46
N GLN A 17 -9.72 0.55 5.33
CA GLN A 17 -9.90 2.00 5.29
C GLN A 17 -9.29 2.68 6.52
N PHE A 18 -8.44 3.66 6.28
CA PHE A 18 -7.79 4.41 7.35
C PHE A 18 -7.65 5.87 6.96
N GLU A 19 -7.77 6.76 7.94
CA GLU A 19 -7.65 8.20 7.68
C GLU A 19 -6.20 8.64 7.58
N LYS A 20 -5.93 9.52 6.63
CA LYS A 20 -4.58 10.04 6.42
C LYS A 20 -4.59 11.56 6.38
N VAL A 21 -4.02 12.19 7.40
CA VAL A 21 -3.98 13.64 7.46
C VAL A 21 -2.55 14.16 7.62
N THR A 22 -1.58 13.30 7.40
CA THR A 22 -0.18 13.67 7.53
C THR A 22 0.58 13.41 6.23
N GLU A 23 1.58 14.25 5.96
CA GLU A 23 2.39 14.10 4.76
C GLU A 23 3.55 13.16 5.03
N GLU A 24 3.28 11.87 4.89
CA GLU A 24 4.29 10.85 5.12
C GLU A 24 3.76 9.47 4.77
N PRO A 25 4.67 8.51 4.47
CA PRO A 25 4.28 7.15 4.11
C PRO A 25 3.33 6.53 5.12
N MET A 26 2.25 5.92 4.61
CA MET A 26 1.26 5.28 5.47
C MET A 26 1.92 4.40 6.52
N GLY A 27 3.03 3.77 6.15
CA GLY A 27 3.74 2.90 7.08
C GLY A 27 3.91 1.50 6.55
N ILE A 28 4.13 1.38 5.24
CA ILE A 28 4.32 0.09 4.60
C ILE A 28 5.09 0.23 3.30
N CYS A 29 5.58 -0.89 2.78
CA CYS A 29 6.33 -0.89 1.54
C CYS A 29 5.78 -1.95 0.59
N LEU A 30 5.38 -1.52 -0.60
CA LEU A 30 4.81 -2.43 -1.60
C LEU A 30 5.63 -2.39 -2.88
N LYS A 31 5.56 -3.46 -3.67
CA LYS A 31 6.30 -3.53 -4.92
C LYS A 31 5.46 -4.20 -6.02
N LEU A 32 5.84 -3.95 -7.28
CA LEU A 32 5.13 -4.52 -8.42
C LEU A 32 5.95 -5.65 -9.05
N ASN A 33 5.54 -6.88 -8.77
CA ASN A 33 6.24 -8.05 -9.31
C ASN A 33 6.09 -8.11 -10.82
N GLU A 34 6.74 -9.10 -11.44
CA GLU A 34 6.69 -9.27 -12.88
C GLU A 34 5.24 -9.30 -13.37
N LYS A 35 4.34 -9.72 -12.49
CA LYS A 35 2.92 -9.79 -12.83
C LYS A 35 2.26 -8.41 -12.76
N GLN A 36 2.96 -7.45 -12.15
CA GLN A 36 2.44 -6.09 -12.01
C GLN A 36 1.32 -6.05 -10.98
N SER A 37 1.69 -5.85 -9.72
CA SER A 37 0.71 -5.79 -8.64
C SER A 37 1.34 -5.22 -7.38
N CYS A 38 0.59 -4.41 -6.64
CA CYS A 38 1.10 -3.79 -5.43
C CYS A 38 0.88 -4.69 -4.22
N THR A 39 1.99 -5.21 -3.69
CA THR A 39 1.95 -6.07 -2.52
C THR A 39 2.98 -5.62 -1.51
N VAL A 40 2.61 -5.52 -0.24
CA VAL A 40 3.54 -5.08 0.78
C VAL A 40 4.76 -5.99 0.84
N ALA A 41 5.87 -5.48 0.33
CA ALA A 41 7.11 -6.23 0.31
C ALA A 41 7.69 -6.35 1.71
N ARG A 42 7.32 -5.41 2.58
CA ARG A 42 7.80 -5.42 3.97
C ARG A 42 7.10 -4.34 4.78
N ILE A 43 6.78 -4.65 6.03
CA ILE A 43 6.11 -3.71 6.91
C ILE A 43 7.14 -2.81 7.60
N LEU A 44 6.82 -1.53 7.71
CA LEU A 44 7.73 -0.57 8.35
C LEU A 44 7.34 -0.35 9.80
N HIS A 45 8.31 -0.53 10.70
CA HIS A 45 8.07 -0.35 12.13
C HIS A 45 7.82 1.12 12.46
N GLY A 46 6.77 1.37 13.24
CA GLY A 46 6.44 2.73 13.62
C GLY A 46 5.29 3.29 12.81
N GLY A 47 5.13 2.79 11.59
CA GLY A 47 4.05 3.26 10.73
C GLY A 47 2.68 2.99 11.32
N MET A 48 1.66 3.62 10.75
CA MET A 48 0.29 3.44 11.22
C MET A 48 -0.21 2.04 10.93
N ILE A 49 0.37 1.40 9.91
CA ILE A 49 -0.02 0.05 9.54
C ILE A 49 0.62 -0.98 10.46
N HIS A 50 1.82 -0.67 10.93
CA HIS A 50 2.56 -1.56 11.82
C HIS A 50 2.06 -1.40 13.26
N ARG A 51 1.96 -0.15 13.70
CA ARG A 51 1.50 0.14 15.05
C ARG A 51 0.08 -0.38 15.26
N GLN A 52 -0.77 -0.17 14.25
CA GLN A 52 -2.15 -0.62 14.32
C GLN A 52 -2.27 -2.06 13.83
N GLY A 53 -1.60 -2.36 12.72
CA GLY A 53 -1.64 -3.70 12.17
C GLY A 53 -2.76 -3.89 11.17
N SER A 54 -2.95 -2.89 10.31
CA SER A 54 -4.00 -2.95 9.29
C SER A 54 -3.62 -3.90 8.17
N LEU A 55 -2.32 -4.09 7.97
CA LEU A 55 -1.82 -4.98 6.92
C LEU A 55 -0.62 -5.78 7.40
N HIS A 56 -0.18 -6.73 6.58
CA HIS A 56 0.97 -7.56 6.92
C HIS A 56 1.83 -7.82 5.69
N VAL A 57 3.15 -7.81 5.89
CA VAL A 57 4.09 -8.04 4.79
C VAL A 57 3.67 -9.22 3.93
N GLY A 58 3.45 -8.95 2.64
CA GLY A 58 3.06 -10.01 1.73
C GLY A 58 1.62 -9.85 1.25
N ASP A 59 0.79 -9.21 2.05
CA ASP A 59 -0.62 -9.00 1.70
C ASP A 59 -0.74 -8.48 0.26
N GLU A 60 -1.65 -9.07 -0.50
CA GLU A 60 -1.86 -8.66 -1.88
C GLU A 60 -2.91 -7.57 -1.99
N ILE A 61 -2.49 -6.39 -2.43
CA ILE A 61 -3.40 -5.26 -2.58
C ILE A 61 -3.93 -5.17 -4.00
N LEU A 62 -5.15 -5.63 -4.20
CA LEU A 62 -5.77 -5.61 -5.52
C LEU A 62 -5.89 -4.19 -6.05
N GLU A 63 -6.27 -3.26 -5.18
CA GLU A 63 -6.41 -1.86 -5.57
C GLU A 63 -5.97 -0.93 -4.45
N ILE A 64 -5.53 0.26 -4.83
CA ILE A 64 -5.08 1.26 -3.87
C ILE A 64 -5.85 2.57 -4.03
N ASN A 65 -6.86 2.76 -3.19
CA ASN A 65 -7.69 3.97 -3.26
C ASN A 65 -8.34 4.10 -4.64
N GLY A 66 -8.56 2.97 -5.28
CA GLY A 66 -9.18 2.97 -6.60
C GLY A 66 -8.16 2.97 -7.72
N THR A 67 -6.91 2.68 -7.38
CA THR A 67 -5.84 2.64 -8.38
C THR A 67 -4.98 1.40 -8.22
N ASN A 68 -4.79 0.66 -9.32
CA ASN A 68 -3.99 -0.54 -9.29
C ASN A 68 -2.70 -0.35 -10.08
N VAL A 69 -1.66 0.15 -9.40
CA VAL A 69 -0.37 0.40 -10.04
C VAL A 69 0.12 -0.83 -10.79
N THR A 70 1.01 -0.62 -11.75
CA THR A 70 1.57 -1.71 -12.54
C THR A 70 3.08 -1.61 -12.61
N ASN A 71 3.70 -2.52 -13.37
CA ASN A 71 5.14 -2.54 -13.53
C ASN A 71 5.65 -1.25 -14.17
N HIS A 72 4.74 -0.52 -14.83
CA HIS A 72 5.11 0.73 -15.49
C HIS A 72 5.69 1.74 -14.48
N SER A 73 4.94 2.79 -14.16
CA SER A 73 5.42 3.78 -13.20
C SER A 73 4.62 3.70 -11.90
N VAL A 74 5.34 3.73 -10.78
CA VAL A 74 4.72 3.66 -9.47
C VAL A 74 4.38 5.06 -8.95
N ASP A 75 5.10 6.06 -9.47
CA ASP A 75 4.90 7.44 -9.07
C ASP A 75 3.41 7.80 -9.01
N GLN A 76 2.61 7.10 -9.81
CA GLN A 76 1.17 7.35 -9.85
C GLN A 76 0.55 7.20 -8.45
N LEU A 77 0.73 6.02 -7.86
CA LEU A 77 0.20 5.76 -6.53
C LEU A 77 1.03 6.46 -5.45
N GLN A 78 2.35 6.48 -5.64
CA GLN A 78 3.25 7.10 -4.70
C GLN A 78 2.92 8.58 -4.53
N LYS A 79 2.95 9.31 -5.64
CA LYS A 79 2.64 10.75 -5.63
C LYS A 79 1.24 11.00 -5.07
N ALA A 80 0.28 10.21 -5.52
CA ALA A 80 -1.10 10.35 -5.06
C ALA A 80 -1.21 10.09 -3.57
N MET A 81 -0.38 9.17 -3.06
CA MET A 81 -0.38 8.83 -1.65
C MET A 81 0.12 9.99 -0.81
N LYS A 82 1.04 10.78 -1.38
CA LYS A 82 1.61 11.93 -0.68
C LYS A 82 0.75 13.17 -0.89
N GLU A 83 0.01 13.20 -1.99
CA GLU A 83 -0.85 14.35 -2.30
C GLU A 83 -2.24 14.16 -1.72
N THR A 84 -2.67 12.92 -1.58
CA THR A 84 -3.99 12.61 -1.04
C THR A 84 -4.14 13.17 0.37
N LYS A 85 -5.39 13.39 0.78
CA LYS A 85 -5.68 13.92 2.11
C LYS A 85 -7.09 13.55 2.55
N GLY A 86 -7.19 12.52 3.38
CA GLY A 86 -8.48 12.08 3.86
C GLY A 86 -8.52 10.59 4.15
N MET A 87 -9.71 10.00 4.03
CA MET A 87 -9.87 8.56 4.28
C MET A 87 -9.44 7.75 3.07
N ILE A 88 -8.43 6.90 3.26
CA ILE A 88 -7.93 6.05 2.18
C ILE A 88 -8.61 4.69 2.19
N SER A 89 -8.81 4.14 1.00
CA SER A 89 -9.44 2.83 0.86
C SER A 89 -8.55 1.90 0.05
N LEU A 90 -8.02 0.86 0.69
CA LEU A 90 -7.15 -0.09 0.02
C LEU A 90 -7.79 -1.48 -0.03
N LYS A 91 -7.72 -2.10 -1.21
CA LYS A 91 -8.27 -3.44 -1.40
C LYS A 91 -7.16 -4.48 -1.29
N VAL A 92 -7.15 -5.22 -0.19
CA VAL A 92 -6.13 -6.23 0.04
C VAL A 92 -6.73 -7.60 0.33
N ILE A 93 -5.93 -8.64 0.10
CA ILE A 93 -6.37 -10.00 0.34
C ILE A 93 -5.26 -10.82 1.01
N PRO A 94 -5.56 -11.48 2.15
CA PRO A 94 -4.58 -12.29 2.88
C PRO A 94 -3.94 -13.35 1.99
N ASN A 95 -2.62 -13.35 1.92
CA ASN A 95 -1.89 -14.32 1.11
C ASN A 95 -0.86 -15.07 1.95
N GLN A 96 -0.02 -15.85 1.29
CA GLN A 96 1.02 -16.63 1.97
C GLN A 96 0.39 -17.64 2.92
N GLN A 97 -0.10 -18.75 2.37
CA GLN A 97 -0.71 -19.80 3.16
C GLN A 97 -1.89 -19.26 3.96
N ARG B 7 14.56 -6.32 -8.80
CA ARG B 7 13.21 -6.03 -8.27
C ARG B 7 13.12 -4.60 -7.73
N LYS B 8 11.90 -4.17 -7.42
CA LYS B 8 11.69 -2.82 -6.90
C LYS B 8 10.86 -2.87 -5.62
N GLU B 9 10.81 -1.74 -4.92
CA GLU B 9 10.07 -1.63 -3.68
C GLU B 9 9.78 -0.17 -3.38
N TYR B 10 8.54 0.11 -3.02
CA TYR B 10 8.12 1.46 -2.73
C TYR B 10 7.50 1.56 -1.35
N CYS B 11 7.89 2.59 -0.61
CA CYS B 11 7.34 2.80 0.71
C CYS B 11 6.38 3.98 0.64
N ILE B 12 5.12 3.71 0.89
CA ILE B 12 4.09 4.72 0.81
C ILE B 12 3.00 4.49 1.86
N VAL A 13 -11.72 -10.79 -0.34
CA VAL A 13 -11.17 -9.42 -0.51
C VAL A 13 -11.55 -8.52 0.66
N ARG A 14 -10.54 -8.09 1.41
CA ARG A 14 -10.78 -7.21 2.57
C ARG A 14 -10.59 -5.75 2.18
N LEU A 15 -11.38 -4.88 2.80
CA LEU A 15 -11.30 -3.45 2.51
C LEU A 15 -10.96 -2.66 3.77
N ILE A 16 -9.69 -2.30 3.92
CA ILE A 16 -9.24 -1.53 5.07
C ILE A 16 -9.31 -0.04 4.76
N GLN A 17 -9.71 0.75 5.75
CA GLN A 17 -9.82 2.20 5.55
C GLN A 17 -9.24 2.98 6.72
N PHE A 18 -8.42 3.97 6.40
CA PHE A 18 -7.80 4.82 7.42
C PHE A 18 -7.67 6.26 6.90
N GLU A 19 -8.20 7.20 7.66
CA GLU A 19 -8.16 8.61 7.28
C GLU A 19 -6.81 9.23 7.59
N LYS A 20 -6.31 10.04 6.65
CA LYS A 20 -5.03 10.71 6.82
C LYS A 20 -5.17 12.20 6.54
N VAL A 21 -4.79 13.02 7.51
CA VAL A 21 -4.86 14.47 7.37
C VAL A 21 -3.50 15.08 7.11
N THR A 22 -2.48 14.52 7.76
CA THR A 22 -1.11 15.01 7.61
C THR A 22 -0.39 14.29 6.46
N GLU A 23 0.63 14.94 5.92
CA GLU A 23 1.40 14.37 4.83
C GLU A 23 2.54 13.53 5.37
N GLU A 24 2.25 12.25 5.56
CA GLU A 24 3.23 11.32 6.10
C GLU A 24 3.03 9.92 5.51
N PRO A 25 4.13 9.20 5.21
CA PRO A 25 4.06 7.85 4.65
C PRO A 25 3.17 6.94 5.48
N MET A 26 2.46 6.03 4.80
CA MET A 26 1.57 5.09 5.48
C MET A 26 2.34 4.26 6.51
N GLY A 27 3.49 3.73 6.10
CA GLY A 27 4.29 2.93 7.01
C GLY A 27 4.52 1.52 6.48
N ILE A 28 4.52 1.36 5.17
CA ILE A 28 4.72 0.06 4.56
C ILE A 28 5.45 0.19 3.22
N CYS A 29 5.94 -0.94 2.72
CA CYS A 29 6.65 -0.95 1.45
C CYS A 29 6.11 -2.06 0.55
N LEU A 30 5.72 -1.68 -0.67
CA LEU A 30 5.17 -2.64 -1.63
C LEU A 30 5.84 -2.50 -2.99
N LYS A 31 5.79 -3.57 -3.77
CA LYS A 31 6.40 -3.56 -5.10
C LYS A 31 5.48 -4.20 -6.14
N LEU A 32 5.80 -4.01 -7.42
CA LEU A 32 5.02 -4.57 -8.52
C LEU A 32 5.81 -5.66 -9.23
N ASN A 33 5.46 -6.91 -8.95
CA ASN A 33 6.14 -8.05 -9.57
C ASN A 33 5.86 -8.10 -11.08
N GLU A 34 6.47 -9.05 -11.76
CA GLU A 34 6.29 -9.20 -13.20
C GLU A 34 4.81 -9.15 -13.59
N LYS A 35 3.97 -9.74 -12.74
CA LYS A 35 2.53 -9.77 -12.99
C LYS A 35 1.92 -8.38 -12.83
N GLN A 36 2.63 -7.49 -12.15
CA GLN A 36 2.16 -6.13 -11.91
C GLN A 36 1.10 -6.11 -10.82
N SER A 37 1.55 -5.98 -9.57
CA SER A 37 0.65 -5.96 -8.43
C SER A 37 1.35 -5.39 -7.21
N CYS A 38 0.63 -4.56 -6.45
CA CYS A 38 1.22 -3.95 -5.26
C CYS A 38 1.06 -4.84 -4.03
N THR A 39 2.18 -5.36 -3.55
CA THR A 39 2.19 -6.22 -2.37
C THR A 39 3.23 -5.74 -1.39
N VAL A 40 2.87 -5.63 -0.11
CA VAL A 40 3.81 -5.16 0.88
C VAL A 40 5.02 -6.09 0.95
N ALA A 41 6.13 -5.61 0.42
CA ALA A 41 7.37 -6.37 0.41
C ALA A 41 7.98 -6.42 1.80
N ARG A 42 7.67 -5.43 2.62
CA ARG A 42 8.18 -5.35 3.98
C ARG A 42 7.52 -4.19 4.72
N ILE A 43 6.99 -4.48 5.90
CA ILE A 43 6.33 -3.45 6.70
C ILE A 43 7.36 -2.70 7.55
N LEU A 44 7.37 -1.38 7.42
CA LEU A 44 8.30 -0.55 8.17
C LEU A 44 7.77 -0.25 9.57
N HIS A 45 8.64 -0.36 10.56
CA HIS A 45 8.27 -0.11 11.95
C HIS A 45 8.22 1.39 12.24
N GLY A 46 7.18 1.81 12.96
CA GLY A 46 7.04 3.22 13.28
C GLY A 46 5.82 3.84 12.63
N GLY A 47 5.59 3.50 11.37
CA GLY A 47 4.44 4.03 10.65
C GLY A 47 3.12 3.74 11.36
N MET A 48 2.02 4.08 10.70
CA MET A 48 0.70 3.87 11.26
C MET A 48 0.21 2.44 10.99
N ILE A 49 0.66 1.86 9.88
CA ILE A 49 0.27 0.51 9.51
C ILE A 49 0.93 -0.52 10.43
N HIS A 50 2.20 -0.32 10.72
CA HIS A 50 2.93 -1.23 11.59
C HIS A 50 2.46 -1.10 13.04
N ARG A 51 2.14 0.12 13.44
CA ARG A 51 1.67 0.37 14.80
C ARG A 51 0.20 -0.02 14.95
N GLN A 52 -0.63 0.46 14.05
CA GLN A 52 -2.06 0.15 14.07
C GLN A 52 -2.31 -1.29 13.64
N GLY A 53 -1.68 -1.68 12.55
CA GLY A 53 -1.85 -3.04 12.05
C GLY A 53 -2.98 -3.14 11.04
N SER A 54 -2.70 -2.71 9.81
CA SER A 54 -3.70 -2.75 8.75
C SER A 54 -3.31 -3.76 7.66
N LEU A 55 -2.01 -3.93 7.47
CA LEU A 55 -1.50 -4.85 6.47
C LEU A 55 -0.35 -5.69 7.02
N HIS A 56 -0.09 -6.83 6.39
CA HIS A 56 0.98 -7.72 6.83
C HIS A 56 1.97 -7.94 5.69
N VAL A 57 3.27 -7.88 6.01
CA VAL A 57 4.32 -8.07 5.02
C VAL A 57 4.04 -9.28 4.14
N GLY A 58 3.83 -9.02 2.85
CA GLY A 58 3.56 -10.09 1.92
C GLY A 58 2.13 -10.06 1.38
N ASP A 59 1.23 -9.46 2.14
CA ASP A 59 -0.17 -9.36 1.74
C ASP A 59 -0.28 -8.69 0.37
N GLU A 60 -1.15 -9.22 -0.48
CA GLU A 60 -1.35 -8.68 -1.82
C GLU A 60 -2.46 -7.63 -1.84
N ILE A 61 -2.12 -6.43 -2.30
CA ILE A 61 -3.09 -5.35 -2.40
C ILE A 61 -3.64 -5.24 -3.82
N LEU A 62 -4.77 -5.89 -4.06
CA LEU A 62 -5.40 -5.88 -5.38
C LEU A 62 -5.72 -4.46 -5.82
N GLU A 63 -5.93 -3.56 -4.87
CA GLU A 63 -6.25 -2.17 -5.20
C GLU A 63 -5.66 -1.21 -4.17
N ILE A 64 -5.13 -0.09 -4.67
CA ILE A 64 -4.55 0.93 -3.81
C ILE A 64 -5.28 2.26 -3.98
N ASN A 65 -6.19 2.54 -3.06
CA ASN A 65 -6.97 3.77 -3.10
C ASN A 65 -7.81 3.83 -4.38
N GLY A 66 -8.16 2.65 -4.90
CA GLY A 66 -8.96 2.59 -6.11
C GLY A 66 -8.12 2.52 -7.37
N THR A 67 -6.83 2.25 -7.21
CA THR A 67 -5.92 2.16 -8.35
C THR A 67 -5.03 0.91 -8.25
N ASN A 68 -4.92 0.18 -9.36
CA ASN A 68 -4.10 -1.02 -9.41
C ASN A 68 -2.77 -0.73 -10.07
N VAL A 69 -1.82 -0.24 -9.27
CA VAL A 69 -0.49 0.08 -9.78
C VAL A 69 0.16 -1.12 -10.44
N THR A 70 0.59 -0.94 -11.68
CA THR A 70 1.22 -2.01 -12.44
C THR A 70 2.73 -1.81 -12.50
N ASN A 71 3.40 -2.59 -13.35
CA ASN A 71 4.84 -2.48 -13.49
C ASN A 71 5.25 -1.08 -13.93
N HIS A 72 4.32 -0.34 -14.53
CA HIS A 72 4.58 1.02 -14.98
C HIS A 72 5.11 1.88 -13.83
N SER A 73 5.31 3.16 -14.10
CA SER A 73 5.83 4.07 -13.08
C SER A 73 4.90 4.10 -11.87
N VAL A 74 5.48 4.02 -10.69
CA VAL A 74 4.71 4.05 -9.44
C VAL A 74 4.53 5.48 -8.94
N ASP A 75 5.39 6.38 -9.41
CA ASP A 75 5.34 7.77 -9.01
C ASP A 75 3.91 8.32 -9.03
N GLN A 76 3.07 7.71 -9.86
CA GLN A 76 1.68 8.14 -9.97
C GLN A 76 0.91 7.81 -8.70
N LEU A 77 1.05 6.59 -8.21
CA LEU A 77 0.37 6.15 -6.99
C LEU A 77 1.13 6.62 -5.76
N GLN A 78 2.45 6.42 -5.76
CA GLN A 78 3.29 6.84 -4.65
C GLN A 78 3.10 8.31 -4.34
N LYS A 79 2.97 9.12 -5.39
CA LYS A 79 2.77 10.55 -5.24
C LYS A 79 1.37 10.87 -4.73
N ALA A 80 0.37 10.29 -5.38
CA ALA A 80 -1.02 10.50 -4.99
C ALA A 80 -1.27 10.09 -3.55
N MET A 81 -0.72 8.94 -3.16
CA MET A 81 -0.88 8.43 -1.80
C MET A 81 -0.20 9.35 -0.79
N LYS A 82 0.94 9.90 -1.17
CA LYS A 82 1.68 10.81 -0.29
C LYS A 82 1.00 12.16 -0.22
N GLU A 83 0.29 12.53 -1.28
CA GLU A 83 -0.40 13.81 -1.34
C GLU A 83 -1.92 13.63 -1.19
N THR A 84 -2.34 12.42 -0.84
CA THR A 84 -3.77 12.14 -0.68
C THR A 84 -4.32 12.86 0.55
N LYS A 85 -5.64 13.08 0.55
CA LYS A 85 -6.29 13.76 1.67
C LYS A 85 -7.69 13.18 1.91
N GLY A 86 -7.85 12.54 3.06
CA GLY A 86 -9.14 11.95 3.39
C GLY A 86 -9.03 10.51 3.85
N MET A 87 -10.02 9.69 3.50
CA MET A 87 -10.03 8.29 3.89
C MET A 87 -9.52 7.41 2.75
N ILE A 88 -8.43 6.67 3.02
CA ILE A 88 -7.85 5.79 2.02
C ILE A 88 -8.46 4.39 2.10
N SER A 89 -8.85 3.87 0.94
CA SER A 89 -9.44 2.53 0.87
C SER A 89 -8.50 1.58 0.12
N LEU A 90 -7.97 0.59 0.82
CA LEU A 90 -7.05 -0.36 0.23
C LEU A 90 -7.62 -1.77 0.25
N LYS A 91 -7.57 -2.43 -0.90
CA LYS A 91 -8.07 -3.80 -1.02
C LYS A 91 -6.91 -4.79 -0.96
N VAL A 92 -6.84 -5.55 0.14
CA VAL A 92 -5.77 -6.53 0.31
C VAL A 92 -6.33 -7.93 0.51
N ILE A 93 -5.49 -8.92 0.23
CA ILE A 93 -5.89 -10.32 0.39
C ILE A 93 -4.73 -11.16 0.95
N PRO A 94 -5.01 -11.96 2.00
CA PRO A 94 -3.98 -12.80 2.63
C PRO A 94 -3.28 -13.71 1.62
N ASN A 95 -1.95 -13.63 1.60
CA ASN A 95 -1.16 -14.43 0.69
C ASN A 95 -1.39 -15.92 0.93
N GLN A 96 -1.87 -16.62 -0.10
CA GLN A 96 -2.15 -18.05 0.00
C GLN A 96 -3.20 -18.33 1.06
N GLN A 97 -4.41 -18.65 0.62
CA GLN A 97 -5.51 -18.94 1.53
C GLN A 97 -6.59 -19.77 0.84
N ARG B 7 14.88 -6.50 -8.55
CA ARG B 7 13.58 -6.23 -7.89
C ARG B 7 13.55 -4.84 -7.28
N LYS B 8 12.35 -4.27 -7.15
CA LYS B 8 12.18 -2.94 -6.57
C LYS B 8 11.16 -2.95 -5.44
N GLU B 9 11.10 -1.86 -4.69
CA GLU B 9 10.18 -1.74 -3.59
C GLU B 9 9.91 -0.27 -3.30
N TYR B 10 8.64 0.04 -3.09
CA TYR B 10 8.22 1.40 -2.83
C TYR B 10 7.64 1.54 -1.44
N CYS B 11 8.07 2.57 -0.73
CA CYS B 11 7.55 2.82 0.61
C CYS B 11 6.62 4.02 0.54
N ILE B 12 5.35 3.77 0.84
CA ILE B 12 4.35 4.80 0.76
C ILE B 12 3.30 4.64 1.86
N VAL A 13 -11.58 -10.69 -0.80
CA VAL A 13 -11.24 -9.25 -0.94
C VAL A 13 -11.59 -8.49 0.33
N ARG A 14 -10.61 -7.79 0.89
CA ARG A 14 -10.82 -7.01 2.11
C ARG A 14 -10.61 -5.52 1.84
N LEU A 15 -11.48 -4.70 2.40
CA LEU A 15 -11.40 -3.26 2.24
C LEU A 15 -10.96 -2.58 3.52
N ILE A 16 -9.67 -2.24 3.60
CA ILE A 16 -9.12 -1.59 4.78
C ILE A 16 -9.20 -0.07 4.64
N GLN A 17 -9.93 0.57 5.54
CA GLN A 17 -10.10 2.02 5.49
C GLN A 17 -9.43 2.70 6.69
N PHE A 18 -8.58 3.68 6.39
CA PHE A 18 -7.88 4.43 7.44
C PHE A 18 -7.70 5.88 7.02
N GLU A 19 -8.04 6.80 7.91
CA GLU A 19 -7.92 8.22 7.63
C GLU A 19 -6.48 8.71 7.80
N LYS A 20 -6.06 9.60 6.92
CA LYS A 20 -4.72 10.17 6.97
C LYS A 20 -4.77 11.69 6.92
N VAL A 21 -4.42 12.33 8.03
CA VAL A 21 -4.44 13.78 8.11
C VAL A 21 -3.03 14.35 8.07
N THR A 22 -2.04 13.54 8.43
CA THR A 22 -0.65 13.97 8.45
C THR A 22 0.02 13.70 7.11
N GLU A 23 0.94 14.58 6.74
CA GLU A 23 1.66 14.43 5.48
C GLU A 23 2.90 13.59 5.69
N GLU A 24 2.74 12.30 5.52
CA GLU A 24 3.84 11.36 5.70
C GLU A 24 3.47 9.98 5.16
N PRO A 25 4.47 9.14 4.85
CA PRO A 25 4.24 7.79 4.33
C PRO A 25 3.27 6.99 5.18
N MET A 26 2.47 6.16 4.52
CA MET A 26 1.48 5.33 5.20
C MET A 26 2.13 4.50 6.31
N GLY A 27 2.99 3.58 5.91
CA GLY A 27 3.68 2.74 6.87
C GLY A 27 3.90 1.32 6.36
N ILE A 28 4.21 1.20 5.08
CA ILE A 28 4.46 -0.10 4.47
C ILE A 28 5.18 0.04 3.13
N CYS A 29 5.73 -1.06 2.65
CA CYS A 29 6.45 -1.05 1.37
C CYS A 29 5.94 -2.15 0.46
N LEU A 30 5.58 -1.78 -0.76
CA LEU A 30 5.06 -2.74 -1.74
C LEU A 30 5.82 -2.63 -3.06
N LYS A 31 5.79 -3.70 -3.84
CA LYS A 31 6.48 -3.73 -5.13
C LYS A 31 5.64 -4.40 -6.20
N LEU A 32 6.04 -4.23 -7.45
CA LEU A 32 5.34 -4.83 -8.58
C LEU A 32 6.14 -5.99 -9.15
N ASN A 33 5.72 -7.21 -8.83
CA ASN A 33 6.39 -8.41 -9.31
C ASN A 33 6.21 -8.57 -10.81
N GLU A 34 6.84 -9.59 -11.38
CA GLU A 34 6.74 -9.84 -12.81
C GLU A 34 5.29 -9.82 -13.28
N LYS A 35 4.38 -10.12 -12.35
CA LYS A 35 2.95 -10.13 -12.65
C LYS A 35 2.32 -8.74 -12.46
N GLN A 36 3.17 -7.71 -12.32
CA GLN A 36 2.72 -6.34 -12.13
C GLN A 36 1.57 -6.28 -11.13
N SER A 37 1.91 -6.17 -9.85
CA SER A 37 0.92 -6.10 -8.78
C SER A 37 1.53 -5.51 -7.52
N CYS A 38 0.74 -4.75 -6.77
CA CYS A 38 1.22 -4.12 -5.56
C CYS A 38 1.06 -5.04 -4.36
N THR A 39 2.19 -5.51 -3.82
CA THR A 39 2.18 -6.39 -2.65
C THR A 39 3.18 -5.89 -1.64
N VAL A 40 2.75 -5.74 -0.39
CA VAL A 40 3.65 -5.25 0.65
C VAL A 40 4.85 -6.17 0.79
N ALA A 41 6.00 -5.69 0.31
CA ALA A 41 7.23 -6.45 0.37
C ALA A 41 7.80 -6.49 1.77
N ARG A 42 7.41 -5.52 2.60
CA ARG A 42 7.89 -5.45 3.97
C ARG A 42 7.15 -4.35 4.75
N ILE A 43 6.73 -4.68 5.96
CA ILE A 43 6.03 -3.71 6.80
C ILE A 43 7.02 -2.87 7.59
N LEU A 44 7.22 -1.63 7.16
CA LEU A 44 8.16 -0.72 7.83
C LEU A 44 7.79 -0.54 9.30
N HIS A 45 8.81 -0.46 10.15
CA HIS A 45 8.61 -0.29 11.59
C HIS A 45 8.27 1.16 11.90
N GLY A 46 7.29 1.36 12.77
CA GLY A 46 6.88 2.70 13.15
C GLY A 46 5.72 3.21 12.32
N GLY A 47 5.56 2.67 11.12
CA GLY A 47 4.48 3.09 10.25
C GLY A 47 3.12 2.91 10.89
N MET A 48 2.14 3.68 10.43
CA MET A 48 0.79 3.62 10.97
C MET A 48 0.20 2.23 10.75
N ILE A 49 0.49 1.63 9.61
CA ILE A 49 -0.02 0.30 9.28
C ILE A 49 0.60 -0.76 10.18
N HIS A 50 1.85 -0.54 10.59
CA HIS A 50 2.54 -1.49 11.45
C HIS A 50 2.02 -1.40 12.88
N ARG A 51 2.03 -0.20 13.44
CA ARG A 51 1.55 0.01 14.80
C ARG A 51 0.05 -0.28 14.90
N GLN A 52 -0.70 0.18 13.90
CA GLN A 52 -2.14 -0.04 13.88
C GLN A 52 -2.47 -1.46 13.44
N GLY A 53 -1.86 -1.88 12.34
CA GLY A 53 -2.10 -3.22 11.83
C GLY A 53 -3.19 -3.26 10.78
N SER A 54 -2.84 -2.83 9.57
CA SER A 54 -3.81 -2.81 8.47
C SER A 54 -3.40 -3.80 7.38
N LEU A 55 -2.11 -4.05 7.24
CA LEU A 55 -1.59 -4.97 6.24
C LEU A 55 -0.49 -5.86 6.81
N HIS A 56 -0.06 -6.84 6.03
CA HIS A 56 0.99 -7.75 6.45
C HIS A 56 1.95 -8.05 5.30
N VAL A 57 3.25 -7.98 5.58
CA VAL A 57 4.27 -8.24 4.58
C VAL A 57 3.93 -9.44 3.71
N GLY A 58 3.59 -9.18 2.46
CA GLY A 58 3.24 -10.26 1.55
C GLY A 58 1.82 -10.18 1.03
N ASP A 59 0.93 -9.57 1.82
CA ASP A 59 -0.47 -9.42 1.43
C ASP A 59 -0.58 -8.85 0.03
N GLU A 60 -1.53 -9.37 -0.75
CA GLU A 60 -1.73 -8.90 -2.12
C GLU A 60 -2.74 -7.77 -2.18
N ILE A 61 -2.29 -6.60 -2.62
CA ILE A 61 -3.16 -5.43 -2.74
C ILE A 61 -3.67 -5.29 -4.17
N LEU A 62 -4.91 -5.69 -4.40
CA LEU A 62 -5.51 -5.63 -5.72
C LEU A 62 -5.75 -4.18 -6.16
N GLU A 63 -5.93 -3.29 -5.19
CA GLU A 63 -6.17 -1.88 -5.49
C GLU A 63 -5.60 -0.98 -4.40
N ILE A 64 -5.03 0.15 -4.82
CA ILE A 64 -4.44 1.11 -3.88
C ILE A 64 -5.13 2.46 -4.01
N ASN A 65 -6.08 2.72 -3.10
CA ASN A 65 -6.82 3.98 -3.11
C ASN A 65 -7.62 4.13 -4.40
N GLY A 66 -7.97 2.99 -5.01
CA GLY A 66 -8.74 3.02 -6.23
C GLY A 66 -7.88 2.82 -7.47
N THR A 67 -6.57 2.64 -7.28
CA THR A 67 -5.66 2.45 -8.40
C THR A 67 -4.71 1.27 -8.16
N ASN A 68 -4.61 0.38 -9.14
CA ASN A 68 -3.74 -0.78 -9.03
C ASN A 68 -2.44 -0.56 -9.80
N VAL A 69 -1.40 -0.16 -9.09
CA VAL A 69 -0.10 0.09 -9.71
C VAL A 69 0.42 -1.16 -10.41
N THR A 70 0.98 -0.96 -11.59
CA THR A 70 1.53 -2.06 -12.39
C THR A 70 3.01 -1.81 -12.70
N ASN A 71 3.58 -2.65 -13.56
CA ASN A 71 4.98 -2.51 -13.94
C ASN A 71 5.31 -1.09 -14.36
N HIS A 72 4.29 -0.36 -14.82
CA HIS A 72 4.47 1.03 -15.24
C HIS A 72 5.07 1.87 -14.11
N SER A 73 5.02 3.19 -14.25
CA SER A 73 5.56 4.08 -13.23
C SER A 73 4.68 4.09 -12.00
N VAL A 74 5.30 3.98 -10.83
CA VAL A 74 4.59 3.98 -9.56
C VAL A 74 4.42 5.39 -9.02
N ASP A 75 5.25 6.30 -9.50
CA ASP A 75 5.22 7.70 -9.05
C ASP A 75 3.78 8.22 -9.02
N GLN A 76 2.91 7.63 -9.84
CA GLN A 76 1.52 8.06 -9.88
C GLN A 76 0.86 7.88 -8.52
N LEU A 77 1.00 6.69 -7.93
CA LEU A 77 0.42 6.40 -6.63
C LEU A 77 1.18 7.14 -5.53
N GLN A 78 2.51 7.16 -5.63
CA GLN A 78 3.34 7.83 -4.65
C GLN A 78 2.93 9.29 -4.50
N LYS A 79 2.85 9.99 -5.63
CA LYS A 79 2.46 11.40 -5.63
C LYS A 79 1.04 11.55 -5.11
N ALA A 80 0.19 10.57 -5.42
CA ALA A 80 -1.20 10.60 -4.98
C ALA A 80 -1.31 10.29 -3.49
N MET A 81 -0.37 9.49 -2.99
CA MET A 81 -0.36 9.12 -1.57
C MET A 81 0.01 10.32 -0.71
N LYS A 82 0.86 11.19 -1.24
CA LYS A 82 1.29 12.38 -0.51
C LYS A 82 0.29 13.52 -0.69
N GLU A 83 -0.44 13.50 -1.80
CA GLU A 83 -1.42 14.54 -2.09
C GLU A 83 -2.77 14.19 -1.50
N THR A 84 -3.08 12.89 -1.46
CA THR A 84 -4.36 12.44 -0.92
C THR A 84 -4.54 12.86 0.52
N LYS A 85 -5.79 13.05 0.94
CA LYS A 85 -6.10 13.47 2.30
C LYS A 85 -7.47 12.97 2.71
N GLY A 86 -7.53 12.23 3.82
CA GLY A 86 -8.79 11.71 4.31
C GLY A 86 -8.77 10.20 4.47
N MET A 87 -9.92 9.57 4.22
CA MET A 87 -10.03 8.12 4.35
C MET A 87 -9.44 7.41 3.13
N ILE A 88 -8.45 6.56 3.38
CA ILE A 88 -7.79 5.82 2.32
C ILE A 88 -8.39 4.42 2.17
N SER A 89 -8.63 4.00 0.93
CA SER A 89 -9.17 2.68 0.66
C SER A 89 -8.11 1.76 0.07
N LEU A 90 -7.94 0.59 0.67
CA LEU A 90 -6.95 -0.37 0.21
C LEU A 90 -7.57 -1.75 0.05
N LYS A 91 -7.50 -2.29 -1.17
CA LYS A 91 -8.03 -3.62 -1.46
C LYS A 91 -6.92 -4.64 -1.37
N VAL A 92 -6.93 -5.42 -0.29
CA VAL A 92 -5.90 -6.43 -0.09
C VAL A 92 -6.50 -7.81 0.19
N ILE A 93 -5.72 -8.85 -0.05
CA ILE A 93 -6.15 -10.21 0.17
C ILE A 93 -5.07 -11.03 0.89
N PRO A 94 -5.46 -11.82 1.91
CA PRO A 94 -4.51 -12.64 2.67
C PRO A 94 -3.87 -13.74 1.82
N ASN A 95 -2.56 -13.67 1.67
CA ASN A 95 -1.83 -14.65 0.88
C ASN A 95 -1.79 -16.01 1.58
N GLN A 96 -2.96 -16.62 1.74
CA GLN A 96 -3.07 -17.92 2.39
C GLN A 96 -2.39 -17.90 3.76
N GLN A 97 -2.39 -16.73 4.39
CA GLN A 97 -1.78 -16.58 5.71
C GLN A 97 -2.47 -15.49 6.52
N ARG B 7 13.66 -7.09 -7.76
CA ARG B 7 12.67 -6.04 -8.11
C ARG B 7 12.73 -4.87 -7.14
N LYS B 8 12.20 -3.72 -7.56
CA LYS B 8 12.20 -2.53 -6.73
C LYS B 8 11.10 -2.61 -5.68
N GLU B 9 11.14 -1.70 -4.71
CA GLU B 9 10.16 -1.64 -3.65
C GLU B 9 9.84 -0.20 -3.33
N TYR B 10 8.56 0.09 -3.23
CA TYR B 10 8.08 1.42 -2.93
C TYR B 10 7.49 1.51 -1.54
N CYS B 11 7.90 2.53 -0.81
CA CYS B 11 7.36 2.75 0.53
C CYS B 11 6.41 3.94 0.46
N ILE B 12 5.14 3.66 0.74
CA ILE B 12 4.12 4.67 0.67
C ILE B 12 3.04 4.46 1.73
N VAL A 13 -10.98 -11.04 0.11
CA VAL A 13 -10.72 -9.60 -0.17
C VAL A 13 -11.13 -8.73 1.02
N ARG A 14 -10.14 -8.14 1.68
CA ARG A 14 -10.41 -7.27 2.83
C ARG A 14 -10.32 -5.80 2.43
N LEU A 15 -11.37 -5.06 2.73
CA LEU A 15 -11.41 -3.63 2.41
C LEU A 15 -11.09 -2.79 3.63
N ILE A 16 -9.84 -2.33 3.72
CA ILE A 16 -9.39 -1.52 4.84
C ILE A 16 -9.63 -0.03 4.56
N GLN A 17 -9.96 0.72 5.59
CA GLN A 17 -10.21 2.14 5.46
C GLN A 17 -9.56 2.93 6.58
N PHE A 18 -8.70 3.89 6.22
CA PHE A 18 -8.01 4.72 7.20
C PHE A 18 -7.76 6.11 6.65
N GLU A 19 -8.14 7.13 7.41
CA GLU A 19 -7.96 8.51 6.99
C GLU A 19 -6.52 8.97 7.24
N LYS A 20 -5.91 9.55 6.21
CA LYS A 20 -4.55 10.05 6.31
C LYS A 20 -4.48 11.49 5.79
N VAL A 21 -4.22 12.43 6.71
CA VAL A 21 -4.14 13.83 6.34
C VAL A 21 -2.82 14.45 6.80
N THR A 22 -1.86 13.60 7.15
CA THR A 22 -0.55 14.07 7.59
C THR A 22 0.50 13.81 6.53
N GLU A 23 1.57 14.59 6.54
CA GLU A 23 2.65 14.43 5.58
C GLU A 23 3.56 13.30 6.02
N GLU A 24 3.12 12.08 5.76
CA GLU A 24 3.87 10.91 6.16
C GLU A 24 3.30 9.64 5.52
N PRO A 25 4.17 8.74 5.03
CA PRO A 25 3.73 7.49 4.40
C PRO A 25 2.79 6.69 5.29
N MET A 26 1.97 5.84 4.68
CA MET A 26 1.03 5.02 5.42
C MET A 26 1.74 4.13 6.43
N GLY A 27 2.89 3.59 6.02
CA GLY A 27 3.65 2.72 6.90
C GLY A 27 3.83 1.33 6.33
N ILE A 28 3.96 1.24 5.02
CA ILE A 28 4.13 -0.04 4.35
C ILE A 28 4.91 0.13 3.04
N CYS A 29 5.58 -0.93 2.62
CA CYS A 29 6.35 -0.91 1.39
C CYS A 29 5.91 -2.04 0.47
N LEU A 30 5.49 -1.71 -0.74
CA LEU A 30 5.03 -2.69 -1.71
C LEU A 30 5.81 -2.55 -3.03
N LYS A 31 5.81 -3.62 -3.82
CA LYS A 31 6.51 -3.61 -5.11
C LYS A 31 5.73 -4.39 -6.16
N LEU A 32 6.06 -4.14 -7.43
CA LEU A 32 5.41 -4.81 -8.53
C LEU A 32 6.30 -5.93 -9.08
N ASN A 33 5.97 -7.16 -8.73
CA ASN A 33 6.73 -8.32 -9.19
C ASN A 33 6.62 -8.48 -10.69
N GLU A 34 7.32 -9.46 -11.25
CA GLU A 34 7.28 -9.71 -12.69
C GLU A 34 5.84 -9.78 -13.19
N LYS A 35 4.93 -10.18 -12.31
CA LYS A 35 3.51 -10.29 -12.65
C LYS A 35 2.82 -8.94 -12.63
N GLN A 36 3.51 -7.91 -12.13
CA GLN A 36 2.96 -6.56 -12.06
C GLN A 36 1.81 -6.50 -11.05
N SER A 37 2.17 -6.48 -9.77
CA SER A 37 1.17 -6.42 -8.70
C SER A 37 1.76 -5.78 -7.45
N CYS A 38 0.95 -5.03 -6.72
CA CYS A 38 1.42 -4.36 -5.52
C CYS A 38 1.28 -5.27 -4.30
N THR A 39 2.42 -5.67 -3.75
CA THR A 39 2.45 -6.52 -2.57
C THR A 39 3.43 -5.96 -1.55
N VAL A 40 3.01 -5.83 -0.30
CA VAL A 40 3.88 -5.28 0.71
C VAL A 40 5.15 -6.12 0.84
N ALA A 41 6.25 -5.58 0.33
CA ALA A 41 7.53 -6.25 0.37
C ALA A 41 8.10 -6.27 1.78
N ARG A 42 7.65 -5.34 2.61
CA ARG A 42 8.10 -5.25 4.00
C ARG A 42 7.30 -4.20 4.76
N ILE A 43 7.07 -4.45 6.05
CA ILE A 43 6.33 -3.50 6.88
C ILE A 43 7.26 -2.44 7.45
N LEU A 44 6.83 -1.19 7.41
CA LEU A 44 7.62 -0.08 7.92
C LEU A 44 7.40 0.10 9.42
N HIS A 45 8.49 0.04 10.18
CA HIS A 45 8.42 0.20 11.63
C HIS A 45 8.08 1.64 12.00
N GLY A 46 7.12 1.80 12.90
CA GLY A 46 6.71 3.14 13.32
C GLY A 46 5.53 3.67 12.55
N GLY A 47 5.34 3.15 11.33
CA GLY A 47 4.23 3.58 10.50
C GLY A 47 2.89 3.39 11.18
N MET A 48 1.81 3.73 10.46
CA MET A 48 0.46 3.58 10.99
C MET A 48 -0.06 2.16 10.79
N ILE A 49 0.44 1.49 9.76
CA ILE A 49 0.02 0.13 9.45
C ILE A 49 0.70 -0.87 10.39
N HIS A 50 1.95 -0.59 10.75
CA HIS A 50 2.71 -1.46 11.63
C HIS A 50 2.20 -1.38 13.06
N ARG A 51 1.97 -0.15 13.53
CA ARG A 51 1.47 0.06 14.88
C ARG A 51 0.02 -0.35 15.00
N GLN A 52 -0.80 0.07 14.03
CA GLN A 52 -2.22 -0.25 14.03
C GLN A 52 -2.45 -1.70 13.60
N GLY A 53 -1.78 -2.10 12.52
CA GLY A 53 -1.92 -3.45 12.02
C GLY A 53 -3.02 -3.58 10.99
N SER A 54 -2.75 -3.11 9.78
CA SER A 54 -3.73 -3.18 8.70
C SER A 54 -3.29 -4.16 7.62
N LEU A 55 -1.99 -4.31 7.45
CA LEU A 55 -1.44 -5.22 6.45
C LEU A 55 -0.28 -6.02 7.02
N HIS A 56 0.19 -6.99 6.24
CA HIS A 56 1.31 -7.84 6.65
C HIS A 56 2.26 -8.09 5.48
N VAL A 57 3.56 -7.97 5.75
CA VAL A 57 4.59 -8.17 4.73
C VAL A 57 4.28 -9.39 3.86
N GLY A 58 3.98 -9.15 2.59
CA GLY A 58 3.68 -10.23 1.68
C GLY A 58 2.24 -10.25 1.23
N ASP A 59 1.35 -9.65 2.03
CA ASP A 59 -0.07 -9.59 1.70
C ASP A 59 -0.28 -9.12 0.27
N GLU A 60 -1.27 -9.69 -0.40
CA GLU A 60 -1.56 -9.33 -1.80
C GLU A 60 -2.59 -8.21 -1.88
N ILE A 61 -2.16 -7.05 -2.39
CA ILE A 61 -3.04 -5.91 -2.53
C ILE A 61 -3.68 -5.89 -3.92
N LEU A 62 -4.96 -6.21 -3.98
CA LEU A 62 -5.69 -6.24 -5.26
C LEU A 62 -5.88 -4.83 -5.83
N GLU A 63 -5.93 -3.83 -4.94
CA GLU A 63 -6.12 -2.45 -5.38
C GLU A 63 -5.56 -1.46 -4.37
N ILE A 64 -5.32 -0.23 -4.83
CA ILE A 64 -4.79 0.82 -3.97
C ILE A 64 -5.42 2.16 -4.29
N ASN A 65 -6.42 2.55 -3.51
CA ASN A 65 -7.12 3.81 -3.72
C ASN A 65 -7.82 3.83 -5.07
N GLY A 66 -8.21 2.65 -5.55
CA GLY A 66 -8.90 2.55 -6.83
C GLY A 66 -8.02 1.95 -7.91
N THR A 67 -6.71 2.09 -7.76
CA THR A 67 -5.76 1.54 -8.74
C THR A 67 -4.84 0.53 -8.10
N ASN A 68 -4.60 -0.58 -8.80
CA ASN A 68 -3.73 -1.63 -8.31
C ASN A 68 -2.30 -1.45 -8.82
N VAL A 69 -1.97 -0.22 -9.22
CA VAL A 69 -0.64 0.08 -9.71
C VAL A 69 -0.30 -0.77 -10.94
N THR A 70 0.64 -0.29 -11.75
CA THR A 70 1.05 -1.01 -12.94
C THR A 70 2.56 -0.96 -13.11
N ASN A 71 3.08 -1.70 -14.08
CA ASN A 71 4.51 -1.73 -14.34
C ASN A 71 5.03 -0.33 -14.68
N HIS A 72 4.14 0.51 -15.20
CA HIS A 72 4.51 1.88 -15.56
C HIS A 72 5.04 2.63 -14.34
N SER A 73 5.09 3.96 -14.43
CA SER A 73 5.57 4.77 -13.32
C SER A 73 4.61 4.69 -12.13
N VAL A 74 5.16 4.49 -10.94
CA VAL A 74 4.36 4.39 -9.72
C VAL A 74 4.16 5.76 -9.10
N ASP A 75 4.96 6.73 -9.51
CA ASP A 75 4.88 8.10 -8.98
C ASP A 75 3.43 8.57 -8.90
N GLN A 76 2.56 7.99 -9.73
CA GLN A 76 1.16 8.35 -9.72
C GLN A 76 0.52 8.02 -8.38
N LEU A 77 0.58 6.75 -7.99
CA LEU A 77 0.02 6.31 -6.72
C LEU A 77 0.92 6.74 -5.57
N GLN A 78 2.22 6.66 -5.79
CA GLN A 78 3.20 7.04 -4.78
C GLN A 78 3.00 8.50 -4.35
N LYS A 79 2.94 9.38 -5.34
CA LYS A 79 2.74 10.80 -5.08
C LYS A 79 1.38 11.06 -4.44
N ALA A 80 0.38 10.30 -4.88
CA ALA A 80 -0.97 10.44 -4.35
C ALA A 80 -1.03 9.99 -2.89
N MET A 81 -0.34 8.91 -2.58
CA MET A 81 -0.33 8.37 -1.23
C MET A 81 0.40 9.32 -0.28
N LYS A 82 1.34 10.08 -0.82
CA LYS A 82 2.10 11.03 -0.01
C LYS A 82 1.35 12.36 0.12
N GLU A 83 0.56 12.69 -0.89
CA GLU A 83 -0.21 13.93 -0.89
C GLU A 83 -1.69 13.66 -0.63
N THR A 84 -2.02 12.43 -0.26
CA THR A 84 -3.40 12.05 0.02
C THR A 84 -3.92 12.75 1.27
N LYS A 85 -5.16 13.22 1.21
CA LYS A 85 -5.77 13.90 2.34
C LYS A 85 -7.22 13.44 2.53
N GLY A 86 -7.39 12.25 3.09
CA GLY A 86 -8.72 11.72 3.32
C GLY A 86 -8.69 10.24 3.67
N MET A 87 -9.83 9.58 3.52
CA MET A 87 -9.93 8.16 3.84
C MET A 87 -9.50 7.30 2.65
N ILE A 88 -8.49 6.48 2.88
CA ILE A 88 -7.96 5.61 1.84
C ILE A 88 -8.57 4.21 1.92
N SER A 89 -8.98 3.69 0.77
CA SER A 89 -9.56 2.36 0.70
C SER A 89 -8.62 1.41 -0.03
N LEU A 90 -8.09 0.43 0.70
CA LEU A 90 -7.16 -0.53 0.12
C LEU A 90 -7.76 -1.94 0.08
N LYS A 91 -7.46 -2.65 -1.00
CA LYS A 91 -7.95 -4.01 -1.16
C LYS A 91 -6.79 -4.98 -1.06
N VAL A 92 -6.70 -5.68 0.06
CA VAL A 92 -5.61 -6.63 0.28
C VAL A 92 -6.09 -7.88 0.99
N ILE A 93 -5.44 -9.01 0.71
CA ILE A 93 -5.79 -10.28 1.33
C ILE A 93 -4.57 -10.91 2.00
N PRO A 94 -4.65 -11.17 3.32
CA PRO A 94 -3.54 -11.77 4.08
C PRO A 94 -3.14 -13.14 3.52
N ASN A 95 -1.90 -13.23 3.05
CA ASN A 95 -1.38 -14.49 2.49
C ASN A 95 -2.40 -15.16 1.58
N GLN A 96 -3.13 -14.34 0.81
CA GLN A 96 -4.14 -14.86 -0.10
C GLN A 96 -5.23 -15.60 0.65
N GLN A 97 -5.63 -15.06 1.80
CA GLN A 97 -6.66 -15.67 2.61
C GLN A 97 -7.36 -14.63 3.49
N ARG B 7 14.46 -5.45 -9.74
CA ARG B 7 13.68 -5.46 -8.48
C ARG B 7 13.38 -4.04 -8.02
N LYS B 8 12.10 -3.78 -7.73
CA LYS B 8 11.69 -2.46 -7.27
C LYS B 8 10.97 -2.55 -5.92
N GLU B 9 10.77 -1.40 -5.29
CA GLU B 9 10.09 -1.33 -4.00
C GLU B 9 9.65 0.09 -3.74
N TYR B 10 8.43 0.24 -3.26
CA TYR B 10 7.88 1.55 -2.98
C TYR B 10 7.30 1.62 -1.57
N CYS B 11 7.67 2.67 -0.85
CA CYS B 11 7.16 2.86 0.49
C CYS B 11 6.13 3.98 0.47
N ILE B 12 4.89 3.64 0.77
CA ILE B 12 3.82 4.60 0.73
C ILE B 12 2.77 4.31 1.81
N VAL A 13 -11.21 -10.66 -1.25
CA VAL A 13 -10.52 -9.36 -1.07
C VAL A 13 -11.08 -8.59 0.13
N ARG A 14 -10.21 -7.90 0.85
CA ARG A 14 -10.62 -7.13 2.01
C ARG A 14 -10.57 -5.63 1.72
N LEU A 15 -11.27 -4.85 2.53
CA LEU A 15 -11.32 -3.40 2.35
C LEU A 15 -10.75 -2.69 3.59
N ILE A 16 -9.51 -2.22 3.46
CA ILE A 16 -8.85 -1.52 4.56
C ILE A 16 -9.14 -0.02 4.48
N GLN A 17 -9.62 0.53 5.59
CA GLN A 17 -9.93 1.96 5.65
C GLN A 17 -9.17 2.65 6.77
N PHE A 18 -8.42 3.68 6.40
CA PHE A 18 -7.63 4.43 7.38
C PHE A 18 -7.50 5.89 6.94
N GLU A 19 -7.78 6.82 7.86
CA GLU A 19 -7.70 8.24 7.56
C GLU A 19 -6.26 8.74 7.68
N LYS A 20 -5.85 9.58 6.74
CA LYS A 20 -4.50 10.12 6.73
C LYS A 20 -4.56 11.64 6.57
N VAL A 21 -4.19 12.35 7.63
CA VAL A 21 -4.21 13.81 7.61
C VAL A 21 -2.86 14.40 8.00
N THR A 22 -1.83 13.56 8.06
CA THR A 22 -0.50 14.01 8.42
C THR A 22 0.46 13.95 7.24
N GLU A 23 1.54 14.73 7.32
CA GLU A 23 2.52 14.75 6.25
C GLU A 23 3.55 13.66 6.46
N GLU A 24 3.16 12.45 6.09
CA GLU A 24 4.02 11.30 6.25
C GLU A 24 3.48 10.10 5.48
N PRO A 25 4.37 9.21 5.01
CA PRO A 25 3.97 8.01 4.25
C PRO A 25 3.16 7.04 5.10
N MET A 26 2.43 6.15 4.44
CA MET A 26 1.60 5.17 5.13
C MET A 26 2.41 4.41 6.18
N GLY A 27 3.60 3.95 5.78
CA GLY A 27 4.45 3.21 6.70
C GLY A 27 4.80 1.83 6.17
N ILE A 28 4.19 1.44 5.06
CA ILE A 28 4.45 0.14 4.45
C ILE A 28 5.15 0.29 3.12
N CYS A 29 5.66 -0.81 2.59
CA CYS A 29 6.34 -0.79 1.30
C CYS A 29 5.87 -1.95 0.43
N LEU A 30 5.44 -1.62 -0.78
CA LEU A 30 4.94 -2.61 -1.72
C LEU A 30 5.70 -2.55 -3.04
N LYS A 31 5.66 -3.64 -3.81
CA LYS A 31 6.35 -3.69 -5.09
C LYS A 31 5.47 -4.33 -6.17
N LEU A 32 5.85 -4.16 -7.42
CA LEU A 32 5.10 -4.73 -8.53
C LEU A 32 5.83 -5.93 -9.14
N ASN A 33 5.36 -7.12 -8.82
CA ASN A 33 5.97 -8.35 -9.33
C ASN A 33 5.81 -8.43 -10.85
N GLU A 34 6.39 -9.47 -11.44
CA GLU A 34 6.30 -9.67 -12.89
C GLU A 34 4.86 -9.61 -13.37
N LYS A 35 3.92 -9.93 -12.48
CA LYS A 35 2.51 -9.92 -12.81
C LYS A 35 1.93 -8.51 -12.71
N GLN A 36 2.72 -7.58 -12.20
CA GLN A 36 2.27 -6.19 -12.05
C GLN A 36 1.17 -6.09 -11.00
N SER A 37 1.56 -5.90 -9.75
CA SER A 37 0.60 -5.78 -8.65
C SER A 37 1.28 -5.23 -7.40
N CYS A 38 0.54 -4.46 -6.62
CA CYS A 38 1.10 -3.87 -5.41
C CYS A 38 0.95 -4.81 -4.22
N THR A 39 2.08 -5.28 -3.70
CA THR A 39 2.09 -6.16 -2.55
C THR A 39 3.12 -5.68 -1.54
N VAL A 40 2.70 -5.52 -0.29
CA VAL A 40 3.62 -5.05 0.73
C VAL A 40 4.81 -5.98 0.85
N ALA A 41 5.95 -5.52 0.34
CA ALA A 41 7.17 -6.30 0.37
C ALA A 41 7.76 -6.37 1.77
N ARG A 42 7.41 -5.39 2.61
CA ARG A 42 7.91 -5.35 3.98
C ARG A 42 7.23 -4.24 4.78
N ILE A 43 6.67 -4.60 5.94
CA ILE A 43 6.00 -3.64 6.79
C ILE A 43 7.00 -2.97 7.72
N LEU A 44 7.36 -1.73 7.41
CA LEU A 44 8.32 -0.99 8.23
C LEU A 44 7.78 -0.74 9.62
N HIS A 45 8.66 -0.78 10.62
CA HIS A 45 8.27 -0.55 12.00
C HIS A 45 8.20 0.94 12.31
N GLY A 46 7.07 1.37 12.87
CA GLY A 46 6.88 2.76 13.20
C GLY A 46 5.69 3.38 12.48
N GLY A 47 5.46 2.95 11.25
CA GLY A 47 4.35 3.46 10.47
C GLY A 47 3.02 3.30 11.18
N MET A 48 1.95 3.78 10.54
CA MET A 48 0.61 3.68 11.12
C MET A 48 -0.02 2.32 10.83
N ILE A 49 0.35 1.73 9.69
CA ILE A 49 -0.17 0.44 9.30
C ILE A 49 0.34 -0.67 10.22
N HIS A 50 1.59 -0.53 10.65
CA HIS A 50 2.20 -1.50 11.55
C HIS A 50 1.66 -1.36 12.96
N ARG A 51 1.58 -0.11 13.43
CA ARG A 51 1.07 0.17 14.76
C ARG A 51 -0.42 -0.12 14.84
N GLN A 52 -1.18 0.41 13.89
CA GLN A 52 -2.62 0.20 13.85
C GLN A 52 -2.95 -1.22 13.39
N GLY A 53 -2.31 -1.65 12.31
CA GLY A 53 -2.55 -2.98 11.80
C GLY A 53 -3.58 -3.01 10.69
N SER A 54 -3.19 -2.55 9.51
CA SER A 54 -4.09 -2.52 8.37
C SER A 54 -3.69 -3.56 7.33
N LEU A 55 -2.38 -3.84 7.25
CA LEU A 55 -1.86 -4.81 6.29
C LEU A 55 -0.64 -5.53 6.86
N HIS A 56 -0.28 -6.64 6.24
CA HIS A 56 0.88 -7.42 6.68
C HIS A 56 1.80 -7.74 5.51
N VAL A 57 3.11 -7.73 5.77
CA VAL A 57 4.10 -8.01 4.74
C VAL A 57 3.70 -9.20 3.87
N GLY A 58 3.42 -8.92 2.60
CA GLY A 58 3.02 -9.98 1.68
C GLY A 58 1.60 -9.80 1.17
N ASP A 59 0.78 -9.08 1.92
CA ASP A 59 -0.61 -8.85 1.53
C ASP A 59 -0.69 -8.37 0.08
N GLU A 60 -1.61 -8.95 -0.68
CA GLU A 60 -1.77 -8.58 -2.09
C GLU A 60 -2.82 -7.49 -2.26
N ILE A 61 -2.37 -6.28 -2.59
CA ILE A 61 -3.26 -5.16 -2.80
C ILE A 61 -3.74 -5.11 -4.24
N LEU A 62 -4.94 -5.63 -4.48
CA LEU A 62 -5.51 -5.65 -5.83
C LEU A 62 -5.73 -4.23 -6.35
N GLU A 63 -5.98 -3.30 -5.43
CA GLU A 63 -6.20 -1.91 -5.82
C GLU A 63 -5.89 -0.96 -4.66
N ILE A 64 -5.41 0.23 -4.99
CA ILE A 64 -5.09 1.23 -3.97
C ILE A 64 -5.88 2.52 -4.21
N ASN A 65 -6.85 2.76 -3.35
CA ASN A 65 -7.68 3.95 -3.46
C ASN A 65 -8.48 3.94 -4.76
N GLY A 66 -8.71 2.73 -5.29
CA GLY A 66 -9.46 2.60 -6.53
C GLY A 66 -8.56 2.46 -7.75
N THR A 67 -7.26 2.46 -7.53
CA THR A 67 -6.30 2.33 -8.64
C THR A 67 -5.22 1.31 -8.31
N ASN A 68 -5.02 0.35 -9.21
CA ASN A 68 -4.01 -0.68 -9.02
C ASN A 68 -2.70 -0.27 -9.68
N VAL A 69 -1.58 -0.60 -9.04
CA VAL A 69 -0.27 -0.26 -9.57
C VAL A 69 0.29 -1.39 -10.42
N THR A 70 0.87 -1.03 -11.56
CA THR A 70 1.45 -2.02 -12.47
C THR A 70 2.96 -1.84 -12.58
N ASN A 71 3.59 -2.65 -13.43
CA ASN A 71 5.04 -2.56 -13.63
C ASN A 71 5.46 -1.16 -14.06
N HIS A 72 4.51 -0.41 -14.62
CA HIS A 72 4.79 0.96 -15.07
C HIS A 72 5.33 1.81 -13.93
N SER A 73 5.37 3.12 -14.13
CA SER A 73 5.87 4.03 -13.10
C SER A 73 4.90 4.07 -11.91
N VAL A 74 5.45 3.99 -10.71
CA VAL A 74 4.66 4.02 -9.49
C VAL A 74 4.48 5.45 -8.99
N ASP A 75 5.35 6.34 -9.44
CA ASP A 75 5.29 7.75 -9.04
C ASP A 75 3.86 8.28 -9.09
N GLN A 76 3.03 7.68 -9.94
CA GLN A 76 1.65 8.10 -10.08
C GLN A 76 0.89 7.91 -8.76
N LEU A 77 0.88 6.68 -8.27
CA LEU A 77 0.19 6.36 -7.03
C LEU A 77 1.01 6.80 -5.82
N GLN A 78 2.34 6.71 -5.95
CA GLN A 78 3.24 7.11 -4.86
C GLN A 78 3.04 8.57 -4.51
N LYS A 79 3.07 9.43 -5.54
CA LYS A 79 2.90 10.86 -5.34
C LYS A 79 1.48 11.16 -4.86
N ALA A 80 0.50 10.54 -5.48
CA ALA A 80 -0.90 10.74 -5.11
C ALA A 80 -1.17 10.23 -3.70
N MET A 81 -0.46 9.16 -3.32
CA MET A 81 -0.62 8.56 -2.00
C MET A 81 0.01 9.44 -0.92
N LYS A 82 1.01 10.23 -1.31
CA LYS A 82 1.69 11.10 -0.37
C LYS A 82 0.99 12.45 -0.26
N GLU A 83 0.17 12.78 -1.26
CA GLU A 83 -0.56 14.05 -1.27
C GLU A 83 -2.02 13.85 -0.87
N THR A 84 -2.53 12.64 -1.05
CA THR A 84 -3.92 12.34 -0.72
C THR A 84 -4.19 12.59 0.76
N LYS A 85 -5.41 13.02 1.07
CA LYS A 85 -5.80 13.30 2.45
C LYS A 85 -7.22 12.83 2.71
N GLY A 86 -7.38 11.98 3.73
CA GLY A 86 -8.70 11.47 4.08
C GLY A 86 -8.69 9.97 4.31
N MET A 87 -9.87 9.36 4.22
CA MET A 87 -9.99 7.92 4.43
C MET A 87 -9.52 7.14 3.21
N ILE A 88 -8.39 6.46 3.34
CA ILE A 88 -7.82 5.67 2.25
C ILE A 88 -8.43 4.28 2.20
N SER A 89 -8.92 3.89 1.02
CA SER A 89 -9.52 2.58 0.82
C SER A 89 -8.59 1.70 -0.03
N LEU A 90 -8.19 0.57 0.53
CA LEU A 90 -7.29 -0.34 -0.18
C LEU A 90 -7.90 -1.74 -0.28
N LYS A 91 -7.86 -2.31 -1.47
CA LYS A 91 -8.37 -3.65 -1.71
C LYS A 91 -7.23 -4.65 -1.66
N VAL A 92 -7.14 -5.40 -0.58
CA VAL A 92 -6.06 -6.36 -0.42
C VAL A 92 -6.56 -7.70 0.12
N ILE A 93 -5.99 -8.79 -0.38
CA ILE A 93 -6.36 -10.13 0.04
C ILE A 93 -5.27 -10.73 0.94
N PRO A 94 -5.66 -11.29 2.10
CA PRO A 94 -4.71 -11.89 3.04
C PRO A 94 -3.86 -12.98 2.39
N ASN A 95 -2.59 -13.02 2.75
CA ASN A 95 -1.67 -14.02 2.21
C ASN A 95 -0.92 -14.74 3.32
N GLN A 96 -1.40 -15.92 3.70
CA GLN A 96 -0.78 -16.71 4.76
C GLN A 96 -0.88 -18.20 4.45
N GLN A 97 -0.73 -18.55 3.18
CA GLN A 97 -0.80 -19.94 2.76
C GLN A 97 -0.37 -20.10 1.30
N ARG B 7 14.58 -6.47 -8.95
CA ARG B 7 13.37 -6.28 -8.09
C ARG B 7 13.33 -4.85 -7.54
N LYS B 8 12.11 -4.35 -7.35
CA LYS B 8 11.92 -3.00 -6.82
C LYS B 8 10.98 -3.01 -5.62
N GLU B 9 10.93 -1.89 -4.90
CA GLU B 9 10.09 -1.75 -3.75
C GLU B 9 9.79 -0.28 -3.49
N TYR B 10 8.55 0.02 -3.20
CA TYR B 10 8.13 1.38 -2.96
C TYR B 10 7.50 1.53 -1.58
N CYS B 11 7.94 2.55 -0.86
CA CYS B 11 7.41 2.82 0.46
C CYS B 11 6.51 4.04 0.36
N ILE B 12 5.22 3.82 0.63
CA ILE B 12 4.24 4.88 0.52
C ILE B 12 3.14 4.74 1.57
N VAL A 13 -11.82 -10.66 -0.61
CA VAL A 13 -11.25 -9.29 -0.67
C VAL A 13 -11.50 -8.53 0.63
N ARG A 14 -10.44 -7.91 1.15
CA ARG A 14 -10.53 -7.14 2.38
C ARG A 14 -10.40 -5.65 2.11
N LEU A 15 -11.33 -4.88 2.65
CA LEU A 15 -11.33 -3.43 2.46
C LEU A 15 -10.69 -2.73 3.65
N ILE A 16 -9.41 -2.36 3.50
CA ILE A 16 -8.69 -1.67 4.56
C ILE A 16 -8.68 -0.17 4.31
N GLN A 17 -9.39 0.57 5.13
CA GLN A 17 -9.47 2.03 4.98
C GLN A 17 -9.01 2.75 6.23
N PHE A 18 -8.35 3.89 6.03
CA PHE A 18 -7.85 4.71 7.12
C PHE A 18 -7.75 6.16 6.70
N GLU A 19 -8.02 7.08 7.63
CA GLU A 19 -7.99 8.51 7.32
C GLU A 19 -6.55 9.04 7.34
N LYS A 20 -6.25 9.90 6.39
CA LYS A 20 -4.92 10.50 6.29
C LYS A 20 -5.03 12.02 6.19
N VAL A 21 -4.60 12.72 7.23
CA VAL A 21 -4.66 14.17 7.25
C VAL A 21 -3.26 14.78 7.19
N THR A 22 -2.28 14.06 7.72
CA THR A 22 -0.90 14.52 7.75
C THR A 22 -0.15 14.09 6.50
N GLU A 23 0.83 14.89 6.10
CA GLU A 23 1.63 14.59 4.92
C GLU A 23 2.84 13.75 5.31
N GLU A 24 2.65 12.45 5.24
CA GLU A 24 3.70 11.52 5.59
C GLU A 24 3.44 10.14 4.98
N PRO A 25 4.49 9.30 4.86
CA PRO A 25 4.36 7.96 4.28
C PRO A 25 3.57 7.02 5.19
N MET A 26 2.79 6.12 4.57
CA MET A 26 1.99 5.17 5.32
C MET A 26 2.85 4.38 6.30
N GLY A 27 4.05 4.01 5.86
CA GLY A 27 4.95 3.26 6.71
C GLY A 27 5.09 1.81 6.28
N ILE A 28 4.72 1.54 5.03
CA ILE A 28 4.81 0.18 4.48
C ILE A 28 5.58 0.19 3.16
N CYS A 29 5.98 -1.00 2.71
CA CYS A 29 6.72 -1.12 1.47
C CYS A 29 6.14 -2.26 0.63
N LEU A 30 5.77 -1.94 -0.61
CA LEU A 30 5.18 -2.91 -1.52
C LEU A 30 5.81 -2.84 -2.91
N LYS A 31 5.75 -3.94 -3.65
CA LYS A 31 6.31 -4.00 -5.00
C LYS A 31 5.31 -4.60 -5.98
N LEU A 32 5.60 -4.46 -7.28
CA LEU A 32 4.73 -4.99 -8.33
C LEU A 32 5.26 -6.32 -8.83
N ASN A 33 4.63 -7.41 -8.40
CA ASN A 33 5.04 -8.74 -8.81
C ASN A 33 4.83 -8.93 -10.32
N GLU A 34 5.23 -10.08 -10.84
CA GLU A 34 5.09 -10.36 -12.26
C GLU A 34 3.66 -10.12 -12.72
N LYS A 35 2.71 -10.33 -11.81
CA LYS A 35 1.30 -10.13 -12.10
C LYS A 35 0.92 -8.65 -12.02
N GLN A 36 1.87 -7.81 -11.67
CA GLN A 36 1.63 -6.37 -11.54
C GLN A 36 0.61 -6.10 -10.45
N SER A 37 1.08 -5.98 -9.22
CA SER A 37 0.22 -5.72 -8.08
C SER A 37 1.03 -5.29 -6.86
N CYS A 38 0.44 -4.46 -6.01
CA CYS A 38 1.15 -3.98 -4.84
C CYS A 38 1.00 -4.93 -3.66
N THR A 39 2.12 -5.51 -3.24
CA THR A 39 2.14 -6.42 -2.11
C THR A 39 3.20 -5.95 -1.12
N VAL A 40 2.81 -5.74 0.13
CA VAL A 40 3.76 -5.26 1.11
C VAL A 40 4.93 -6.22 1.24
N ALA A 41 6.06 -5.81 0.69
CA ALA A 41 7.27 -6.60 0.71
C ALA A 41 7.86 -6.65 2.11
N ARG A 42 7.54 -5.63 2.91
CA ARG A 42 8.03 -5.55 4.28
C ARG A 42 7.39 -4.37 5.02
N ILE A 43 6.87 -4.64 6.21
CA ILE A 43 6.23 -3.59 7.00
C ILE A 43 7.27 -2.85 7.84
N LEU A 44 7.23 -1.53 7.78
CA LEU A 44 8.17 -0.71 8.53
C LEU A 44 7.58 -0.31 9.88
N HIS A 45 8.27 -0.66 10.96
CA HIS A 45 7.81 -0.34 12.30
C HIS A 45 7.61 1.16 12.47
N GLY A 46 6.56 1.53 13.20
CA GLY A 46 6.27 2.93 13.42
C GLY A 46 5.11 3.42 12.58
N GLY A 47 5.02 2.92 11.35
CA GLY A 47 3.94 3.33 10.46
C GLY A 47 2.57 3.03 11.04
N MET A 48 1.56 3.70 10.51
CA MET A 48 0.19 3.51 10.96
C MET A 48 -0.31 2.11 10.62
N ILE A 49 0.32 1.48 9.63
CA ILE A 49 -0.06 0.14 9.20
C ILE A 49 0.59 -0.90 10.10
N HIS A 50 1.79 -0.58 10.60
CA HIS A 50 2.51 -1.49 11.47
C HIS A 50 2.11 -1.26 12.93
N ARG A 51 1.93 -0.01 13.30
CA ARG A 51 1.54 0.35 14.65
C ARG A 51 0.11 -0.14 14.94
N GLN A 52 -0.80 0.15 14.02
CA GLN A 52 -2.19 -0.26 14.17
C GLN A 52 -2.38 -1.70 13.71
N GLY A 53 -1.67 -2.08 12.66
CA GLY A 53 -1.76 -3.43 12.14
C GLY A 53 -2.88 -3.58 11.13
N SER A 54 -2.94 -2.66 10.17
CA SER A 54 -3.96 -2.69 9.14
C SER A 54 -3.62 -3.71 8.06
N LEU A 55 -2.33 -3.93 7.85
CA LEU A 55 -1.87 -4.89 6.85
C LEU A 55 -0.74 -5.75 7.39
N HIS A 56 -0.42 -6.83 6.67
CA HIS A 56 0.64 -7.74 7.08
C HIS A 56 1.64 -7.95 5.94
N VAL A 57 2.92 -7.98 6.29
CA VAL A 57 3.98 -8.16 5.30
C VAL A 57 3.69 -9.34 4.38
N GLY A 58 3.48 -9.06 3.10
CA GLY A 58 3.19 -10.11 2.15
C GLY A 58 1.79 -10.03 1.58
N ASP A 59 0.89 -9.36 2.30
CA ASP A 59 -0.49 -9.21 1.86
C ASP A 59 -0.55 -8.61 0.46
N GLU A 60 -1.45 -9.14 -0.37
CA GLU A 60 -1.59 -8.67 -1.74
C GLU A 60 -2.67 -7.60 -1.86
N ILE A 61 -2.28 -6.41 -2.31
CA ILE A 61 -3.21 -5.30 -2.48
C ILE A 61 -3.58 -5.14 -3.96
N LEU A 62 -4.69 -5.76 -4.35
CA LEU A 62 -5.15 -5.70 -5.72
C LEU A 62 -5.46 -4.26 -6.16
N GLU A 63 -5.89 -3.43 -5.20
CA GLU A 63 -6.22 -2.05 -5.51
C GLU A 63 -5.70 -1.10 -4.43
N ILE A 64 -5.21 0.05 -4.85
CA ILE A 64 -4.69 1.05 -3.93
C ILE A 64 -5.43 2.37 -4.08
N ASN A 65 -6.40 2.61 -3.18
CA ASN A 65 -7.19 3.83 -3.23
C ASN A 65 -8.01 3.90 -4.51
N GLY A 66 -8.38 2.74 -5.03
CA GLY A 66 -9.16 2.69 -6.25
C GLY A 66 -8.30 2.61 -7.50
N THR A 67 -6.98 2.57 -7.32
CA THR A 67 -6.05 2.49 -8.44
C THR A 67 -4.99 1.43 -8.21
N ASN A 68 -4.91 0.46 -9.11
CA ASN A 68 -3.93 -0.62 -9.00
C ASN A 68 -2.63 -0.22 -9.69
N VAL A 69 -1.54 -0.21 -8.94
CA VAL A 69 -0.23 0.16 -9.48
C VAL A 69 0.22 -0.84 -10.55
N THR A 70 0.74 -0.31 -11.65
CA THR A 70 1.21 -1.14 -12.74
C THR A 70 2.74 -1.22 -12.74
N ASN A 71 3.30 -1.90 -13.74
CA ASN A 71 4.74 -2.05 -13.86
C ASN A 71 5.38 -0.78 -14.40
N HIS A 72 4.57 0.10 -14.99
CA HIS A 72 5.08 1.34 -15.54
C HIS A 72 5.71 2.21 -14.44
N SER A 73 5.10 3.34 -14.12
CA SER A 73 5.64 4.22 -13.07
C SER A 73 4.75 4.18 -11.83
N VAL A 74 5.39 4.05 -10.67
CA VAL A 74 4.66 4.02 -9.40
C VAL A 74 4.50 5.42 -8.83
N ASP A 75 5.38 6.33 -9.24
CA ASP A 75 5.34 7.71 -8.77
C ASP A 75 3.92 8.27 -8.80
N GLN A 76 3.09 7.73 -9.69
CA GLN A 76 1.71 8.18 -9.81
C GLN A 76 0.97 8.03 -8.49
N LEU A 77 0.95 6.80 -7.96
CA LEU A 77 0.29 6.52 -6.69
C LEU A 77 1.10 7.07 -5.53
N GLN A 78 2.42 7.05 -5.67
CA GLN A 78 3.31 7.54 -4.63
C GLN A 78 3.04 9.01 -4.35
N LYS A 79 3.13 9.83 -5.39
CA LYS A 79 2.88 11.26 -5.27
C LYS A 79 1.46 11.53 -4.78
N ALA A 80 0.52 10.73 -5.26
CA ALA A 80 -0.88 10.87 -4.88
C ALA A 80 -1.07 10.50 -3.40
N MET A 81 -0.26 9.54 -2.93
CA MET A 81 -0.34 9.10 -1.55
C MET A 81 0.17 10.18 -0.60
N LYS A 82 1.11 10.99 -1.08
CA LYS A 82 1.69 12.06 -0.28
C LYS A 82 0.81 13.31 -0.34
N GLU A 83 0.10 13.47 -1.45
CA GLU A 83 -0.77 14.63 -1.63
C GLU A 83 -2.22 14.30 -1.30
N THR A 84 -2.50 13.03 -1.01
CA THR A 84 -3.85 12.60 -0.68
C THR A 84 -4.38 13.33 0.54
N LYS A 85 -5.69 13.45 0.63
CA LYS A 85 -6.33 14.14 1.75
C LYS A 85 -7.73 13.59 2.00
N GLY A 86 -7.86 12.71 2.97
CA GLY A 86 -9.15 12.13 3.29
C GLY A 86 -9.05 10.69 3.75
N MET A 87 -10.09 9.90 3.47
CA MET A 87 -10.12 8.50 3.86
C MET A 87 -9.61 7.61 2.73
N ILE A 88 -8.57 6.83 3.01
CA ILE A 88 -7.99 5.93 2.03
C ILE A 88 -8.70 4.58 2.03
N SER A 89 -8.68 3.91 0.89
CA SER A 89 -9.30 2.60 0.75
C SER A 89 -8.42 1.67 -0.08
N LEU A 90 -7.89 0.64 0.56
CA LEU A 90 -7.02 -0.31 -0.13
C LEU A 90 -7.64 -1.70 -0.16
N LYS A 91 -7.62 -2.33 -1.33
CA LYS A 91 -8.17 -3.67 -1.49
C LYS A 91 -7.05 -4.70 -1.36
N VAL A 92 -7.04 -5.40 -0.22
CA VAL A 92 -6.01 -6.41 0.04
C VAL A 92 -6.61 -7.79 0.21
N ILE A 93 -5.78 -8.81 -0.01
CA ILE A 93 -6.22 -10.20 0.13
C ILE A 93 -5.17 -11.02 0.87
N PRO A 94 -5.61 -11.83 1.87
CA PRO A 94 -4.69 -12.67 2.65
C PRO A 94 -3.81 -13.54 1.78
N ASN A 95 -2.50 -13.32 1.85
CA ASN A 95 -1.55 -14.10 1.05
C ASN A 95 -1.54 -15.55 1.49
N GLN A 96 -1.38 -16.45 0.52
CA GLN A 96 -1.35 -17.89 0.80
C GLN A 96 -0.38 -18.61 -0.12
N GLN A 97 0.91 -18.49 0.17
CA GLN A 97 1.94 -19.13 -0.62
C GLN A 97 3.03 -19.72 0.26
N ARG B 7 14.37 -7.12 -8.82
CA ARG B 7 13.69 -6.93 -7.51
C ARG B 7 13.37 -5.46 -7.27
N LYS B 8 12.08 -5.17 -7.05
CA LYS B 8 11.64 -3.82 -6.79
C LYS B 8 10.89 -3.71 -5.47
N GLU B 9 10.66 -2.49 -5.02
CA GLU B 9 9.95 -2.23 -3.77
C GLU B 9 9.75 -0.74 -3.60
N TYR B 10 8.57 -0.37 -3.13
CA TYR B 10 8.23 1.02 -2.93
C TYR B 10 7.68 1.25 -1.54
N CYS B 11 8.18 2.28 -0.88
CA CYS B 11 7.70 2.62 0.45
C CYS B 11 6.83 3.85 0.35
N ILE B 12 5.56 3.68 0.68
CA ILE B 12 4.59 4.76 0.58
C ILE B 12 3.53 4.66 1.67
N VAL A 13 -11.74 -10.52 -0.98
CA VAL A 13 -10.90 -9.30 -0.84
C VAL A 13 -11.46 -8.36 0.22
N ARG A 14 -10.61 -7.93 1.14
CA ARG A 14 -11.02 -7.03 2.21
C ARG A 14 -10.58 -5.60 1.91
N LEU A 15 -11.40 -4.63 2.31
CA LEU A 15 -11.10 -3.23 2.09
C LEU A 15 -10.70 -2.54 3.39
N ILE A 16 -9.44 -2.12 3.46
CA ILE A 16 -8.94 -1.44 4.65
C ILE A 16 -9.15 0.07 4.55
N GLN A 17 -9.72 0.65 5.60
CA GLN A 17 -9.98 2.09 5.62
C GLN A 17 -9.23 2.77 6.76
N PHE A 18 -8.42 3.76 6.40
CA PHE A 18 -7.66 4.51 7.39
C PHE A 18 -7.42 5.94 6.93
N GLU A 19 -7.68 6.90 7.81
CA GLU A 19 -7.50 8.31 7.48
C GLU A 19 -6.04 8.74 7.64
N LYS A 20 -5.56 9.54 6.69
CA LYS A 20 -4.20 10.04 6.71
C LYS A 20 -4.18 11.55 6.52
N VAL A 21 -3.77 12.27 7.55
CA VAL A 21 -3.72 13.73 7.48
C VAL A 21 -2.30 14.26 7.72
N THR A 22 -1.32 13.36 7.67
CA THR A 22 0.07 13.75 7.88
C THR A 22 0.86 13.65 6.58
N GLU A 23 1.86 14.51 6.44
CA GLU A 23 2.68 14.50 5.24
C GLU A 23 3.79 13.47 5.39
N GLU A 24 3.41 12.22 5.13
CA GLU A 24 4.34 11.12 5.26
C GLU A 24 3.75 9.82 4.71
N PRO A 25 4.59 8.82 4.43
CA PRO A 25 4.14 7.53 3.91
C PRO A 25 3.20 6.80 4.86
N MET A 26 2.27 6.04 4.31
CA MET A 26 1.30 5.29 5.11
C MET A 26 1.99 4.48 6.20
N GLY A 27 3.11 3.86 5.85
CA GLY A 27 3.86 3.06 6.81
C GLY A 27 4.15 1.66 6.32
N ILE A 28 3.82 1.38 5.07
CA ILE A 28 4.06 0.07 4.49
C ILE A 28 4.84 0.18 3.18
N CYS A 29 5.38 -0.95 2.72
CA CYS A 29 6.15 -0.97 1.49
C CYS A 29 5.60 -2.04 0.55
N LEU A 30 5.30 -1.67 -0.68
CA LEU A 30 4.77 -2.60 -1.67
C LEU A 30 5.54 -2.51 -2.99
N LYS A 31 5.47 -3.57 -3.79
CA LYS A 31 6.16 -3.61 -5.07
C LYS A 31 5.29 -4.24 -6.15
N LEU A 32 5.66 -4.02 -7.41
CA LEU A 32 4.92 -4.56 -8.54
C LEU A 32 5.67 -5.74 -9.14
N ASN A 33 5.21 -6.96 -8.85
CA ASN A 33 5.84 -8.16 -9.36
C ASN A 33 5.72 -8.23 -10.88
N GLU A 34 6.32 -9.25 -11.48
CA GLU A 34 6.27 -9.43 -12.93
C GLU A 34 4.83 -9.40 -13.43
N LYS A 35 3.90 -9.77 -12.56
CA LYS A 35 2.48 -9.79 -12.91
C LYS A 35 1.86 -8.39 -12.78
N GLN A 36 2.62 -7.45 -12.23
CA GLN A 36 2.14 -6.09 -12.04
C GLN A 36 1.03 -6.05 -11.00
N SER A 37 1.42 -5.86 -9.73
CA SER A 37 0.46 -5.80 -8.64
C SER A 37 1.12 -5.25 -7.38
N CYS A 38 0.35 -4.52 -6.58
CA CYS A 38 0.89 -3.94 -5.36
C CYS A 38 0.77 -4.91 -4.18
N THR A 39 1.91 -5.39 -3.71
CA THR A 39 1.94 -6.31 -2.57
C THR A 39 2.92 -5.80 -1.53
N VAL A 40 2.47 -5.66 -0.30
CA VAL A 40 3.35 -5.15 0.75
C VAL A 40 4.57 -6.06 0.91
N ALA A 41 5.70 -5.57 0.43
CA ALA A 41 6.94 -6.31 0.49
C ALA A 41 7.52 -6.31 1.91
N ARG A 42 7.11 -5.33 2.72
CA ARG A 42 7.59 -5.24 4.09
C ARG A 42 6.82 -4.18 4.87
N ILE A 43 6.37 -4.54 6.06
CA ILE A 43 5.61 -3.61 6.91
C ILE A 43 6.56 -2.77 7.76
N LEU A 44 6.74 -1.52 7.36
CA LEU A 44 7.63 -0.61 8.08
C LEU A 44 7.16 -0.41 9.51
N HIS A 45 8.09 -0.55 10.45
CA HIS A 45 7.77 -0.39 11.87
C HIS A 45 7.60 1.09 12.23
N GLY A 46 6.70 1.37 13.16
CA GLY A 46 6.45 2.73 13.58
C GLY A 46 5.26 3.35 12.87
N GLY A 47 5.06 2.96 11.61
CA GLY A 47 3.95 3.49 10.83
C GLY A 47 2.61 3.20 11.47
N MET A 48 1.53 3.65 10.83
CA MET A 48 0.19 3.43 11.34
C MET A 48 -0.29 2.02 11.02
N ILE A 49 0.14 1.50 9.87
CA ILE A 49 -0.25 0.16 9.45
C ILE A 49 0.42 -0.90 10.32
N HIS A 50 1.64 -0.62 10.76
CA HIS A 50 2.38 -1.55 11.60
C HIS A 50 1.89 -1.48 13.04
N ARG A 51 1.85 -0.27 13.59
CA ARG A 51 1.39 -0.07 14.96
C ARG A 51 -0.05 -0.54 15.13
N GLN A 52 -0.89 -0.20 14.16
CA GLN A 52 -2.30 -0.59 14.19
C GLN A 52 -2.48 -2.00 13.66
N GLY A 53 -1.85 -2.29 12.53
CA GLY A 53 -1.95 -3.61 11.94
C GLY A 53 -3.06 -3.70 10.90
N SER A 54 -3.05 -2.77 9.95
CA SER A 54 -4.05 -2.74 8.90
C SER A 54 -3.69 -3.70 7.77
N LEU A 55 -2.39 -3.93 7.58
CA LEU A 55 -1.92 -4.83 6.54
C LEU A 55 -0.83 -5.75 7.07
N HIS A 56 -0.43 -6.72 6.26
CA HIS A 56 0.60 -7.68 6.65
C HIS A 56 1.56 -7.94 5.48
N VAL A 57 2.85 -7.87 5.77
CA VAL A 57 3.88 -8.09 4.76
C VAL A 57 3.56 -9.29 3.88
N GLY A 58 3.28 -9.03 2.61
CA GLY A 58 2.95 -10.11 1.69
C GLY A 58 1.53 -10.00 1.15
N ASP A 59 0.65 -9.35 1.92
CA ASP A 59 -0.74 -9.18 1.52
C ASP A 59 -0.83 -8.70 0.07
N GLU A 60 -1.83 -9.20 -0.64
CA GLU A 60 -2.02 -8.83 -2.04
C GLU A 60 -3.05 -7.71 -2.19
N ILE A 61 -2.58 -6.53 -2.57
CA ILE A 61 -3.45 -5.37 -2.76
C ILE A 61 -3.87 -5.24 -4.22
N LEU A 62 -5.03 -5.77 -4.56
CA LEU A 62 -5.54 -5.72 -5.92
C LEU A 62 -5.84 -4.29 -6.36
N GLU A 63 -6.12 -3.43 -5.40
CA GLU A 63 -6.44 -2.03 -5.71
C GLU A 63 -5.94 -1.10 -4.61
N ILE A 64 -5.51 0.09 -5.01
CA ILE A 64 -5.01 1.09 -4.06
C ILE A 64 -5.75 2.42 -4.25
N ASN A 65 -6.75 2.65 -3.40
CA ASN A 65 -7.54 3.87 -3.48
C ASN A 65 -8.24 3.98 -4.83
N GLY A 66 -8.53 2.82 -5.42
CA GLY A 66 -9.19 2.79 -6.71
C GLY A 66 -8.21 2.76 -7.87
N THR A 67 -6.96 2.43 -7.58
CA THR A 67 -5.93 2.37 -8.61
C THR A 67 -5.11 1.09 -8.50
N ASN A 68 -4.98 0.37 -9.61
CA ASN A 68 -4.20 -0.86 -9.65
C ASN A 68 -2.87 -0.64 -10.34
N VAL A 69 -1.87 -0.23 -9.56
CA VAL A 69 -0.54 0.03 -10.10
C VAL A 69 0.00 -1.15 -10.87
N THR A 70 0.93 -0.88 -11.78
CA THR A 70 1.54 -1.92 -12.60
C THR A 70 3.05 -1.70 -12.72
N ASN A 71 3.69 -2.48 -13.57
CA ASN A 71 5.14 -2.37 -13.79
C ASN A 71 5.53 -0.95 -14.17
N HIS A 72 4.58 -0.19 -14.71
CA HIS A 72 4.82 1.19 -15.11
C HIS A 72 5.34 2.01 -13.94
N SER A 73 5.37 3.33 -14.10
CA SER A 73 5.84 4.21 -13.05
C SER A 73 4.90 4.19 -11.86
N VAL A 74 5.47 4.07 -10.66
CA VAL A 74 4.69 4.06 -9.42
C VAL A 74 4.48 5.46 -8.87
N ASP A 75 5.28 6.41 -9.36
CA ASP A 75 5.19 7.79 -8.91
C ASP A 75 3.75 8.26 -8.80
N GLN A 76 2.86 7.64 -9.59
CA GLN A 76 1.45 7.99 -9.58
C GLN A 76 0.80 7.52 -8.28
N LEU A 77 1.14 6.31 -7.87
CA LEU A 77 0.61 5.72 -6.64
C LEU A 77 1.34 6.28 -5.42
N GLN A 78 2.61 6.63 -5.61
CA GLN A 78 3.42 7.17 -4.52
C GLN A 78 3.05 8.62 -4.24
N LYS A 79 3.08 9.45 -5.28
CA LYS A 79 2.75 10.86 -5.13
C LYS A 79 1.32 11.04 -4.64
N ALA A 80 0.39 10.32 -5.27
CA ALA A 80 -1.03 10.41 -4.90
C ALA A 80 -1.24 9.97 -3.46
N MET A 81 -0.57 8.89 -3.07
CA MET A 81 -0.70 8.37 -1.71
C MET A 81 -0.06 9.30 -0.69
N LYS A 82 0.94 10.06 -1.13
CA LYS A 82 1.63 11.00 -0.26
C LYS A 82 0.98 12.37 -0.29
N GLU A 83 0.31 12.68 -1.39
CA GLU A 83 -0.37 13.98 -1.54
C GLU A 83 -1.83 13.90 -1.11
N THR A 84 -2.41 12.70 -1.20
CA THR A 84 -3.80 12.50 -0.83
C THR A 84 -4.03 12.85 0.63
N LYS A 85 -5.26 13.24 0.96
CA LYS A 85 -5.61 13.61 2.33
C LYS A 85 -7.04 13.15 2.65
N GLY A 86 -7.15 12.22 3.59
CA GLY A 86 -8.45 11.72 3.99
C GLY A 86 -8.43 10.23 4.28
N MET A 87 -9.59 9.59 4.15
CA MET A 87 -9.70 8.16 4.40
C MET A 87 -9.36 7.35 3.15
N ILE A 88 -8.26 6.61 3.23
CA ILE A 88 -7.82 5.79 2.10
C ILE A 88 -8.48 4.40 2.12
N SER A 89 -8.83 3.92 0.94
CA SER A 89 -9.46 2.60 0.82
C SER A 89 -8.67 1.72 -0.14
N LEU A 90 -8.06 0.67 0.38
CA LEU A 90 -7.27 -0.25 -0.42
C LEU A 90 -7.90 -1.64 -0.46
N LYS A 91 -7.80 -2.29 -1.61
CA LYS A 91 -8.35 -3.63 -1.78
C LYS A 91 -7.24 -4.66 -1.59
N VAL A 92 -7.26 -5.34 -0.45
CA VAL A 92 -6.24 -6.34 -0.14
C VAL A 92 -6.86 -7.71 0.14
N ILE A 93 -6.05 -8.75 -0.01
CA ILE A 93 -6.50 -10.12 0.25
C ILE A 93 -5.48 -10.87 1.10
N PRO A 94 -5.94 -11.60 2.13
CA PRO A 94 -5.06 -12.36 3.02
C PRO A 94 -4.11 -13.27 2.25
N ASN A 95 -2.82 -13.17 2.56
CA ASN A 95 -1.80 -13.98 1.90
C ASN A 95 -0.91 -14.67 2.93
N GLN A 96 -0.94 -16.00 2.92
CA GLN A 96 -0.13 -16.79 3.85
C GLN A 96 1.34 -16.74 3.46
N GLN A 97 1.94 -15.56 3.56
CA GLN A 97 3.34 -15.38 3.22
C GLN A 97 3.63 -15.79 1.78
N ARG B 7 14.43 -6.84 -8.47
CA ARG B 7 13.13 -6.55 -7.80
C ARG B 7 13.15 -5.19 -7.11
N LYS B 8 12.08 -4.44 -7.28
CA LYS B 8 11.97 -3.11 -6.68
C LYS B 8 10.94 -3.11 -5.55
N GLU B 9 10.94 -2.04 -4.76
CA GLU B 9 10.01 -1.90 -3.66
C GLU B 9 9.76 -0.43 -3.37
N TYR B 10 8.50 -0.10 -3.18
CA TYR B 10 8.10 1.27 -2.90
C TYR B 10 7.47 1.40 -1.53
N CYS B 11 7.88 2.43 -0.80
CA CYS B 11 7.33 2.67 0.51
C CYS B 11 6.38 3.85 0.43
N ILE B 12 5.11 3.60 0.68
CA ILE B 12 4.09 4.63 0.59
C ILE B 12 2.98 4.39 1.60
N VAL A 13 -11.47 -10.83 -0.68
CA VAL A 13 -11.39 -9.38 -0.98
C VAL A 13 -11.64 -8.55 0.26
N ARG A 14 -10.58 -7.92 0.78
CA ARG A 14 -10.68 -7.10 1.97
C ARG A 14 -10.51 -5.62 1.63
N LEU A 15 -11.25 -4.77 2.33
CA LEU A 15 -11.19 -3.33 2.10
C LEU A 15 -10.68 -2.59 3.34
N ILE A 16 -9.40 -2.25 3.33
CA ILE A 16 -8.79 -1.54 4.45
C ILE A 16 -8.93 -0.03 4.26
N GLN A 17 -9.59 0.62 5.20
CA GLN A 17 -9.79 2.07 5.10
C GLN A 17 -9.19 2.81 6.30
N PHE A 18 -8.33 3.77 6.00
CA PHE A 18 -7.69 4.58 7.03
C PHE A 18 -7.58 6.03 6.58
N GLU A 19 -7.98 6.96 7.46
CA GLU A 19 -7.94 8.38 7.12
C GLU A 19 -6.54 8.95 7.26
N LYS A 20 -6.12 9.73 6.27
CA LYS A 20 -4.81 10.35 6.28
C LYS A 20 -4.93 11.84 5.99
N VAL A 21 -4.42 12.67 6.88
CA VAL A 21 -4.48 14.11 6.72
C VAL A 21 -3.18 14.79 7.16
N THR A 22 -2.12 14.00 7.30
CA THR A 22 -0.82 14.53 7.71
C THR A 22 0.22 14.30 6.62
N GLU A 23 1.41 14.88 6.82
CA GLU A 23 2.49 14.72 5.87
C GLU A 23 3.43 13.63 6.32
N GLU A 24 3.03 12.40 6.04
CA GLU A 24 3.80 11.24 6.45
C GLU A 24 3.40 10.00 5.66
N PRO A 25 4.37 9.09 5.41
CA PRO A 25 4.10 7.85 4.67
C PRO A 25 3.28 6.86 5.47
N MET A 26 2.66 5.91 4.77
CA MET A 26 1.83 4.90 5.42
C MET A 26 2.66 4.05 6.39
N GLY A 27 3.81 3.57 5.92
CA GLY A 27 4.67 2.76 6.76
C GLY A 27 4.81 1.35 6.25
N ILE A 28 4.44 1.12 4.99
CA ILE A 28 4.54 -0.20 4.38
C ILE A 28 5.28 -0.15 3.05
N CYS A 29 5.75 -1.30 2.59
CA CYS A 29 6.48 -1.37 1.33
C CYS A 29 5.83 -2.40 0.41
N LEU A 30 5.51 -1.97 -0.82
CA LEU A 30 4.88 -2.86 -1.79
C LEU A 30 5.67 -2.87 -3.10
N LYS A 31 5.50 -3.93 -3.89
CA LYS A 31 6.21 -4.06 -5.16
C LYS A 31 5.29 -4.61 -6.26
N LEU A 32 5.67 -4.35 -7.51
CA LEU A 32 4.90 -4.82 -8.66
C LEU A 32 5.60 -5.98 -9.35
N ASN A 33 5.09 -7.18 -9.16
CA ASN A 33 5.68 -8.37 -9.76
C ASN A 33 5.59 -8.30 -11.28
N GLU A 34 6.17 -9.30 -11.95
CA GLU A 34 6.15 -9.35 -13.41
C GLU A 34 4.73 -9.23 -13.95
N LYS A 35 3.76 -9.69 -13.16
CA LYS A 35 2.35 -9.63 -13.55
C LYS A 35 1.76 -8.24 -13.24
N GLN A 36 2.56 -7.38 -12.60
CA GLN A 36 2.09 -6.05 -12.25
C GLN A 36 1.02 -6.12 -11.17
N SER A 37 1.46 -6.14 -9.92
CA SER A 37 0.54 -6.20 -8.78
C SER A 37 1.21 -5.66 -7.53
N CYS A 38 0.48 -4.86 -6.76
CA CYS A 38 1.03 -4.28 -5.54
C CYS A 38 0.84 -5.19 -4.34
N THR A 39 1.95 -5.66 -3.80
CA THR A 39 1.94 -6.53 -2.63
C THR A 39 2.96 -6.05 -1.63
N VAL A 40 2.55 -5.90 -0.37
CA VAL A 40 3.47 -5.43 0.65
C VAL A 40 4.66 -6.36 0.78
N ALA A 41 5.80 -5.90 0.27
CA ALA A 41 7.03 -6.68 0.31
C ALA A 41 7.60 -6.73 1.72
N ARG A 42 7.25 -5.74 2.53
CA ARG A 42 7.74 -5.67 3.91
C ARG A 42 7.06 -4.55 4.68
N ILE A 43 6.57 -4.87 5.88
CA ILE A 43 5.90 -3.89 6.72
C ILE A 43 6.91 -3.13 7.56
N LEU A 44 7.13 -1.87 7.21
CA LEU A 44 8.08 -1.03 7.93
C LEU A 44 7.66 -0.86 9.39
N HIS A 45 8.62 -0.98 10.29
CA HIS A 45 8.35 -0.84 11.72
C HIS A 45 8.30 0.63 12.12
N GLY A 46 7.24 1.00 12.84
CA GLY A 46 7.09 2.38 13.28
C GLY A 46 5.92 3.08 12.62
N GLY A 47 5.57 2.63 11.43
CA GLY A 47 4.45 3.24 10.70
C GLY A 47 3.13 3.00 11.39
N MET A 48 2.06 3.53 10.79
CA MET A 48 0.72 3.39 11.36
C MET A 48 0.13 2.02 11.00
N ILE A 49 0.52 1.50 9.85
CA ILE A 49 0.04 0.20 9.40
C ILE A 49 0.59 -0.92 10.27
N HIS A 50 1.83 -0.76 10.72
CA HIS A 50 2.48 -1.76 11.56
C HIS A 50 2.02 -1.62 13.01
N ARG A 51 1.90 -0.38 13.47
CA ARG A 51 1.47 -0.11 14.83
C ARG A 51 -0.02 -0.37 14.99
N GLN A 52 -0.82 0.19 14.09
CA GLN A 52 -2.26 0.01 14.12
C GLN A 52 -2.64 -1.39 13.67
N GLY A 53 -2.01 -1.86 12.59
CA GLY A 53 -2.30 -3.18 12.07
C GLY A 53 -3.36 -3.16 10.99
N SER A 54 -2.99 -2.72 9.79
CA SER A 54 -3.92 -2.66 8.68
C SER A 54 -3.56 -3.68 7.60
N LEU A 55 -2.27 -3.97 7.48
CA LEU A 55 -1.80 -4.93 6.48
C LEU A 55 -0.64 -5.76 7.04
N HIS A 56 -0.25 -6.79 6.30
CA HIS A 56 0.84 -7.67 6.71
C HIS A 56 1.74 -8.00 5.52
N VAL A 57 3.05 -7.99 5.77
CA VAL A 57 4.02 -8.29 4.72
C VAL A 57 3.62 -9.51 3.89
N GLY A 58 3.33 -9.28 2.62
CA GLY A 58 2.93 -10.38 1.75
C GLY A 58 1.54 -10.21 1.17
N ASP A 59 0.67 -9.53 1.91
CA ASP A 59 -0.71 -9.31 1.46
C ASP A 59 -0.72 -8.75 0.03
N GLU A 60 -1.59 -9.30 -0.80
CA GLU A 60 -1.68 -8.85 -2.20
C GLU A 60 -2.73 -7.75 -2.37
N ILE A 61 -2.25 -6.54 -2.62
CA ILE A 61 -3.14 -5.39 -2.82
C ILE A 61 -3.57 -5.29 -4.27
N LEU A 62 -4.77 -5.77 -4.56
CA LEU A 62 -5.31 -5.74 -5.92
C LEU A 62 -5.23 -4.33 -6.51
N GLU A 63 -5.49 -3.33 -5.67
CA GLU A 63 -5.45 -1.94 -6.12
C GLU A 63 -5.40 -0.97 -4.95
N ILE A 64 -4.82 0.19 -5.17
CA ILE A 64 -4.70 1.21 -4.14
C ILE A 64 -5.57 2.42 -4.46
N ASN A 65 -6.59 2.66 -3.65
CA ASN A 65 -7.49 3.78 -3.86
C ASN A 65 -8.24 3.63 -5.18
N GLY A 66 -8.48 2.39 -5.58
CA GLY A 66 -9.18 2.12 -6.82
C GLY A 66 -8.26 2.15 -8.02
N THR A 67 -6.96 2.01 -7.79
CA THR A 67 -5.97 2.02 -8.87
C THR A 67 -4.98 0.88 -8.72
N ASN A 68 -5.06 -0.08 -9.65
CA ASN A 68 -4.16 -1.23 -9.62
C ASN A 68 -2.77 -0.84 -10.08
N VAL A 69 -1.84 -0.74 -9.12
CA VAL A 69 -0.47 -0.36 -9.42
C VAL A 69 0.20 -1.41 -10.31
N THR A 70 0.78 -0.95 -11.42
CA THR A 70 1.45 -1.85 -12.35
C THR A 70 2.92 -1.50 -12.48
N ASN A 71 3.60 -2.11 -13.44
CA ASN A 71 5.02 -1.87 -13.67
C ASN A 71 5.27 -0.39 -13.95
N HIS A 72 4.24 0.33 -14.39
CA HIS A 72 4.37 1.75 -14.69
C HIS A 72 4.99 2.51 -13.51
N SER A 73 5.17 3.81 -13.67
CA SER A 73 5.76 4.62 -12.61
C SER A 73 4.87 4.64 -11.38
N VAL A 74 5.48 4.43 -10.22
CA VAL A 74 4.75 4.43 -8.95
C VAL A 74 4.69 5.83 -8.35
N ASP A 75 5.65 6.67 -8.71
CA ASP A 75 5.71 8.04 -8.21
C ASP A 75 4.35 8.73 -8.28
N GLN A 76 3.51 8.28 -9.20
CA GLN A 76 2.17 8.86 -9.37
C GLN A 76 1.27 8.51 -8.19
N LEU A 77 1.34 7.25 -7.74
CA LEU A 77 0.52 6.80 -6.63
C LEU A 77 1.02 7.35 -5.30
N GLN A 78 2.30 7.14 -5.02
CA GLN A 78 2.89 7.62 -3.77
C GLN A 78 2.70 9.13 -3.62
N LYS A 79 2.91 9.86 -4.71
CA LYS A 79 2.76 11.30 -4.70
C LYS A 79 1.31 11.69 -4.40
N ALA A 80 0.39 10.95 -5.00
CA ALA A 80 -1.04 11.22 -4.81
C ALA A 80 -1.51 10.72 -3.45
N MET A 81 -0.83 9.70 -2.93
CA MET A 81 -1.17 9.12 -1.64
C MET A 81 -0.71 10.02 -0.49
N LYS A 82 0.36 10.78 -0.73
CA LYS A 82 0.90 11.68 0.29
C LYS A 82 0.13 12.99 0.33
N GLU A 83 -0.27 13.49 -0.84
CA GLU A 83 -1.01 14.73 -0.94
C GLU A 83 -2.50 14.50 -0.69
N THR A 84 -2.94 13.25 -0.78
CA THR A 84 -4.34 12.91 -0.57
C THR A 84 -4.80 13.34 0.82
N LYS A 85 -5.94 14.02 0.87
CA LYS A 85 -6.50 14.49 2.13
C LYS A 85 -7.88 13.88 2.37
N GLY A 86 -7.90 12.70 2.98
CA GLY A 86 -9.15 12.03 3.25
C GLY A 86 -8.97 10.59 3.66
N MET A 87 -9.95 9.75 3.35
CA MET A 87 -9.89 8.33 3.69
C MET A 87 -9.40 7.50 2.51
N ILE A 88 -8.35 6.72 2.76
CA ILE A 88 -7.78 5.86 1.71
C ILE A 88 -8.39 4.47 1.74
N SER A 89 -8.83 4.00 0.57
CA SER A 89 -9.43 2.67 0.46
C SER A 89 -8.58 1.78 -0.44
N LEU A 90 -8.04 0.71 0.14
CA LEU A 90 -7.20 -0.22 -0.61
C LEU A 90 -7.82 -1.62 -0.65
N LYS A 91 -7.66 -2.28 -1.78
CA LYS A 91 -8.18 -3.63 -1.97
C LYS A 91 -7.04 -4.63 -1.89
N VAL A 92 -7.00 -5.39 -0.81
CA VAL A 92 -5.93 -6.36 -0.60
C VAL A 92 -6.46 -7.68 -0.05
N ILE A 93 -5.79 -8.76 -0.40
CA ILE A 93 -6.16 -10.10 0.07
C ILE A 93 -5.16 -10.61 1.10
N PRO A 94 -5.63 -10.90 2.32
CA PRO A 94 -4.77 -11.40 3.40
C PRO A 94 -3.98 -12.64 2.98
N ASN A 95 -2.75 -12.75 3.48
CA ASN A 95 -1.90 -13.88 3.16
C ASN A 95 -1.20 -14.41 4.42
N GLN A 96 -1.42 -15.69 4.72
CA GLN A 96 -0.82 -16.31 5.89
C GLN A 96 -0.14 -17.62 5.52
N GLN A 97 1.20 -17.60 5.47
CA GLN A 97 1.96 -18.80 5.12
C GLN A 97 1.59 -19.30 3.74
N ARG B 7 13.92 -7.45 -9.01
CA ARG B 7 12.55 -6.92 -8.85
C ARG B 7 12.57 -5.48 -8.32
N LYS B 8 11.39 -4.95 -8.01
CA LYS B 8 11.28 -3.60 -7.49
C LYS B 8 10.59 -3.60 -6.12
N GLU B 9 10.66 -2.46 -5.45
CA GLU B 9 10.04 -2.31 -4.14
C GLU B 9 9.87 -0.83 -3.81
N TYR B 10 8.69 -0.48 -3.33
CA TYR B 10 8.39 0.89 -2.99
C TYR B 10 7.81 1.01 -1.58
N CYS B 11 8.30 2.00 -0.85
CA CYS B 11 7.79 2.24 0.49
C CYS B 11 6.92 3.47 0.44
N ILE B 12 5.64 3.30 0.72
CA ILE B 12 4.69 4.39 0.66
C ILE B 12 3.65 4.29 1.77
N VAL A 13 -11.79 -10.86 -0.81
CA VAL A 13 -11.39 -9.44 -1.00
C VAL A 13 -11.74 -8.60 0.22
N ARG A 14 -10.71 -8.09 0.90
CA ARG A 14 -10.92 -7.27 2.08
C ARG A 14 -10.72 -5.79 1.76
N LEU A 15 -11.60 -4.95 2.30
CA LEU A 15 -11.52 -3.51 2.06
C LEU A 15 -11.14 -2.77 3.34
N ILE A 16 -9.87 -2.42 3.46
CA ILE A 16 -9.38 -1.70 4.63
C ILE A 16 -9.37 -0.20 4.36
N GLN A 17 -9.58 0.59 5.41
CA GLN A 17 -9.60 2.04 5.26
C GLN A 17 -9.02 2.75 6.49
N PHE A 18 -8.18 3.74 6.24
CA PHE A 18 -7.56 4.52 7.31
C PHE A 18 -7.39 5.97 6.87
N GLU A 19 -7.83 6.90 7.72
CA GLU A 19 -7.73 8.32 7.41
C GLU A 19 -6.33 8.86 7.66
N LYS A 20 -5.85 9.68 6.74
CA LYS A 20 -4.54 10.29 6.85
C LYS A 20 -4.63 11.80 6.63
N VAL A 21 -4.29 12.56 7.67
CA VAL A 21 -4.34 14.02 7.58
C VAL A 21 -2.97 14.60 7.25
N THR A 22 -1.92 13.90 7.70
CA THR A 22 -0.56 14.35 7.45
C THR A 22 -0.01 13.79 6.15
N GLU A 23 0.89 14.53 5.53
CA GLU A 23 1.49 14.10 4.27
C GLU A 23 2.78 13.34 4.54
N GLU A 24 2.65 12.03 4.64
CA GLU A 24 3.78 11.17 4.91
C GLU A 24 3.46 9.71 4.58
N PRO A 25 4.50 8.88 4.38
CA PRO A 25 4.31 7.46 4.06
C PRO A 25 3.36 6.77 5.02
N MET A 26 2.47 5.95 4.48
CA MET A 26 1.50 5.22 5.29
C MET A 26 2.19 4.34 6.32
N GLY A 27 3.34 3.78 5.93
CA GLY A 27 4.09 2.92 6.84
C GLY A 27 4.20 1.50 6.32
N ILE A 28 4.26 1.36 5.00
CA ILE A 28 4.37 0.05 4.38
C ILE A 28 5.11 0.14 3.04
N CYS A 29 5.65 -0.99 2.59
CA CYS A 29 6.37 -1.03 1.33
C CYS A 29 5.86 -2.18 0.47
N LEU A 30 5.39 -1.84 -0.73
CA LEU A 30 4.85 -2.82 -1.66
C LEU A 30 5.69 -2.90 -2.93
N LYS A 31 5.58 -4.00 -3.66
CA LYS A 31 6.34 -4.18 -4.90
C LYS A 31 5.47 -4.75 -6.01
N LEU A 32 5.78 -4.37 -7.25
CA LEU A 32 5.03 -4.84 -8.41
C LEU A 32 5.52 -6.23 -8.82
N ASN A 33 4.70 -7.24 -8.56
CA ASN A 33 5.05 -8.61 -8.90
C ASN A 33 5.18 -8.79 -10.41
N GLU A 34 5.57 -9.98 -10.83
CA GLU A 34 5.72 -10.28 -12.25
C GLU A 34 4.44 -9.97 -13.02
N LYS A 35 3.32 -9.96 -12.32
CA LYS A 35 2.03 -9.67 -12.94
C LYS A 35 1.60 -8.23 -12.67
N GLN A 36 2.56 -7.39 -12.28
CA GLN A 36 2.27 -5.98 -11.98
C GLN A 36 1.18 -5.87 -10.91
N SER A 37 1.59 -6.00 -9.65
CA SER A 37 0.65 -5.92 -8.55
C SER A 37 1.34 -5.39 -7.30
N CYS A 38 0.64 -4.57 -6.53
CA CYS A 38 1.21 -4.00 -5.32
C CYS A 38 1.00 -4.91 -4.12
N THR A 39 2.11 -5.48 -3.63
CA THR A 39 2.08 -6.36 -2.47
C THR A 39 3.11 -5.89 -1.46
N VAL A 40 2.71 -5.74 -0.21
CA VAL A 40 3.63 -5.27 0.81
C VAL A 40 4.82 -6.20 0.91
N ALA A 41 5.95 -5.73 0.39
CA ALA A 41 7.19 -6.49 0.41
C ALA A 41 7.75 -6.60 1.82
N ARG A 42 7.43 -5.62 2.65
CA ARG A 42 7.90 -5.59 4.03
C ARG A 42 7.26 -4.46 4.82
N ILE A 43 6.79 -4.77 6.02
CA ILE A 43 6.16 -3.76 6.87
C ILE A 43 7.22 -3.03 7.68
N LEU A 44 7.02 -1.73 7.89
CA LEU A 44 7.95 -0.92 8.66
C LEU A 44 7.44 -0.68 10.06
N HIS A 45 8.36 -0.69 11.03
CA HIS A 45 8.00 -0.47 12.42
C HIS A 45 7.76 1.01 12.70
N GLY A 46 6.71 1.30 13.47
CA GLY A 46 6.39 2.68 13.78
C GLY A 46 5.36 3.27 12.85
N GLY A 47 5.28 2.73 11.63
CA GLY A 47 4.33 3.23 10.65
C GLY A 47 2.90 3.16 11.15
N MET A 48 2.02 3.92 10.51
CA MET A 48 0.61 3.94 10.89
C MET A 48 -0.07 2.61 10.59
N ILE A 49 0.52 1.85 9.66
CA ILE A 49 -0.04 0.56 9.28
C ILE A 49 0.45 -0.54 10.23
N HIS A 50 1.71 -0.45 10.62
CA HIS A 50 2.29 -1.43 11.53
C HIS A 50 1.80 -1.20 12.96
N ARG A 51 1.72 0.07 13.34
CA ARG A 51 1.25 0.43 14.68
C ARG A 51 -0.24 0.16 14.82
N GLN A 52 -1.00 0.57 13.83
CA GLN A 52 -2.45 0.37 13.83
C GLN A 52 -2.80 -1.05 13.43
N GLY A 53 -2.12 -1.56 12.41
CA GLY A 53 -2.37 -2.91 11.95
C GLY A 53 -3.41 -2.96 10.84
N SER A 54 -3.03 -2.50 9.66
CA SER A 54 -3.95 -2.49 8.52
C SER A 54 -3.47 -3.46 7.43
N LEU A 55 -2.15 -3.66 7.34
CA LEU A 55 -1.58 -4.55 6.35
C LEU A 55 -0.56 -5.49 6.98
N HIS A 56 -0.14 -6.49 6.22
CA HIS A 56 0.85 -7.46 6.69
C HIS A 56 1.80 -7.87 5.56
N VAL A 57 3.10 -7.85 5.85
CA VAL A 57 4.12 -8.20 4.87
C VAL A 57 3.71 -9.42 4.04
N GLY A 58 3.43 -9.18 2.75
CA GLY A 58 3.04 -10.27 1.88
C GLY A 58 1.65 -10.08 1.29
N ASP A 59 0.77 -9.43 2.04
CA ASP A 59 -0.60 -9.19 1.58
C ASP A 59 -0.58 -8.55 0.19
N GLU A 60 -1.41 -9.07 -0.71
CA GLU A 60 -1.49 -8.54 -2.07
C GLU A 60 -2.56 -7.47 -2.21
N ILE A 61 -2.13 -6.24 -2.49
CA ILE A 61 -3.05 -5.12 -2.66
C ILE A 61 -3.48 -5.01 -4.12
N LEU A 62 -4.65 -5.54 -4.42
CA LEU A 62 -5.17 -5.51 -5.79
C LEU A 62 -5.57 -4.09 -6.20
N GLU A 63 -5.88 -3.25 -5.22
CA GLU A 63 -6.28 -1.88 -5.51
C GLU A 63 -5.72 -0.91 -4.47
N ILE A 64 -5.26 0.24 -4.93
CA ILE A 64 -4.71 1.27 -4.04
C ILE A 64 -5.44 2.59 -4.24
N ASN A 65 -6.39 2.87 -3.35
CA ASN A 65 -7.16 4.10 -3.43
C ASN A 65 -7.96 4.17 -4.71
N GLY A 66 -8.33 2.99 -5.23
CA GLY A 66 -9.10 2.93 -6.46
C GLY A 66 -8.24 2.70 -7.69
N THR A 67 -6.92 2.63 -7.49
CA THR A 67 -6.00 2.40 -8.60
C THR A 67 -4.98 1.33 -8.26
N ASN A 68 -4.75 0.42 -9.20
CA ASN A 68 -3.80 -0.66 -9.01
C ASN A 68 -2.50 -0.38 -9.77
N VAL A 69 -1.45 -0.01 -9.05
CA VAL A 69 -0.16 0.29 -9.66
C VAL A 69 0.35 -0.89 -10.48
N THR A 70 0.88 -0.59 -11.66
CA THR A 70 1.41 -1.62 -12.55
C THR A 70 2.91 -1.43 -12.78
N ASN A 71 3.48 -2.22 -13.67
CA ASN A 71 4.90 -2.13 -13.97
C ASN A 71 5.31 -0.70 -14.32
N HIS A 72 4.35 0.10 -14.77
CA HIS A 72 4.61 1.49 -15.13
C HIS A 72 5.20 2.25 -13.95
N SER A 73 5.22 3.57 -14.05
CA SER A 73 5.76 4.41 -12.98
C SER A 73 4.84 4.38 -11.76
N VAL A 74 5.45 4.21 -10.58
CA VAL A 74 4.70 4.17 -9.34
C VAL A 74 4.53 5.56 -8.75
N ASP A 75 5.40 6.49 -9.15
CA ASP A 75 5.36 7.86 -8.66
C ASP A 75 3.94 8.41 -8.68
N GLN A 76 3.11 7.88 -9.57
CA GLN A 76 1.72 8.30 -9.68
C GLN A 76 0.98 8.09 -8.37
N LEU A 77 1.11 6.88 -7.81
CA LEU A 77 0.46 6.55 -6.55
C LEU A 77 1.25 7.11 -5.37
N GLN A 78 2.57 7.13 -5.49
CA GLN A 78 3.44 7.64 -4.43
C GLN A 78 3.09 9.10 -4.13
N LYS A 79 3.01 9.91 -5.18
CA LYS A 79 2.69 11.32 -5.02
C LYS A 79 1.25 11.50 -4.56
N ALA A 80 0.34 10.76 -5.20
CA ALA A 80 -1.07 10.84 -4.86
C ALA A 80 -1.32 10.36 -3.44
N MET A 81 -0.50 9.42 -2.98
CA MET A 81 -0.63 8.88 -1.63
C MET A 81 -0.13 9.87 -0.60
N LYS A 82 0.86 10.68 -0.98
CA LYS A 82 1.44 11.67 -0.08
C LYS A 82 0.60 12.95 -0.10
N GLU A 83 -0.02 13.23 -1.24
CA GLU A 83 -0.85 14.42 -1.39
C GLU A 83 -2.28 14.16 -0.93
N THR A 84 -2.65 12.89 -0.81
CA THR A 84 -3.99 12.52 -0.39
C THR A 84 -4.29 13.07 1.01
N LYS A 85 -5.55 13.46 1.22
CA LYS A 85 -5.98 14.01 2.50
C LYS A 85 -7.38 13.51 2.85
N GLY A 86 -7.44 12.43 3.61
CA GLY A 86 -8.73 11.87 4.01
C GLY A 86 -8.67 10.37 4.24
N MET A 87 -9.78 9.70 3.99
CA MET A 87 -9.86 8.25 4.17
C MET A 87 -9.40 7.50 2.93
N ILE A 88 -8.37 6.69 3.07
CA ILE A 88 -7.83 5.90 1.96
C ILE A 88 -8.38 4.48 1.99
N SER A 89 -8.87 4.02 0.85
CA SER A 89 -9.41 2.66 0.74
C SER A 89 -8.50 1.78 -0.08
N LEU A 90 -7.91 0.78 0.56
CA LEU A 90 -7.00 -0.14 -0.11
C LEU A 90 -7.55 -1.56 -0.11
N LYS A 91 -7.54 -2.18 -1.29
CA LYS A 91 -8.04 -3.54 -1.43
C LYS A 91 -6.89 -4.53 -1.38
N VAL A 92 -6.91 -5.42 -0.39
CA VAL A 92 -5.84 -6.40 -0.23
C VAL A 92 -6.39 -7.81 -0.03
N ILE A 93 -5.59 -8.81 -0.39
CA ILE A 93 -5.97 -10.20 -0.25
C ILE A 93 -5.01 -10.94 0.68
N PRO A 94 -5.51 -11.55 1.77
CA PRO A 94 -4.68 -12.27 2.72
C PRO A 94 -4.10 -13.55 2.14
N ASN A 95 -2.78 -13.62 2.07
CA ASN A 95 -2.09 -14.79 1.53
C ASN A 95 -1.42 -15.59 2.64
N GLN A 96 -1.53 -16.92 2.57
CA GLN A 96 -0.94 -17.79 3.56
C GLN A 96 -0.08 -18.87 2.91
N GLN A 97 1.23 -18.67 2.91
CA GLN A 97 2.15 -19.62 2.31
C GLN A 97 3.30 -19.95 3.26
N ARG B 7 12.88 -6.57 -9.59
CA ARG B 7 12.52 -6.90 -8.19
C ARG B 7 12.67 -5.68 -7.29
N LYS B 8 11.83 -4.68 -7.51
CA LYS B 8 11.88 -3.46 -6.71
C LYS B 8 10.67 -3.37 -5.78
N GLU B 9 10.78 -2.52 -4.77
CA GLU B 9 9.71 -2.33 -3.80
C GLU B 9 9.67 -0.87 -3.38
N TYR B 10 8.47 -0.32 -3.41
CA TYR B 10 8.25 1.07 -3.04
C TYR B 10 7.71 1.20 -1.64
N CYS B 11 8.19 2.21 -0.93
CA CYS B 11 7.72 2.47 0.42
C CYS B 11 6.83 3.70 0.38
N ILE B 12 5.56 3.51 0.69
CA ILE B 12 4.61 4.60 0.64
C ILE B 12 3.49 4.41 1.67
N VAL A 13 -11.00 -11.27 -0.35
CA VAL A 13 -10.63 -9.84 -0.56
C VAL A 13 -11.26 -8.95 0.50
N ARG A 14 -10.42 -8.23 1.23
CA ARG A 14 -10.89 -7.33 2.28
C ARG A 14 -10.62 -5.87 1.91
N LEU A 15 -11.40 -4.97 2.49
CA LEU A 15 -11.26 -3.55 2.23
C LEU A 15 -10.96 -2.78 3.50
N ILE A 16 -9.70 -2.44 3.71
CA ILE A 16 -9.28 -1.70 4.89
C ILE A 16 -9.36 -0.20 4.64
N GLN A 17 -9.76 0.56 5.65
CA GLN A 17 -9.88 2.00 5.51
C GLN A 17 -9.23 2.74 6.67
N PHE A 18 -8.41 3.74 6.35
CA PHE A 18 -7.74 4.55 7.35
C PHE A 18 -7.59 5.98 6.85
N GLU A 19 -7.84 6.95 7.73
CA GLU A 19 -7.75 8.35 7.37
C GLU A 19 -6.30 8.84 7.39
N LYS A 20 -5.94 9.66 6.41
CA LYS A 20 -4.59 10.20 6.31
C LYS A 20 -4.65 11.72 6.14
N VAL A 21 -4.21 12.43 7.16
CA VAL A 21 -4.23 13.90 7.13
C VAL A 21 -2.81 14.48 7.20
N THR A 22 -1.87 13.69 7.72
CA THR A 22 -0.50 14.13 7.84
C THR A 22 0.32 13.76 6.62
N GLU A 23 1.35 14.56 6.33
CA GLU A 23 2.21 14.32 5.18
C GLU A 23 3.33 13.38 5.57
N GLU A 24 3.06 12.09 5.43
CA GLU A 24 4.02 11.06 5.77
C GLU A 24 3.58 9.70 5.24
N PRO A 25 4.54 8.80 4.97
CA PRO A 25 4.24 7.46 4.45
C PRO A 25 3.29 6.69 5.36
N MET A 26 2.39 5.92 4.76
CA MET A 26 1.41 5.14 5.52
C MET A 26 2.11 4.23 6.54
N GLY A 27 3.27 3.69 6.14
CA GLY A 27 4.01 2.82 7.03
C GLY A 27 4.15 1.41 6.47
N ILE A 28 4.16 1.29 5.15
CA ILE A 28 4.29 0.01 4.50
C ILE A 28 5.09 0.13 3.21
N CYS A 29 5.54 -1.01 2.69
CA CYS A 29 6.32 -1.03 1.45
C CYS A 29 5.78 -2.08 0.50
N LEU A 30 5.40 -1.65 -0.70
CA LEU A 30 4.84 -2.56 -1.71
C LEU A 30 5.61 -2.46 -3.02
N LYS A 31 5.52 -3.51 -3.83
CA LYS A 31 6.21 -3.53 -5.12
C LYS A 31 5.35 -4.19 -6.19
N LEU A 32 5.71 -3.98 -7.46
CA LEU A 32 4.96 -4.56 -8.57
C LEU A 32 5.73 -5.74 -9.16
N ASN A 33 5.28 -6.94 -8.83
CA ASN A 33 5.90 -8.16 -9.32
C ASN A 33 5.68 -8.31 -10.83
N GLU A 34 6.26 -9.35 -11.41
CA GLU A 34 6.13 -9.60 -12.85
C GLU A 34 4.65 -9.56 -13.27
N LYS A 35 3.77 -9.88 -12.33
CA LYS A 35 2.34 -9.88 -12.60
C LYS A 35 1.78 -8.45 -12.61
N GLN A 36 2.54 -7.51 -12.09
CA GLN A 36 2.12 -6.11 -12.05
C GLN A 36 1.01 -5.92 -11.02
N SER A 37 1.40 -5.66 -9.77
CA SER A 37 0.44 -5.45 -8.70
C SER A 37 1.14 -4.96 -7.44
N CYS A 38 0.44 -4.16 -6.65
CA CYS A 38 1.02 -3.62 -5.43
C CYS A 38 0.82 -4.57 -4.25
N THR A 39 1.92 -5.15 -3.78
CA THR A 39 1.88 -6.06 -2.65
C THR A 39 2.93 -5.65 -1.63
N VAL A 40 2.55 -5.58 -0.36
CA VAL A 40 3.48 -5.17 0.67
C VAL A 40 4.68 -6.10 0.70
N ALA A 41 5.81 -5.60 0.21
CA ALA A 41 7.04 -6.36 0.17
C ALA A 41 7.62 -6.52 1.57
N ARG A 42 7.27 -5.60 2.47
CA ARG A 42 7.75 -5.65 3.84
C ARG A 42 7.04 -4.62 4.71
N ILE A 43 6.69 -5.01 5.93
CA ILE A 43 6.01 -4.11 6.85
C ILE A 43 7.02 -3.27 7.63
N LEU A 44 7.08 -1.98 7.31
CA LEU A 44 8.00 -1.07 7.99
C LEU A 44 7.69 -0.98 9.48
N HIS A 45 8.73 -0.80 10.28
CA HIS A 45 8.58 -0.70 11.73
C HIS A 45 8.16 0.72 12.13
N GLY A 46 7.11 0.80 12.93
CA GLY A 46 6.62 2.10 13.37
C GLY A 46 5.62 2.71 12.41
N GLY A 47 5.27 1.97 11.36
CA GLY A 47 4.32 2.48 10.38
C GLY A 47 2.90 2.45 10.89
N MET A 48 2.03 3.24 10.26
CA MET A 48 0.62 3.30 10.65
C MET A 48 -0.03 1.93 10.51
N ILE A 49 0.44 1.15 9.55
CA ILE A 49 -0.10 -0.18 9.31
C ILE A 49 0.51 -1.19 10.28
N HIS A 50 1.75 -0.96 10.68
CA HIS A 50 2.44 -1.83 11.61
C HIS A 50 1.98 -1.58 13.04
N ARG A 51 2.05 -0.31 13.46
CA ARG A 51 1.64 0.07 14.80
C ARG A 51 0.16 -0.24 15.01
N GLN A 52 -0.66 0.13 14.03
CA GLN A 52 -2.10 -0.11 14.11
C GLN A 52 -2.41 -1.57 13.78
N GLY A 53 -1.76 -2.10 12.76
CA GLY A 53 -1.98 -3.48 12.37
C GLY A 53 -3.17 -3.64 11.45
N SER A 54 -3.06 -3.12 10.24
CA SER A 54 -4.13 -3.20 9.25
C SER A 54 -3.75 -4.10 8.09
N LEU A 55 -2.45 -4.32 7.91
CA LEU A 55 -1.96 -5.16 6.82
C LEU A 55 -0.77 -6.01 7.28
N HIS A 56 -0.37 -6.95 6.43
CA HIS A 56 0.77 -7.82 6.74
C HIS A 56 1.63 -8.03 5.50
N VAL A 57 2.95 -8.09 5.71
CA VAL A 57 3.89 -8.28 4.61
C VAL A 57 3.46 -9.41 3.68
N GLY A 58 3.28 -9.08 2.40
CA GLY A 58 2.86 -10.07 1.43
C GLY A 58 1.44 -9.84 0.94
N ASP A 59 0.65 -9.11 1.73
CA ASP A 59 -0.72 -8.81 1.36
C ASP A 59 -0.79 -8.22 -0.04
N GLU A 60 -1.53 -8.87 -0.93
CA GLU A 60 -1.66 -8.39 -2.31
C GLU A 60 -2.76 -7.35 -2.45
N ILE A 61 -2.36 -6.10 -2.63
CA ILE A 61 -3.31 -5.01 -2.78
C ILE A 61 -3.77 -4.88 -4.23
N LEU A 62 -4.92 -5.47 -4.53
CA LEU A 62 -5.47 -5.44 -5.88
C LEU A 62 -5.68 -4.01 -6.36
N GLU A 63 -5.94 -3.10 -5.42
CA GLU A 63 -6.15 -1.70 -5.76
C GLU A 63 -5.82 -0.78 -4.59
N ILE A 64 -5.29 0.39 -4.90
CA ILE A 64 -4.92 1.36 -3.88
C ILE A 64 -5.75 2.63 -4.03
N ASN A 65 -6.75 2.78 -3.16
CA ASN A 65 -7.62 3.95 -3.20
C ASN A 65 -8.27 4.09 -4.57
N GLY A 66 -8.41 2.98 -5.29
CA GLY A 66 -9.01 3.01 -6.60
C GLY A 66 -7.98 3.08 -7.71
N THR A 67 -6.77 2.64 -7.43
CA THR A 67 -5.68 2.67 -8.42
C THR A 67 -4.94 1.34 -8.48
N ASN A 68 -4.90 0.74 -9.66
CA ASN A 68 -4.21 -0.53 -9.86
C ASN A 68 -2.89 -0.32 -10.58
N VAL A 69 -1.86 0.05 -9.82
CA VAL A 69 -0.54 0.29 -10.38
C VAL A 69 -0.02 -0.94 -11.15
N THR A 70 0.92 -0.71 -12.05
CA THR A 70 1.49 -1.79 -12.84
C THR A 70 3.01 -1.64 -12.93
N ASN A 71 3.64 -2.49 -13.75
CA ASN A 71 5.09 -2.45 -13.93
C ASN A 71 5.54 -1.11 -14.51
N HIS A 72 4.60 -0.34 -15.03
CA HIS A 72 4.91 0.97 -15.61
C HIS A 72 5.57 1.89 -14.57
N SER A 73 4.92 3.00 -14.24
CA SER A 73 5.47 3.93 -13.25
C SER A 73 4.68 3.89 -11.95
N VAL A 74 5.39 3.82 -10.83
CA VAL A 74 4.76 3.79 -9.51
C VAL A 74 4.55 5.20 -8.97
N ASP A 75 5.30 6.16 -9.52
CA ASP A 75 5.20 7.54 -9.09
C ASP A 75 3.75 7.99 -8.96
N GLN A 76 2.87 7.35 -9.73
CA GLN A 76 1.45 7.68 -9.70
C GLN A 76 0.89 7.48 -8.29
N LEU A 77 1.32 6.41 -7.63
CA LEU A 77 0.86 6.12 -6.27
C LEU A 77 1.62 6.98 -5.26
N GLN A 78 2.94 6.97 -5.35
CA GLN A 78 3.77 7.75 -4.43
C GLN A 78 3.29 9.20 -4.37
N LYS A 79 3.04 9.79 -5.52
CA LYS A 79 2.57 11.17 -5.61
C LYS A 79 1.19 11.30 -4.98
N ALA A 80 0.25 10.48 -5.46
CA ALA A 80 -1.12 10.52 -4.95
C ALA A 80 -1.18 10.21 -3.46
N MET A 81 -0.79 8.99 -3.09
CA MET A 81 -0.80 8.57 -1.69
C MET A 81 -0.19 9.63 -0.78
N LYS A 82 0.83 10.32 -1.27
CA LYS A 82 1.50 11.36 -0.49
C LYS A 82 0.71 12.66 -0.53
N GLU A 83 -0.06 12.87 -1.59
CA GLU A 83 -0.85 14.08 -1.75
C GLU A 83 -2.31 13.86 -1.34
N THR A 84 -2.62 12.65 -0.86
CA THR A 84 -3.98 12.33 -0.44
C THR A 84 -4.31 13.00 0.89
N LYS A 85 -5.59 13.34 1.08
CA LYS A 85 -6.05 13.98 2.30
C LYS A 85 -7.48 13.61 2.61
N GLY A 86 -7.66 12.52 3.36
CA GLY A 86 -9.00 12.07 3.71
C GLY A 86 -9.02 10.62 4.15
N MET A 87 -9.93 9.84 3.58
CA MET A 87 -10.05 8.43 3.93
C MET A 87 -9.58 7.55 2.77
N ILE A 88 -8.60 6.69 3.05
CA ILE A 88 -8.06 5.80 2.04
C ILE A 88 -8.71 4.41 2.12
N SER A 89 -8.92 3.80 0.96
CA SER A 89 -9.50 2.46 0.89
C SER A 89 -8.59 1.53 0.09
N LEU A 90 -8.03 0.54 0.77
CA LEU A 90 -7.13 -0.40 0.12
C LEU A 90 -7.75 -1.79 0.01
N LYS A 91 -7.83 -2.29 -1.23
CA LYS A 91 -8.38 -3.61 -1.49
C LYS A 91 -7.24 -4.61 -1.62
N VAL A 92 -7.05 -5.43 -0.59
CA VAL A 92 -5.98 -6.41 -0.59
C VAL A 92 -6.46 -7.78 -0.11
N ILE A 93 -5.92 -8.83 -0.72
CA ILE A 93 -6.26 -10.19 -0.36
C ILE A 93 -5.05 -10.91 0.27
N PRO A 94 -5.24 -11.56 1.44
CA PRO A 94 -4.16 -12.27 2.12
C PRO A 94 -3.56 -13.37 1.25
N ASN A 95 -2.23 -13.48 1.26
CA ASN A 95 -1.54 -14.49 0.48
C ASN A 95 -0.45 -15.18 1.30
N GLN A 96 -0.61 -15.16 2.62
CA GLN A 96 0.35 -15.78 3.52
C GLN A 96 0.02 -15.47 4.97
N GLN A 97 0.03 -16.50 5.82
CA GLN A 97 -0.27 -16.34 7.23
C GLN A 97 -1.68 -15.80 7.43
N ARG B 7 14.01 -6.19 -8.64
CA ARG B 7 14.13 -6.19 -7.15
C ARG B 7 13.89 -4.79 -6.58
N LYS B 8 12.72 -4.22 -6.90
CA LYS B 8 12.37 -2.89 -6.43
C LYS B 8 11.32 -2.97 -5.33
N GLU B 9 11.10 -1.85 -4.66
CA GLU B 9 10.13 -1.77 -3.58
C GLU B 9 9.82 -0.31 -3.27
N TYR B 10 8.55 -0.02 -3.09
CA TYR B 10 8.11 1.33 -2.82
C TYR B 10 7.53 1.44 -1.42
N CYS B 11 7.97 2.43 -0.68
CA CYS B 11 7.45 2.66 0.67
C CYS B 11 6.54 3.86 0.64
N ILE B 12 5.28 3.62 0.92
CA ILE B 12 4.28 4.68 0.90
C ILE B 12 3.18 4.43 1.93
N VAL A 13 -11.24 -10.84 -1.25
CA VAL A 13 -11.00 -9.37 -1.40
C VAL A 13 -11.42 -8.61 -0.15
N ARG A 14 -10.43 -8.03 0.53
CA ARG A 14 -10.70 -7.27 1.75
C ARG A 14 -10.50 -5.78 1.50
N LEU A 15 -11.27 -4.96 2.21
CA LEU A 15 -11.18 -3.51 2.06
C LEU A 15 -10.69 -2.86 3.35
N ILE A 16 -9.39 -2.55 3.38
CA ILE A 16 -8.80 -1.91 4.55
C ILE A 16 -8.85 -0.39 4.41
N GLN A 17 -9.67 0.25 5.23
CA GLN A 17 -9.83 1.69 5.18
C GLN A 17 -9.31 2.37 6.44
N PHE A 18 -8.48 3.39 6.26
CA PHE A 18 -7.93 4.14 7.38
C PHE A 18 -7.85 5.62 7.02
N GLU A 19 -8.05 6.48 8.02
CA GLU A 19 -8.02 7.92 7.80
C GLU A 19 -6.58 8.44 7.75
N LYS A 20 -6.35 9.42 6.88
CA LYS A 20 -5.02 10.01 6.73
C LYS A 20 -5.10 11.52 6.83
N VAL A 21 -4.54 12.07 7.90
CA VAL A 21 -4.55 13.51 8.12
C VAL A 21 -3.17 14.12 7.87
N THR A 22 -2.14 13.33 8.12
CA THR A 22 -0.77 13.79 7.93
C THR A 22 -0.27 13.49 6.52
N GLU A 23 0.57 14.37 6.00
CA GLU A 23 1.12 14.19 4.66
C GLU A 23 2.52 13.61 4.73
N GLU A 24 2.60 12.29 4.59
CA GLU A 24 3.87 11.59 4.65
C GLU A 24 3.69 10.12 4.32
N PRO A 25 4.80 9.34 4.30
CA PRO A 25 4.75 7.91 4.01
C PRO A 25 3.78 7.16 4.91
N MET A 26 2.85 6.44 4.29
CA MET A 26 1.85 5.67 5.03
C MET A 26 2.51 4.85 6.15
N GLY A 27 3.58 4.15 5.80
CA GLY A 27 4.27 3.34 6.79
C GLY A 27 4.65 1.96 6.28
N ILE A 28 4.16 1.60 5.10
CA ILE A 28 4.44 0.30 4.52
C ILE A 28 5.21 0.44 3.21
N CYS A 29 5.75 -0.68 2.73
CA CYS A 29 6.50 -0.69 1.48
C CYS A 29 5.98 -1.81 0.58
N LEU A 30 5.57 -1.46 -0.63
CA LEU A 30 5.04 -2.43 -1.58
C LEU A 30 5.86 -2.45 -2.87
N LYS A 31 5.79 -3.56 -3.59
CA LYS A 31 6.52 -3.71 -4.85
C LYS A 31 5.70 -4.42 -5.90
N LEU A 32 6.09 -4.25 -7.16
CA LEU A 32 5.39 -4.88 -8.28
C LEU A 32 6.00 -6.25 -8.58
N ASN A 33 5.32 -7.30 -8.15
CA ASN A 33 5.78 -8.66 -8.37
C ASN A 33 5.83 -8.99 -9.86
N GLU A 34 6.31 -10.18 -10.20
CA GLU A 34 6.41 -10.61 -11.59
C GLU A 34 5.07 -10.43 -12.31
N LYS A 35 3.98 -10.40 -11.54
CA LYS A 35 2.65 -10.23 -12.11
C LYS A 35 2.20 -8.77 -12.04
N GLN A 36 3.15 -7.87 -11.81
CA GLN A 36 2.84 -6.44 -11.73
C GLN A 36 1.67 -6.20 -10.78
N SER A 37 1.97 -6.17 -9.48
CA SER A 37 0.94 -5.94 -8.47
C SER A 37 1.52 -5.31 -7.22
N CYS A 38 0.70 -4.61 -6.46
CA CYS A 38 1.16 -3.96 -5.24
C CYS A 38 1.07 -4.90 -4.05
N THR A 39 2.24 -5.31 -3.53
CA THR A 39 2.31 -6.21 -2.39
C THR A 39 3.31 -5.67 -1.39
N VAL A 40 2.90 -5.52 -0.13
CA VAL A 40 3.80 -5.00 0.88
C VAL A 40 5.04 -5.87 1.00
N ALA A 41 6.14 -5.34 0.48
CA ALA A 41 7.41 -6.05 0.50
C ALA A 41 8.02 -6.08 1.90
N ARG A 42 7.63 -5.12 2.73
CA ARG A 42 8.14 -5.05 4.09
C ARG A 42 7.41 -3.97 4.90
N ILE A 43 7.02 -4.34 6.12
CA ILE A 43 6.31 -3.41 6.99
C ILE A 43 7.29 -2.55 7.77
N LEU A 44 7.35 -1.26 7.43
CA LEU A 44 8.25 -0.34 8.12
C LEU A 44 7.85 -0.14 9.57
N HIS A 45 8.84 -0.01 10.45
CA HIS A 45 8.60 0.18 11.87
C HIS A 45 8.19 1.62 12.15
N GLY A 46 7.14 1.79 12.95
CA GLY A 46 6.67 3.11 13.29
C GLY A 46 5.59 3.61 12.34
N GLY A 47 5.52 3.02 11.16
CA GLY A 47 4.52 3.43 10.19
C GLY A 47 3.11 3.32 10.72
N MET A 48 2.17 3.98 10.04
CA MET A 48 0.77 3.95 10.45
C MET A 48 0.22 2.53 10.46
N ILE A 49 0.55 1.77 9.42
CA ILE A 49 0.10 0.39 9.30
C ILE A 49 0.74 -0.49 10.37
N HIS A 50 2.01 -0.24 10.65
CA HIS A 50 2.75 -1.00 11.65
C HIS A 50 2.27 -0.65 13.06
N ARG A 51 2.10 0.64 13.31
CA ARG A 51 1.63 1.11 14.61
C ARG A 51 0.18 0.73 14.83
N GLN A 52 -0.67 1.08 13.86
CA GLN A 52 -2.09 0.77 13.96
C GLN A 52 -2.34 -0.71 13.77
N GLY A 53 -1.80 -1.26 12.69
CA GLY A 53 -1.97 -2.68 12.42
C GLY A 53 -3.14 -2.96 11.50
N SER A 54 -2.85 -3.29 10.25
CA SER A 54 -3.88 -3.58 9.27
C SER A 54 -3.40 -4.59 8.23
N LEU A 55 -2.18 -4.36 7.73
CA LEU A 55 -1.59 -5.25 6.73
C LEU A 55 -0.33 -5.91 7.27
N HIS A 56 0.21 -6.85 6.51
CA HIS A 56 1.43 -7.55 6.90
C HIS A 56 2.33 -7.81 5.69
N VAL A 57 3.64 -7.72 5.91
CA VAL A 57 4.61 -7.94 4.83
C VAL A 57 4.27 -9.15 3.99
N GLY A 58 3.89 -8.92 2.74
CA GLY A 58 3.55 -10.00 1.85
C GLY A 58 2.10 -9.97 1.41
N ASP A 59 1.25 -9.31 2.20
CA ASP A 59 -0.17 -9.21 1.88
C ASP A 59 -0.38 -8.79 0.43
N GLU A 60 -1.37 -9.38 -0.22
CA GLU A 60 -1.66 -9.07 -1.63
C GLU A 60 -2.70 -7.96 -1.76
N ILE A 61 -2.26 -6.81 -2.24
CA ILE A 61 -3.16 -5.66 -2.44
C ILE A 61 -3.59 -5.57 -3.90
N LEU A 62 -4.85 -5.88 -4.16
CA LEU A 62 -5.39 -5.85 -5.51
C LEU A 62 -5.54 -4.41 -6.02
N GLU A 63 -5.73 -3.47 -5.10
CA GLU A 63 -5.89 -2.08 -5.50
C GLU A 63 -5.46 -1.12 -4.38
N ILE A 64 -5.11 0.10 -4.76
CA ILE A 64 -4.70 1.12 -3.81
C ILE A 64 -5.48 2.42 -4.04
N ASN A 65 -6.48 2.65 -3.21
CA ASN A 65 -7.31 3.84 -3.33
C ASN A 65 -8.13 3.80 -4.61
N GLY A 66 -8.37 2.60 -5.12
CA GLY A 66 -9.14 2.45 -6.34
C GLY A 66 -8.26 2.32 -7.58
N THR A 67 -6.95 2.20 -7.38
CA THR A 67 -6.02 2.07 -8.49
C THR A 67 -5.01 0.95 -8.25
N ASN A 68 -4.91 0.05 -9.23
CA ASN A 68 -3.98 -1.07 -9.13
C ASN A 68 -2.61 -0.68 -9.66
N VAL A 69 -1.60 -0.79 -8.81
CA VAL A 69 -0.23 -0.44 -9.20
C VAL A 69 0.39 -1.55 -10.05
N THR A 70 0.76 -1.19 -11.27
CA THR A 70 1.37 -2.14 -12.20
C THR A 70 2.86 -1.84 -12.39
N ASN A 71 3.45 -2.46 -13.40
CA ASN A 71 4.86 -2.25 -13.69
C ASN A 71 5.12 -0.84 -14.18
N HIS A 72 4.07 -0.14 -14.60
CA HIS A 72 4.20 1.23 -15.10
C HIS A 72 4.84 2.11 -14.02
N SER A 73 4.77 3.42 -14.22
CA SER A 73 5.36 4.35 -13.25
C SER A 73 4.57 4.34 -11.96
N VAL A 74 5.28 4.26 -10.84
CA VAL A 74 4.65 4.24 -9.52
C VAL A 74 4.48 5.66 -8.98
N ASP A 75 5.34 6.56 -9.43
CA ASP A 75 5.30 7.96 -9.00
C ASP A 75 3.87 8.50 -8.99
N GLN A 76 3.03 7.94 -9.85
CA GLN A 76 1.64 8.37 -9.94
C GLN A 76 0.91 8.12 -8.62
N LEU A 77 1.01 6.89 -8.12
CA LEU A 77 0.38 6.53 -6.87
C LEU A 77 1.21 6.99 -5.68
N GLN A 78 2.53 7.04 -5.88
CA GLN A 78 3.44 7.47 -4.82
C GLN A 78 3.17 8.92 -4.42
N LYS A 79 2.96 9.77 -5.43
CA LYS A 79 2.68 11.18 -5.19
C LYS A 79 1.25 11.38 -4.70
N ALA A 80 0.32 10.65 -5.31
CA ALA A 80 -1.09 10.75 -4.94
C ALA A 80 -1.32 10.26 -3.51
N MET A 81 -0.71 9.13 -3.16
CA MET A 81 -0.85 8.56 -1.83
C MET A 81 -0.10 9.40 -0.80
N LYS A 82 0.98 10.05 -1.24
CA LYS A 82 1.77 10.89 -0.35
C LYS A 82 1.08 12.22 -0.09
N GLU A 83 0.28 12.67 -1.06
CA GLU A 83 -0.43 13.93 -0.93
C GLU A 83 -1.91 13.71 -0.65
N THR A 84 -2.33 12.44 -0.56
CA THR A 84 -3.72 12.11 -0.30
C THR A 84 -4.17 12.67 1.05
N LYS A 85 -5.46 12.91 1.18
CA LYS A 85 -6.01 13.44 2.42
C LYS A 85 -7.44 12.97 2.64
N GLY A 86 -7.66 12.22 3.72
CA GLY A 86 -8.99 11.72 4.01
C GLY A 86 -8.98 10.23 4.32
N MET A 87 -10.10 9.57 4.06
CA MET A 87 -10.22 8.14 4.31
C MET A 87 -9.70 7.34 3.12
N ILE A 88 -8.61 6.61 3.33
CA ILE A 88 -8.01 5.79 2.28
C ILE A 88 -8.67 4.43 2.21
N SER A 89 -8.72 3.87 1.01
CA SER A 89 -9.33 2.55 0.80
C SER A 89 -8.37 1.65 0.03
N LEU A 90 -7.92 0.58 0.69
CA LEU A 90 -6.98 -0.35 0.07
C LEU A 90 -7.59 -1.75 -0.05
N LYS A 91 -7.48 -2.34 -1.22
CA LYS A 91 -8.00 -3.68 -1.46
C LYS A 91 -6.88 -4.70 -1.28
N VAL A 92 -6.92 -5.42 -0.16
CA VAL A 92 -5.88 -6.41 0.11
C VAL A 92 -6.46 -7.69 0.71
N ILE A 93 -5.70 -8.78 0.58
CA ILE A 93 -6.12 -10.07 1.11
C ILE A 93 -4.94 -10.78 1.78
N PRO A 94 -5.11 -11.23 3.04
CA PRO A 94 -4.05 -11.92 3.78
C PRO A 94 -3.62 -13.21 3.09
N ASN A 95 -2.35 -13.28 2.72
CA ASN A 95 -1.80 -14.47 2.06
C ASN A 95 -2.60 -14.79 0.80
N GLN A 96 -2.41 -16.00 0.28
CA GLN A 96 -3.11 -16.43 -0.91
C GLN A 96 -4.14 -17.52 -0.58
N GLN A 97 -4.31 -18.48 -1.47
CA GLN A 97 -5.26 -19.57 -1.26
C GLN A 97 -6.68 -19.04 -1.16
N ARG B 7 12.90 -6.69 -8.80
CA ARG B 7 13.66 -6.31 -7.58
C ARG B 7 13.39 -4.85 -7.21
N LYS B 8 12.14 -4.44 -7.32
CA LYS B 8 11.74 -3.07 -6.99
C LYS B 8 11.03 -3.01 -5.64
N GLU B 9 10.86 -1.80 -5.12
CA GLU B 9 10.19 -1.60 -3.84
C GLU B 9 9.87 -0.13 -3.65
N TYR B 10 8.68 0.15 -3.19
CA TYR B 10 8.23 1.51 -2.97
C TYR B 10 7.66 1.67 -1.57
N CYS B 11 8.09 2.72 -0.89
CA CYS B 11 7.57 3.00 0.45
C CYS B 11 6.63 4.17 0.35
N ILE B 12 5.37 3.92 0.65
CA ILE B 12 4.35 4.94 0.55
C ILE B 12 3.26 4.73 1.60
N VAL A 13 -12.06 -10.41 -0.25
CA VAL A 13 -11.47 -9.07 -0.48
C VAL A 13 -11.59 -8.20 0.78
N ARG A 14 -10.45 -7.74 1.28
CA ARG A 14 -10.43 -6.90 2.48
C ARG A 14 -10.37 -5.42 2.09
N LEU A 15 -11.22 -4.62 2.73
CA LEU A 15 -11.26 -3.19 2.47
C LEU A 15 -10.73 -2.40 3.67
N ILE A 16 -9.49 -1.92 3.55
CA ILE A 16 -8.87 -1.14 4.61
C ILE A 16 -9.18 0.34 4.45
N GLN A 17 -9.80 0.93 5.45
CA GLN A 17 -10.17 2.34 5.42
C GLN A 17 -9.51 3.11 6.56
N PHE A 18 -8.74 4.14 6.20
CA PHE A 18 -8.07 4.97 7.18
C PHE A 18 -7.86 6.38 6.64
N GLU A 19 -8.13 7.38 7.48
CA GLU A 19 -7.99 8.77 7.08
C GLU A 19 -6.54 9.22 7.16
N LYS A 20 -6.11 10.00 6.17
CA LYS A 20 -4.74 10.51 6.14
C LYS A 20 -4.76 12.02 5.93
N VAL A 21 -4.35 12.76 6.95
CA VAL A 21 -4.33 14.21 6.88
C VAL A 21 -2.98 14.77 7.38
N THR A 22 -2.00 13.89 7.52
CA THR A 22 -0.69 14.31 8.00
C THR A 22 0.37 14.09 6.94
N GLU A 23 1.52 14.73 7.12
CA GLU A 23 2.63 14.61 6.18
C GLU A 23 3.53 13.46 6.58
N GLU A 24 3.09 12.25 6.25
CA GLU A 24 3.82 11.06 6.60
C GLU A 24 3.28 9.83 5.86
N PRO A 25 4.14 9.09 5.15
CA PRO A 25 3.73 7.89 4.40
C PRO A 25 2.92 6.93 5.25
N MET A 26 2.28 5.97 4.60
CA MET A 26 1.46 4.98 5.30
C MET A 26 2.28 4.21 6.32
N GLY A 27 3.42 3.67 5.88
CA GLY A 27 4.28 2.92 6.77
C GLY A 27 4.52 1.49 6.29
N ILE A 28 4.32 1.26 5.00
CA ILE A 28 4.52 -0.06 4.43
C ILE A 28 5.25 0.04 3.09
N CYS A 29 5.74 -1.09 2.60
CA CYS A 29 6.45 -1.12 1.32
C CYS A 29 5.90 -2.23 0.44
N LEU A 30 5.48 -1.86 -0.78
CA LEU A 30 4.93 -2.81 -1.74
C LEU A 30 5.61 -2.68 -3.09
N LYS A 31 5.57 -3.75 -3.87
CA LYS A 31 6.19 -3.76 -5.19
C LYS A 31 5.26 -4.38 -6.24
N LEU A 32 5.59 -4.20 -7.51
CA LEU A 32 4.81 -4.75 -8.60
C LEU A 32 5.48 -6.00 -9.17
N ASN A 33 4.91 -7.16 -8.87
CA ASN A 33 5.45 -8.42 -9.34
C ASN A 33 5.39 -8.50 -10.86
N GLU A 34 5.94 -9.59 -11.41
CA GLU A 34 5.95 -9.79 -12.86
C GLU A 34 4.55 -9.61 -13.45
N LYS A 35 3.53 -9.79 -12.62
CA LYS A 35 2.15 -9.64 -13.08
C LYS A 35 1.60 -8.26 -12.75
N GLN A 36 2.48 -7.32 -12.43
CA GLN A 36 2.07 -5.96 -12.10
C GLN A 36 1.04 -5.98 -10.98
N SER A 37 1.50 -6.21 -9.75
CA SER A 37 0.60 -6.23 -8.60
C SER A 37 1.28 -5.64 -7.38
N CYS A 38 0.57 -4.76 -6.67
CA CYS A 38 1.13 -4.13 -5.49
C CYS A 38 0.88 -4.96 -4.24
N THR A 39 1.97 -5.49 -3.67
CA THR A 39 1.90 -6.30 -2.47
C THR A 39 2.97 -5.86 -1.49
N VAL A 40 2.62 -5.71 -0.22
CA VAL A 40 3.58 -5.26 0.77
C VAL A 40 4.76 -6.23 0.83
N ALA A 41 5.89 -5.79 0.29
CA ALA A 41 7.10 -6.59 0.27
C ALA A 41 7.70 -6.69 1.68
N ARG A 42 7.40 -5.70 2.51
CA ARG A 42 7.90 -5.67 3.88
C ARG A 42 7.28 -4.52 4.66
N ILE A 43 6.78 -4.80 5.85
CA ILE A 43 6.17 -3.78 6.68
C ILE A 43 7.23 -3.07 7.52
N LEU A 44 7.11 -1.76 7.62
CA LEU A 44 8.07 -0.96 8.39
C LEU A 44 7.53 -0.67 9.79
N HIS A 45 8.44 -0.70 10.77
CA HIS A 45 8.06 -0.44 12.15
C HIS A 45 7.82 1.05 12.38
N GLY A 46 6.83 1.37 13.21
CA GLY A 46 6.52 2.76 13.50
C GLY A 46 5.37 3.28 12.65
N GLY A 47 5.23 2.72 11.45
CA GLY A 47 4.16 3.13 10.56
C GLY A 47 2.79 2.89 11.15
N MET A 48 1.79 3.59 10.61
CA MET A 48 0.42 3.45 11.10
C MET A 48 -0.11 2.05 10.81
N ILE A 49 0.36 1.44 9.73
CA ILE A 49 -0.06 0.09 9.36
C ILE A 49 0.52 -0.94 10.31
N HIS A 50 1.75 -0.71 10.75
CA HIS A 50 2.43 -1.62 11.67
C HIS A 50 1.96 -1.40 13.11
N ARG A 51 1.93 -0.12 13.50
CA ARG A 51 1.49 0.23 14.85
C ARG A 51 0.01 -0.12 15.06
N GLN A 52 -0.81 0.24 14.09
CA GLN A 52 -2.24 -0.05 14.14
C GLN A 52 -2.52 -1.50 13.76
N GLY A 53 -1.83 -1.96 12.72
CA GLY A 53 -2.01 -3.33 12.25
C GLY A 53 -3.19 -3.46 11.30
N SER A 54 -3.03 -2.93 10.10
CA SER A 54 -4.07 -3.00 9.09
C SER A 54 -3.69 -3.95 7.95
N LEU A 55 -2.39 -4.12 7.75
CA LEU A 55 -1.91 -5.01 6.70
C LEU A 55 -0.78 -5.90 7.22
N HIS A 56 -0.42 -6.91 6.42
CA HIS A 56 0.65 -7.84 6.79
C HIS A 56 1.60 -8.05 5.62
N VAL A 57 2.90 -8.05 5.91
CA VAL A 57 3.92 -8.25 4.89
C VAL A 57 3.55 -9.42 3.97
N GLY A 58 3.33 -9.11 2.70
CA GLY A 58 2.98 -10.15 1.74
C GLY A 58 1.56 -10.03 1.24
N ASP A 59 0.72 -9.30 1.98
CA ASP A 59 -0.68 -9.11 1.59
C ASP A 59 -0.77 -8.54 0.18
N GLU A 60 -1.63 -9.13 -0.63
CA GLU A 60 -1.80 -8.69 -2.02
C GLU A 60 -2.87 -7.61 -2.13
N ILE A 61 -2.46 -6.40 -2.47
CA ILE A 61 -3.40 -5.29 -2.63
C ILE A 61 -3.97 -5.25 -4.04
N LEU A 62 -5.18 -5.77 -4.19
CA LEU A 62 -5.85 -5.79 -5.50
C LEU A 62 -5.96 -4.39 -6.08
N GLU A 63 -6.07 -3.39 -5.20
CA GLU A 63 -6.19 -2.01 -5.64
C GLU A 63 -5.81 -1.04 -4.53
N ILE A 64 -5.15 0.06 -4.90
CA ILE A 64 -4.74 1.07 -3.93
C ILE A 64 -5.51 2.37 -4.14
N ASN A 65 -6.47 2.63 -3.25
CA ASN A 65 -7.28 3.84 -3.35
C ASN A 65 -8.01 3.88 -4.68
N GLY A 66 -8.34 2.71 -5.21
CA GLY A 66 -9.04 2.63 -6.48
C GLY A 66 -8.09 2.62 -7.67
N THR A 67 -6.80 2.41 -7.40
CA THR A 67 -5.80 2.38 -8.46
C THR A 67 -4.87 1.19 -8.30
N ASN A 68 -4.89 0.29 -9.28
CA ASN A 68 -4.04 -0.89 -9.26
C ASN A 68 -2.75 -0.64 -10.03
N VAL A 69 -1.76 -0.04 -9.36
CA VAL A 69 -0.48 0.26 -9.99
C VAL A 69 0.05 -0.94 -10.76
N THR A 70 0.68 -0.67 -11.91
CA THR A 70 1.24 -1.73 -12.73
C THR A 70 2.75 -1.56 -12.88
N ASN A 71 3.35 -2.39 -13.74
CA ASN A 71 4.79 -2.34 -13.96
C ASN A 71 5.25 -0.93 -14.31
N HIS A 72 4.34 -0.13 -14.85
CA HIS A 72 4.65 1.25 -15.22
C HIS A 72 5.18 2.03 -14.02
N SER A 73 5.35 3.34 -14.18
CA SER A 73 5.85 4.18 -13.10
C SER A 73 4.88 4.22 -11.93
N VAL A 74 5.41 4.07 -10.73
CA VAL A 74 4.61 4.09 -9.51
C VAL A 74 4.47 5.50 -8.98
N ASP A 75 5.32 6.41 -9.45
CA ASP A 75 5.30 7.80 -9.01
C ASP A 75 3.87 8.35 -9.00
N GLN A 76 3.01 7.76 -9.81
CA GLN A 76 1.61 8.19 -9.87
C GLN A 76 0.92 7.96 -8.54
N LEU A 77 1.03 6.72 -8.03
CA LEU A 77 0.41 6.36 -6.76
C LEU A 77 1.24 6.91 -5.59
N GLN A 78 2.55 6.95 -5.78
CA GLN A 78 3.47 7.45 -4.76
C GLN A 78 3.20 8.93 -4.48
N LYS A 79 3.17 9.72 -5.54
CA LYS A 79 2.92 11.15 -5.42
C LYS A 79 1.54 11.42 -4.86
N ALA A 80 0.56 10.64 -5.33
CA ALA A 80 -0.83 10.79 -4.88
C ALA A 80 -0.98 10.37 -3.43
N MET A 81 -0.30 9.28 -3.07
CA MET A 81 -0.37 8.76 -1.70
C MET A 81 0.27 9.74 -0.72
N LYS A 82 1.30 10.45 -1.19
CA LYS A 82 2.00 11.42 -0.35
C LYS A 82 1.18 12.69 -0.21
N GLU A 83 0.51 13.08 -1.29
CA GLU A 83 -0.32 14.29 -1.28
C GLU A 83 -1.80 13.96 -1.08
N THR A 84 -2.09 12.70 -0.74
CA THR A 84 -3.45 12.27 -0.52
C THR A 84 -4.09 13.04 0.63
N LYS A 85 -5.42 13.10 0.62
CA LYS A 85 -6.16 13.81 1.67
C LYS A 85 -7.56 13.23 1.84
N GLY A 86 -7.80 12.56 2.96
CA GLY A 86 -9.10 11.98 3.22
C GLY A 86 -9.02 10.52 3.62
N MET A 87 -10.12 9.80 3.45
CA MET A 87 -10.17 8.39 3.80
C MET A 87 -9.66 7.52 2.66
N ILE A 88 -8.56 6.82 2.91
CA ILE A 88 -7.97 5.95 1.89
C ILE A 88 -8.58 4.56 1.93
N SER A 89 -8.99 4.08 0.76
CA SER A 89 -9.59 2.75 0.65
C SER A 89 -8.68 1.82 -0.12
N LEU A 90 -8.15 0.80 0.55
CA LEU A 90 -7.25 -0.15 -0.08
C LEU A 90 -7.85 -1.56 -0.09
N LYS A 91 -7.83 -2.18 -1.26
CA LYS A 91 -8.36 -3.54 -1.41
C LYS A 91 -7.22 -4.55 -1.30
N VAL A 92 -7.17 -5.27 -0.19
CA VAL A 92 -6.11 -6.25 0.03
C VAL A 92 -6.68 -7.63 0.35
N ILE A 93 -5.87 -8.66 0.11
CA ILE A 93 -6.27 -10.03 0.37
C ILE A 93 -5.14 -10.81 1.04
N PRO A 94 -5.37 -11.32 2.27
CA PRO A 94 -4.35 -12.09 3.00
C PRO A 94 -3.86 -13.30 2.23
N ASN A 95 -2.55 -13.50 2.23
CA ASN A 95 -1.94 -14.63 1.54
C ASN A 95 -0.59 -15.00 2.15
N GLN A 96 -0.54 -16.16 2.80
CA GLN A 96 0.68 -16.62 3.44
C GLN A 96 0.78 -18.14 3.38
N GLN A 97 1.50 -18.64 2.38
CA GLN A 97 1.68 -20.08 2.21
C GLN A 97 2.97 -20.39 1.46
N ARG B 7 13.77 -6.47 -8.82
CA ARG B 7 13.86 -6.34 -7.34
C ARG B 7 13.61 -4.89 -6.90
N LYS B 8 12.35 -4.49 -6.94
CA LYS B 8 11.99 -3.12 -6.55
C LYS B 8 10.97 -3.14 -5.42
N GLU B 9 10.85 -2.02 -4.72
CA GLU B 9 9.93 -1.87 -3.61
C GLU B 9 9.64 -0.41 -3.36
N TYR B 10 8.37 -0.11 -3.14
CA TYR B 10 7.94 1.25 -2.89
C TYR B 10 7.35 1.40 -1.51
N CYS B 11 7.78 2.42 -0.79
CA CYS B 11 7.25 2.68 0.54
C CYS B 11 6.32 3.87 0.46
N ILE B 12 5.05 3.63 0.74
CA ILE B 12 4.04 4.66 0.66
C ILE B 12 2.94 4.45 1.70
N VAL A 13 -10.64 -11.08 -0.80
CA VAL A 13 -10.87 -9.63 -1.03
C VAL A 13 -11.35 -8.94 0.26
N ARG A 14 -10.49 -8.10 0.81
CA ARG A 14 -10.81 -7.36 2.04
C ARG A 14 -10.67 -5.86 1.83
N LEU A 15 -11.78 -5.14 2.02
CA LEU A 15 -11.77 -3.69 1.84
C LEU A 15 -11.37 -2.98 3.13
N ILE A 16 -10.11 -2.58 3.22
CA ILE A 16 -9.60 -1.89 4.39
C ILE A 16 -9.33 -0.43 4.07
N GLN A 17 -9.78 0.47 4.94
CA GLN A 17 -9.59 1.89 4.72
C GLN A 17 -9.06 2.58 5.97
N PHE A 18 -7.95 3.30 5.81
CA PHE A 18 -7.34 4.03 6.92
C PHE A 18 -7.35 5.52 6.63
N GLU A 19 -7.55 6.33 7.66
CA GLU A 19 -7.57 7.79 7.51
C GLU A 19 -6.17 8.37 7.43
N LYS A 20 -5.98 9.31 6.52
CA LYS A 20 -4.68 9.96 6.33
C LYS A 20 -4.85 11.47 6.34
N VAL A 21 -4.33 12.12 7.40
CA VAL A 21 -4.44 13.56 7.52
C VAL A 21 -3.06 14.20 7.71
N THR A 22 -2.01 13.42 7.50
CA THR A 22 -0.65 13.93 7.66
C THR A 22 0.16 13.77 6.38
N GLU A 23 1.14 14.64 6.20
CA GLU A 23 1.99 14.59 5.02
C GLU A 23 3.23 13.78 5.30
N GLU A 24 3.11 12.48 5.09
CA GLU A 24 4.20 11.56 5.32
C GLU A 24 3.86 10.16 4.80
N PRO A 25 4.88 9.29 4.66
CA PRO A 25 4.67 7.92 4.16
C PRO A 25 3.77 7.11 5.07
N MET A 26 2.92 6.29 4.48
CA MET A 26 1.99 5.45 5.24
C MET A 26 2.75 4.62 6.28
N GLY A 27 3.90 4.09 5.87
CA GLY A 27 4.70 3.28 6.78
C GLY A 27 4.85 1.84 6.31
N ILE A 28 4.54 1.61 5.03
CA ILE A 28 4.65 0.27 4.46
C ILE A 28 5.44 0.31 3.16
N CYS A 29 5.90 -0.85 2.71
CA CYS A 29 6.67 -0.95 1.47
C CYS A 29 6.08 -2.03 0.58
N LEU A 30 5.75 -1.67 -0.65
CA LEU A 30 5.17 -2.60 -1.61
C LEU A 30 5.81 -2.44 -2.99
N LYS A 31 5.70 -3.48 -3.81
CA LYS A 31 6.26 -3.45 -5.17
C LYS A 31 5.32 -4.12 -6.17
N LEU A 32 5.61 -3.91 -7.45
CA LEU A 32 4.82 -4.48 -8.52
C LEU A 32 5.51 -5.72 -9.08
N ASN A 33 5.01 -6.89 -8.71
CA ASN A 33 5.58 -8.16 -9.16
C ASN A 33 5.44 -8.30 -10.67
N GLU A 34 5.99 -9.38 -11.21
CA GLU A 34 5.91 -9.64 -12.64
C GLU A 34 4.46 -9.56 -13.13
N LYS A 35 3.53 -9.81 -12.22
CA LYS A 35 2.10 -9.77 -12.56
C LYS A 35 1.54 -8.34 -12.42
N GLN A 36 2.42 -7.39 -12.13
CA GLN A 36 2.00 -6.00 -11.97
C GLN A 36 0.97 -5.88 -10.85
N SER A 37 1.44 -5.93 -9.60
CA SER A 37 0.55 -5.83 -8.45
C SER A 37 1.31 -5.33 -7.23
N CYS A 38 0.68 -4.45 -6.47
CA CYS A 38 1.31 -3.88 -5.28
C CYS A 38 1.08 -4.74 -4.05
N THR A 39 2.16 -5.30 -3.52
CA THR A 39 2.11 -6.14 -2.32
C THR A 39 3.16 -5.67 -1.34
N VAL A 40 2.79 -5.56 -0.06
CA VAL A 40 3.72 -5.11 0.94
C VAL A 40 4.92 -6.04 1.04
N ALA A 41 6.05 -5.57 0.52
CA ALA A 41 7.28 -6.35 0.54
C ALA A 41 7.90 -6.38 1.93
N ARG A 42 7.58 -5.38 2.74
CA ARG A 42 8.10 -5.31 4.10
C ARG A 42 7.40 -4.21 4.89
N ILE A 43 6.98 -4.55 6.11
CA ILE A 43 6.29 -3.60 6.98
C ILE A 43 7.29 -2.77 7.78
N LEU A 44 7.40 -1.48 7.45
CA LEU A 44 8.32 -0.59 8.14
C LEU A 44 7.85 -0.33 9.57
N HIS A 45 8.78 -0.43 10.51
CA HIS A 45 8.46 -0.19 11.92
C HIS A 45 8.17 1.29 12.17
N GLY A 46 7.20 1.56 13.04
CA GLY A 46 6.85 2.93 13.35
C GLY A 46 5.68 3.43 12.51
N GLY A 47 5.50 2.83 11.34
CA GLY A 47 4.42 3.25 10.46
C GLY A 47 3.05 3.01 11.06
N MET A 48 2.04 3.68 10.51
CA MET A 48 0.67 3.55 11.01
C MET A 48 0.16 2.13 10.80
N ILE A 49 0.54 1.53 9.67
CA ILE A 49 0.12 0.18 9.34
C ILE A 49 0.75 -0.83 10.30
N HIS A 50 1.94 -0.50 10.79
CA HIS A 50 2.66 -1.37 11.72
C HIS A 50 2.21 -1.10 13.16
N ARG A 51 2.06 0.18 13.50
CA ARG A 51 1.63 0.56 14.83
C ARG A 51 0.18 0.17 15.07
N GLN A 52 -0.67 0.47 14.10
CA GLN A 52 -2.09 0.14 14.20
C GLN A 52 -2.33 -1.32 13.82
N GLY A 53 -1.70 -1.75 12.73
CA GLY A 53 -1.86 -3.12 12.29
C GLY A 53 -3.01 -3.30 11.31
N SER A 54 -2.80 -2.83 10.08
CA SER A 54 -3.82 -2.94 9.05
C SER A 54 -3.40 -3.92 7.95
N LEU A 55 -2.10 -4.04 7.75
CA LEU A 55 -1.56 -4.94 6.73
C LEU A 55 -0.37 -5.73 7.27
N HIS A 56 0.06 -6.73 6.53
CA HIS A 56 1.20 -7.56 6.93
C HIS A 56 2.11 -7.84 5.73
N VAL A 57 3.41 -7.80 5.97
CA VAL A 57 4.41 -8.06 4.92
C VAL A 57 4.02 -9.26 4.07
N GLY A 58 3.67 -9.00 2.81
CA GLY A 58 3.29 -10.08 1.92
C GLY A 58 1.87 -9.95 1.41
N ASP A 59 1.03 -9.24 2.17
CA ASP A 59 -0.36 -9.04 1.79
C ASP A 59 -0.45 -8.42 0.40
N GLU A 60 -1.30 -9.00 -0.45
CA GLU A 60 -1.46 -8.51 -1.81
C GLU A 60 -2.55 -7.45 -1.91
N ILE A 61 -2.18 -6.27 -2.37
CA ILE A 61 -3.13 -5.17 -2.53
C ILE A 61 -3.62 -5.08 -3.97
N LEU A 62 -4.76 -5.70 -4.24
CA LEU A 62 -5.32 -5.70 -5.59
C LEU A 62 -5.55 -4.28 -6.11
N GLU A 63 -5.76 -3.34 -5.19
CA GLU A 63 -5.99 -1.96 -5.58
C GLU A 63 -5.64 -1.00 -4.45
N ILE A 64 -5.28 0.23 -4.81
CA ILE A 64 -4.93 1.26 -3.84
C ILE A 64 -5.79 2.51 -4.05
N ASN A 65 -6.81 2.67 -3.21
CA ASN A 65 -7.69 3.82 -3.31
C ASN A 65 -8.48 3.79 -4.63
N GLY A 66 -8.51 2.63 -5.28
CA GLY A 66 -9.23 2.50 -6.53
C GLY A 66 -8.31 2.39 -7.73
N THR A 67 -7.01 2.20 -7.49
CA THR A 67 -6.05 2.09 -8.58
C THR A 67 -5.16 0.85 -8.41
N ASN A 68 -5.15 0.00 -9.43
CA ASN A 68 -4.32 -1.21 -9.40
C ASN A 68 -3.01 -0.98 -10.12
N VAL A 69 -2.11 -0.26 -9.46
CA VAL A 69 -0.80 0.05 -10.03
C VAL A 69 -0.16 -1.17 -10.70
N THR A 70 0.53 -0.93 -11.81
CA THR A 70 1.18 -2.01 -12.54
C THR A 70 2.69 -1.78 -12.62
N ASN A 71 3.38 -2.59 -13.42
CA ASN A 71 4.82 -2.48 -13.58
C ASN A 71 5.24 -1.04 -13.84
N HIS A 72 4.33 -0.26 -14.43
CA HIS A 72 4.61 1.14 -14.74
C HIS A 72 5.14 1.88 -13.51
N SER A 73 5.41 3.17 -13.68
CA SER A 73 5.93 4.00 -12.59
C SER A 73 4.97 4.00 -11.40
N VAL A 74 5.53 3.84 -10.22
CA VAL A 74 4.73 3.83 -8.98
C VAL A 74 4.58 5.24 -8.42
N ASP A 75 5.43 6.15 -8.89
CA ASP A 75 5.39 7.54 -8.44
C ASP A 75 3.96 8.08 -8.46
N GLN A 76 3.12 7.50 -9.31
CA GLN A 76 1.73 7.93 -9.42
C GLN A 76 1.03 7.79 -8.09
N LEU A 77 1.23 6.65 -7.42
CA LEU A 77 0.60 6.39 -6.13
C LEU A 77 1.29 7.23 -5.05
N GLN A 78 2.59 7.41 -5.20
CA GLN A 78 3.37 8.20 -4.23
C GLN A 78 2.89 9.66 -4.23
N LYS A 79 2.73 10.21 -5.41
CA LYS A 79 2.29 11.60 -5.55
C LYS A 79 0.82 11.75 -5.14
N ALA A 80 0.05 10.70 -5.33
CA ALA A 80 -1.37 10.71 -4.97
C ALA A 80 -1.56 10.49 -3.48
N MET A 81 -0.71 9.65 -2.90
CA MET A 81 -0.79 9.36 -1.47
C MET A 81 -0.37 10.56 -0.64
N LYS A 82 0.53 11.37 -1.18
CA LYS A 82 1.02 12.55 -0.49
C LYS A 82 0.10 13.74 -0.71
N GLU A 83 -0.56 13.76 -1.87
CA GLU A 83 -1.46 14.86 -2.21
C GLU A 83 -2.87 14.58 -1.67
N THR A 84 -3.26 13.31 -1.67
CA THR A 84 -4.58 12.92 -1.19
C THR A 84 -4.77 13.33 0.27
N LYS A 85 -6.00 13.67 0.62
CA LYS A 85 -6.32 14.07 1.99
C LYS A 85 -7.68 13.53 2.41
N GLY A 86 -7.68 12.53 3.27
CA GLY A 86 -8.93 11.95 3.73
C GLY A 86 -8.80 10.48 4.08
N MET A 87 -9.85 9.72 3.84
CA MET A 87 -9.85 8.29 4.14
C MET A 87 -9.47 7.48 2.91
N ILE A 88 -8.35 6.75 3.00
CA ILE A 88 -7.88 5.92 1.90
C ILE A 88 -8.46 4.52 1.97
N SER A 89 -8.86 3.98 0.81
CA SER A 89 -9.42 2.63 0.75
C SER A 89 -8.52 1.73 -0.07
N LEU A 90 -7.93 0.74 0.58
CA LEU A 90 -7.03 -0.20 -0.10
C LEU A 90 -7.63 -1.59 -0.15
N LYS A 91 -7.56 -2.20 -1.33
CA LYS A 91 -8.07 -3.56 -1.52
C LYS A 91 -6.94 -4.56 -1.36
N VAL A 92 -6.92 -5.26 -0.24
CA VAL A 92 -5.86 -6.23 0.04
C VAL A 92 -6.42 -7.61 0.35
N ILE A 93 -5.57 -8.62 0.17
CA ILE A 93 -5.96 -10.01 0.43
C ILE A 93 -4.88 -10.72 1.24
N PRO A 94 -5.28 -11.48 2.27
CA PRO A 94 -4.33 -12.22 3.12
C PRO A 94 -3.66 -13.37 2.39
N ASN A 95 -2.34 -13.39 2.40
CA ASN A 95 -1.57 -14.44 1.74
C ASN A 95 -1.89 -15.81 2.33
N GLN A 96 -2.76 -16.55 1.65
CA GLN A 96 -3.15 -17.88 2.11
C GLN A 96 -2.51 -18.96 1.24
N GLN A 97 -3.22 -20.06 1.03
CA GLN A 97 -2.70 -21.15 0.22
C GLN A 97 -1.40 -21.70 0.79
N ARG B 7 14.49 -7.32 -7.96
CA ARG B 7 13.24 -7.05 -7.22
C ARG B 7 13.26 -5.66 -6.59
N LYS B 8 12.30 -4.83 -6.99
CA LYS B 8 12.20 -3.47 -6.47
C LYS B 8 11.17 -3.39 -5.35
N GLU B 9 11.18 -2.27 -4.63
CA GLU B 9 10.25 -2.05 -3.54
C GLU B 9 10.05 -0.56 -3.30
N TYR B 10 8.80 -0.18 -3.11
CA TYR B 10 8.46 1.21 -2.89
C TYR B 10 7.88 1.40 -1.50
N CYS B 11 8.36 2.42 -0.80
CA CYS B 11 7.85 2.71 0.53
C CYS B 11 6.98 3.95 0.44
N ILE B 12 5.71 3.77 0.74
CA ILE B 12 4.74 4.85 0.66
C ILE B 12 3.62 4.69 1.67
N VAL A 13 -11.30 -11.15 -0.86
CA VAL A 13 -11.02 -9.71 -1.14
C VAL A 13 -11.80 -8.80 -0.20
N ARG A 14 -11.08 -8.06 0.65
CA ARG A 14 -11.70 -7.15 1.59
C ARG A 14 -11.24 -5.72 1.35
N LEU A 15 -12.14 -4.76 1.56
CA LEU A 15 -11.81 -3.35 1.37
C LEU A 15 -11.35 -2.72 2.68
N ILE A 16 -10.04 -2.61 2.85
CA ILE A 16 -9.47 -2.01 4.04
C ILE A 16 -9.26 -0.51 3.83
N GLN A 17 -9.43 0.26 4.90
CA GLN A 17 -9.27 1.71 4.80
C GLN A 17 -8.64 2.29 6.05
N PHE A 18 -7.55 3.03 5.87
CA PHE A 18 -6.86 3.66 6.98
C PHE A 18 -6.90 5.18 6.83
N GLU A 19 -7.23 5.87 7.91
CA GLU A 19 -7.31 7.32 7.88
C GLU A 19 -5.93 7.97 8.00
N LYS A 20 -5.68 8.96 7.14
CA LYS A 20 -4.40 9.66 7.14
C LYS A 20 -4.63 11.17 7.18
N VAL A 21 -4.25 11.78 8.30
CA VAL A 21 -4.41 13.21 8.48
C VAL A 21 -3.11 13.96 8.16
N THR A 22 -1.99 13.32 8.48
CA THR A 22 -0.69 13.92 8.25
C THR A 22 -0.16 13.55 6.87
N GLU A 23 0.72 14.39 6.34
CA GLU A 23 1.33 14.14 5.03
C GLU A 23 2.65 13.44 5.18
N GLU A 24 2.61 12.12 5.12
CA GLU A 24 3.80 11.31 5.26
C GLU A 24 3.54 9.87 4.84
N PRO A 25 4.60 9.07 4.62
CA PRO A 25 4.48 7.67 4.21
C PRO A 25 3.55 6.88 5.14
N MET A 26 2.77 5.99 4.56
CA MET A 26 1.83 5.17 5.33
C MET A 26 2.57 4.38 6.42
N GLY A 27 3.56 3.61 6.01
CA GLY A 27 4.33 2.82 6.96
C GLY A 27 4.82 1.51 6.39
N ILE A 28 4.23 1.08 5.28
CA ILE A 28 4.61 -0.18 4.66
C ILE A 28 5.20 0.05 3.26
N CYS A 29 5.76 -0.99 2.67
CA CYS A 29 6.35 -0.89 1.34
C CYS A 29 5.86 -2.03 0.46
N LEU A 30 5.46 -1.71 -0.76
CA LEU A 30 4.96 -2.70 -1.71
C LEU A 30 5.68 -2.60 -3.05
N LYS A 31 5.63 -3.69 -3.83
CA LYS A 31 6.27 -3.73 -5.13
C LYS A 31 5.32 -4.30 -6.19
N LEU A 32 5.63 -4.02 -7.46
CA LEU A 32 4.81 -4.51 -8.57
C LEU A 32 5.44 -5.76 -9.19
N ASN A 33 4.87 -6.91 -8.89
CA ASN A 33 5.38 -8.18 -9.42
C ASN A 33 5.26 -8.22 -10.94
N GLU A 34 5.76 -9.30 -11.53
CA GLU A 34 5.72 -9.47 -12.99
C GLU A 34 4.29 -9.32 -13.51
N LYS A 35 3.32 -9.55 -12.63
CA LYS A 35 1.92 -9.43 -13.02
C LYS A 35 1.36 -8.05 -12.68
N GLN A 36 2.25 -7.10 -12.43
CA GLN A 36 1.84 -5.74 -12.08
C GLN A 36 0.83 -5.75 -10.94
N SER A 37 1.34 -5.77 -9.71
CA SER A 37 0.47 -5.79 -8.53
C SER A 37 1.23 -5.31 -7.31
N CYS A 38 0.61 -4.43 -6.53
CA CYS A 38 1.26 -3.89 -5.34
C CYS A 38 1.02 -4.78 -4.12
N THR A 39 2.09 -5.34 -3.60
CA THR A 39 2.04 -6.20 -2.44
C THR A 39 3.07 -5.74 -1.43
N VAL A 40 2.68 -5.56 -0.17
CA VAL A 40 3.62 -5.10 0.83
C VAL A 40 4.81 -6.05 0.94
N ALA A 41 5.94 -5.61 0.40
CA ALA A 41 7.16 -6.39 0.42
C ALA A 41 7.72 -6.48 1.84
N ARG A 42 7.39 -5.49 2.66
CA ARG A 42 7.86 -5.46 4.03
C ARG A 42 7.23 -4.31 4.80
N ILE A 43 6.70 -4.62 5.99
CA ILE A 43 6.07 -3.61 6.82
C ILE A 43 7.12 -2.90 7.67
N LEU A 44 7.13 -1.57 7.63
CA LEU A 44 8.10 -0.79 8.39
C LEU A 44 7.56 -0.46 9.78
N HIS A 45 8.46 -0.40 10.76
CA HIS A 45 8.10 -0.10 12.13
C HIS A 45 7.89 1.39 12.32
N GLY A 46 6.96 1.76 13.20
CA GLY A 46 6.70 3.16 13.46
C GLY A 46 5.54 3.69 12.64
N GLY A 47 5.38 3.17 11.42
CA GLY A 47 4.30 3.60 10.57
C GLY A 47 2.94 3.38 11.19
N MET A 48 1.90 3.90 10.53
CA MET A 48 0.53 3.77 11.03
C MET A 48 0.02 2.34 10.83
N ILE A 49 0.54 1.67 9.80
CA ILE A 49 0.12 0.31 9.50
C ILE A 49 0.73 -0.69 10.49
N HIS A 50 1.97 -0.42 10.90
CA HIS A 50 2.66 -1.29 11.85
C HIS A 50 2.17 -1.01 13.27
N ARG A 51 2.17 0.26 13.64
CA ARG A 51 1.72 0.65 14.97
C ARG A 51 0.27 0.26 15.20
N GLN A 52 -0.57 0.49 14.20
CA GLN A 52 -1.98 0.16 14.29
C GLN A 52 -2.20 -1.31 13.95
N GLY A 53 -1.59 -1.76 12.86
CA GLY A 53 -1.72 -3.15 12.45
C GLY A 53 -2.97 -3.39 11.62
N SER A 54 -2.96 -2.86 10.39
CA SER A 54 -4.09 -3.02 9.49
C SER A 54 -3.75 -3.98 8.35
N LEU A 55 -2.48 -4.02 7.98
CA LEU A 55 -2.02 -4.89 6.90
C LEU A 55 -0.91 -5.82 7.38
N HIS A 56 -0.54 -6.77 6.53
CA HIS A 56 0.51 -7.72 6.86
C HIS A 56 1.49 -7.88 5.70
N VAL A 57 2.78 -7.93 6.01
CA VAL A 57 3.81 -8.09 4.99
C VAL A 57 3.49 -9.24 4.05
N GLY A 58 3.33 -8.92 2.77
CA GLY A 58 3.01 -9.95 1.79
C GLY A 58 1.59 -9.87 1.29
N ASP A 59 0.72 -9.21 2.06
CA ASP A 59 -0.68 -9.07 1.68
C ASP A 59 -0.81 -8.56 0.25
N GLU A 60 -1.74 -9.13 -0.50
CA GLU A 60 -1.94 -8.74 -1.89
C GLU A 60 -2.96 -7.60 -2.02
N ILE A 61 -2.46 -6.42 -2.39
CA ILE A 61 -3.32 -5.25 -2.56
C ILE A 61 -3.74 -5.11 -4.03
N LEU A 62 -4.90 -5.66 -4.35
CA LEU A 62 -5.42 -5.62 -5.71
C LEU A 62 -5.49 -4.19 -6.25
N GLU A 63 -5.89 -3.24 -5.41
CA GLU A 63 -6.01 -1.85 -5.84
C GLU A 63 -5.58 -0.89 -4.74
N ILE A 64 -5.32 0.36 -5.12
CA ILE A 64 -4.91 1.39 -4.18
C ILE A 64 -5.74 2.65 -4.38
N ASN A 65 -6.75 2.82 -3.54
CA ASN A 65 -7.63 3.98 -3.64
C ASN A 65 -8.50 3.91 -4.89
N GLY A 66 -8.60 2.72 -5.47
CA GLY A 66 -9.40 2.54 -6.67
C GLY A 66 -8.57 2.33 -7.92
N THR A 67 -7.25 2.35 -7.78
CA THR A 67 -6.35 2.17 -8.92
C THR A 67 -5.25 1.14 -8.61
N ASN A 68 -5.02 0.24 -9.56
CA ASN A 68 -4.00 -0.79 -9.40
C ASN A 68 -2.70 -0.35 -10.08
N VAL A 69 -1.62 -0.30 -9.31
CA VAL A 69 -0.33 0.10 -9.83
C VAL A 69 0.12 -0.80 -10.97
N THR A 70 0.98 -0.26 -11.84
CA THR A 70 1.48 -1.01 -12.98
C THR A 70 2.99 -1.14 -12.90
N ASN A 71 3.55 -1.97 -13.79
CA ASN A 71 4.99 -2.17 -13.83
C ASN A 71 5.73 -0.94 -14.34
N HIS A 72 5.01 -0.07 -15.06
CA HIS A 72 5.58 1.14 -15.59
C HIS A 72 6.14 2.03 -14.47
N SER A 73 5.47 3.14 -14.16
CA SER A 73 5.93 4.03 -13.11
C SER A 73 5.01 3.97 -11.89
N VAL A 74 5.62 3.87 -10.72
CA VAL A 74 4.86 3.80 -9.46
C VAL A 74 4.59 5.20 -8.91
N ASP A 75 5.37 6.18 -9.38
CA ASP A 75 5.24 7.55 -8.93
C ASP A 75 3.77 7.99 -8.92
N GLN A 76 2.96 7.35 -9.75
CA GLN A 76 1.54 7.68 -9.84
C GLN A 76 0.88 7.61 -8.47
N LEU A 77 1.00 6.46 -7.81
CA LEU A 77 0.41 6.28 -6.48
C LEU A 77 1.17 7.09 -5.44
N GLN A 78 2.49 7.08 -5.54
CA GLN A 78 3.34 7.82 -4.60
C GLN A 78 2.88 9.26 -4.47
N LYS A 79 2.73 9.95 -5.60
CA LYS A 79 2.29 11.34 -5.61
C LYS A 79 0.84 11.43 -5.17
N ALA A 80 0.05 10.41 -5.48
CA ALA A 80 -1.36 10.39 -5.11
C ALA A 80 -1.52 10.14 -3.61
N MET A 81 -0.56 9.45 -3.02
CA MET A 81 -0.60 9.15 -1.59
C MET A 81 -0.20 10.35 -0.76
N LYS A 82 0.71 11.17 -1.31
CA LYS A 82 1.18 12.36 -0.62
C LYS A 82 0.27 13.56 -0.91
N GLU A 83 -0.35 13.56 -2.09
CA GLU A 83 -1.25 14.63 -2.49
C GLU A 83 -2.63 14.45 -1.89
N THR A 84 -3.02 13.19 -1.68
CA THR A 84 -4.32 12.89 -1.11
C THR A 84 -4.37 13.25 0.38
N LYS A 85 -5.55 13.62 0.85
CA LYS A 85 -5.73 13.99 2.25
C LYS A 85 -7.06 13.46 2.78
N GLY A 86 -7.00 12.70 3.87
CA GLY A 86 -8.21 12.14 4.46
C GLY A 86 -8.09 10.65 4.68
N MET A 87 -9.15 9.92 4.34
CA MET A 87 -9.17 8.47 4.53
C MET A 87 -8.89 7.76 3.21
N ILE A 88 -8.06 6.72 3.27
CA ILE A 88 -7.70 5.96 2.08
C ILE A 88 -8.34 4.57 2.11
N SER A 89 -8.77 4.08 0.95
CA SER A 89 -9.37 2.76 0.85
C SER A 89 -8.58 1.88 -0.11
N LEU A 90 -7.96 0.84 0.42
CA LEU A 90 -7.17 -0.08 -0.38
C LEU A 90 -7.81 -1.46 -0.46
N LYS A 91 -7.71 -2.08 -1.62
CA LYS A 91 -8.25 -3.42 -1.83
C LYS A 91 -7.16 -4.45 -1.62
N VAL A 92 -7.25 -5.19 -0.53
CA VAL A 92 -6.24 -6.20 -0.21
C VAL A 92 -6.85 -7.58 0.01
N ILE A 93 -6.01 -8.60 -0.15
CA ILE A 93 -6.42 -9.98 0.04
C ILE A 93 -5.43 -10.73 0.92
N PRO A 94 -5.86 -11.19 2.11
CA PRO A 94 -4.98 -11.91 3.04
C PRO A 94 -4.32 -13.13 2.40
N ASN A 95 -2.99 -13.13 2.37
CA ASN A 95 -2.23 -14.22 1.79
C ASN A 95 -2.16 -15.40 2.75
N GLN A 96 -1.50 -16.48 2.31
CA GLN A 96 -1.35 -17.67 3.14
C GLN A 96 -0.06 -18.40 2.80
N GLN A 97 0.95 -18.24 3.65
CA GLN A 97 2.24 -18.90 3.45
C GLN A 97 2.12 -20.41 3.63
N ARG B 7 14.97 -7.59 -6.95
CA ARG B 7 13.57 -7.10 -7.09
C ARG B 7 13.44 -5.66 -6.61
N LYS B 8 12.31 -5.04 -6.94
CA LYS B 8 12.07 -3.66 -6.53
C LYS B 8 11.04 -3.60 -5.41
N GLU B 9 11.02 -2.47 -4.69
CA GLU B 9 10.11 -2.27 -3.60
C GLU B 9 9.92 -0.78 -3.34
N TYR B 10 8.68 -0.39 -3.14
CA TYR B 10 8.35 1.01 -2.88
C TYR B 10 7.77 1.18 -1.48
N CYS B 11 8.20 2.24 -0.83
CA CYS B 11 7.70 2.55 0.50
C CYS B 11 6.75 3.74 0.40
N ILE B 12 5.50 3.50 0.71
CA ILE B 12 4.48 4.53 0.62
C ILE B 12 3.44 4.40 1.72
N VAL A 13 -10.73 -10.95 -0.13
CA VAL A 13 -10.89 -9.55 -0.60
C VAL A 13 -11.32 -8.63 0.55
N ARG A 14 -10.34 -8.16 1.31
CA ARG A 14 -10.60 -7.27 2.44
C ARG A 14 -10.45 -5.81 2.04
N LEU A 15 -11.17 -4.93 2.72
CA LEU A 15 -11.11 -3.50 2.43
C LEU A 15 -10.92 -2.69 3.70
N ILE A 16 -9.67 -2.28 3.95
CA ILE A 16 -9.35 -1.49 5.12
C ILE A 16 -9.49 -0.01 4.84
N GLN A 17 -9.66 0.79 5.88
CA GLN A 17 -9.81 2.24 5.72
C GLN A 17 -9.17 3.01 6.87
N PHE A 18 -8.27 3.93 6.51
CA PHE A 18 -7.60 4.76 7.51
C PHE A 18 -7.41 6.18 6.98
N GLU A 19 -7.80 7.16 7.78
CA GLU A 19 -7.68 8.56 7.38
C GLU A 19 -6.26 9.08 7.57
N LYS A 20 -5.82 9.90 6.62
CA LYS A 20 -4.49 10.48 6.66
C LYS A 20 -4.56 12.00 6.46
N VAL A 21 -4.18 12.74 7.48
CA VAL A 21 -4.22 14.21 7.41
C VAL A 21 -2.82 14.79 7.25
N THR A 22 -1.82 14.06 7.73
CA THR A 22 -0.44 14.51 7.66
C THR A 22 0.23 14.04 6.37
N GLU A 23 1.17 14.84 5.87
CA GLU A 23 1.89 14.50 4.65
C GLU A 23 3.10 13.64 4.98
N GLU A 24 2.89 12.34 4.97
CA GLU A 24 3.94 11.40 5.29
C GLU A 24 3.58 10.00 4.78
N PRO A 25 4.58 9.13 4.57
CA PRO A 25 4.36 7.76 4.09
C PRO A 25 3.49 6.96 5.04
N MET A 26 2.61 6.13 4.48
CA MET A 26 1.71 5.30 5.27
C MET A 26 2.49 4.50 6.32
N GLY A 27 3.62 3.95 5.92
CA GLY A 27 4.43 3.16 6.84
C GLY A 27 4.77 1.79 6.30
N ILE A 28 4.17 1.42 5.17
CA ILE A 28 4.42 0.13 4.56
C ILE A 28 5.12 0.28 3.22
N CYS A 29 5.60 -0.84 2.68
CA CYS A 29 6.30 -0.82 1.40
C CYS A 29 5.81 -1.99 0.54
N LEU A 30 5.49 -1.69 -0.73
CA LEU A 30 5.01 -2.70 -1.66
C LEU A 30 5.72 -2.58 -3.01
N LYS A 31 5.67 -3.67 -3.78
CA LYS A 31 6.30 -3.71 -5.10
C LYS A 31 5.39 -4.36 -6.13
N LEU A 32 5.68 -4.14 -7.41
CA LEU A 32 4.89 -4.71 -8.49
C LEU A 32 5.64 -5.85 -9.17
N ASN A 33 5.24 -7.08 -8.85
CA ASN A 33 5.88 -8.25 -9.42
C ASN A 33 5.67 -8.30 -10.93
N GLU A 34 6.28 -9.29 -11.57
CA GLU A 34 6.14 -9.45 -13.02
C GLU A 34 4.68 -9.43 -13.45
N LYS A 35 3.79 -9.77 -12.53
CA LYS A 35 2.36 -9.79 -12.82
C LYS A 35 1.71 -8.43 -12.54
N GLN A 36 2.54 -7.42 -12.28
CA GLN A 36 2.04 -6.08 -11.98
C GLN A 36 1.02 -6.12 -10.84
N SER A 37 1.53 -6.19 -9.62
CA SER A 37 0.66 -6.23 -8.45
C SER A 37 1.36 -5.64 -7.23
N CYS A 38 0.68 -4.75 -6.53
CA CYS A 38 1.26 -4.12 -5.36
C CYS A 38 1.02 -4.95 -4.10
N THR A 39 2.10 -5.51 -3.56
CA THR A 39 2.04 -6.32 -2.36
C THR A 39 3.04 -5.79 -1.35
N VAL A 40 2.62 -5.62 -0.10
CA VAL A 40 3.51 -5.11 0.92
C VAL A 40 4.72 -6.02 1.08
N ALA A 41 5.86 -5.55 0.59
CA ALA A 41 7.09 -6.32 0.65
C ALA A 41 7.66 -6.33 2.06
N ARG A 42 7.36 -5.29 2.84
CA ARG A 42 7.86 -5.20 4.20
C ARG A 42 7.12 -4.14 5.00
N ILE A 43 6.63 -4.53 6.18
CA ILE A 43 5.91 -3.60 7.04
C ILE A 43 6.88 -2.84 7.95
N LEU A 44 7.15 -1.59 7.61
CA LEU A 44 8.06 -0.77 8.39
C LEU A 44 7.52 -0.51 9.80
N HIS A 45 8.38 -0.65 10.80
CA HIS A 45 7.99 -0.42 12.18
C HIS A 45 7.80 1.06 12.46
N GLY A 46 6.78 1.38 13.24
CA GLY A 46 6.50 2.77 13.58
C GLY A 46 5.33 3.32 12.79
N GLY A 47 5.20 2.91 11.53
CA GLY A 47 4.11 3.38 10.70
C GLY A 47 2.75 3.14 11.32
N MET A 48 1.70 3.63 10.68
CA MET A 48 0.34 3.47 11.18
C MET A 48 -0.18 2.07 10.87
N ILE A 49 0.31 1.48 9.79
CA ILE A 49 -0.11 0.14 9.40
C ILE A 49 0.41 -0.91 10.38
N HIS A 50 1.61 -0.67 10.91
CA HIS A 50 2.21 -1.61 11.85
C HIS A 50 1.65 -1.38 13.26
N ARG A 51 1.66 -0.13 13.70
CA ARG A 51 1.14 0.21 15.03
C ARG A 51 -0.34 -0.17 15.14
N GLN A 52 -1.09 0.10 14.08
CA GLN A 52 -2.51 -0.21 14.06
C GLN A 52 -2.74 -1.64 13.59
N GLY A 53 -2.02 -2.04 12.55
CA GLY A 53 -2.16 -3.38 12.01
C GLY A 53 -3.22 -3.48 10.94
N SER A 54 -3.13 -2.60 9.94
CA SER A 54 -4.08 -2.59 8.84
C SER A 54 -3.65 -3.53 7.72
N LEU A 55 -2.35 -3.83 7.66
CA LEU A 55 -1.81 -4.72 6.65
C LEU A 55 -0.65 -5.55 7.21
N HIS A 56 -0.28 -6.61 6.48
CA HIS A 56 0.82 -7.48 6.90
C HIS A 56 1.76 -7.76 5.74
N VAL A 57 3.06 -7.73 6.01
CA VAL A 57 4.08 -7.97 4.99
C VAL A 57 3.75 -9.21 4.16
N GLY A 58 3.43 -8.99 2.89
CA GLY A 58 3.11 -10.11 2.01
C GLY A 58 1.68 -10.07 1.48
N ASP A 59 0.78 -9.42 2.23
CA ASP A 59 -0.61 -9.32 1.81
C ASP A 59 -0.72 -8.74 0.41
N GLU A 60 -1.61 -9.31 -0.40
CA GLU A 60 -1.79 -8.84 -1.77
C GLU A 60 -2.85 -7.75 -1.86
N ILE A 61 -2.44 -6.57 -2.33
CA ILE A 61 -3.36 -5.45 -2.47
C ILE A 61 -3.92 -5.40 -3.89
N LEU A 62 -5.14 -5.91 -4.05
CA LEU A 62 -5.80 -5.93 -5.35
C LEU A 62 -5.91 -4.53 -5.93
N GLU A 63 -6.04 -3.53 -5.07
CA GLU A 63 -6.16 -2.14 -5.52
C GLU A 63 -5.84 -1.16 -4.39
N ILE A 64 -5.16 -0.07 -4.74
CA ILE A 64 -4.80 0.95 -3.77
C ILE A 64 -5.64 2.20 -3.97
N ASN A 65 -6.63 2.40 -3.11
CA ASN A 65 -7.51 3.55 -3.20
C ASN A 65 -8.33 3.51 -4.48
N GLY A 66 -8.58 2.29 -4.97
CA GLY A 66 -9.36 2.13 -6.20
C GLY A 66 -8.49 2.09 -7.44
N THR A 67 -7.16 2.07 -7.26
CA THR A 67 -6.24 2.03 -8.38
C THR A 67 -5.15 0.99 -8.16
N ASN A 68 -4.97 0.10 -9.14
CA ASN A 68 -3.96 -0.95 -9.05
C ASN A 68 -2.68 -0.51 -9.76
N VAL A 69 -1.58 -0.46 -9.02
CA VAL A 69 -0.29 -0.05 -9.58
C VAL A 69 0.07 -0.88 -10.80
N THR A 70 0.80 -0.28 -11.73
CA THR A 70 1.22 -0.96 -12.94
C THR A 70 2.74 -1.01 -13.03
N ASN A 71 3.25 -1.92 -13.87
CA ASN A 71 4.69 -2.08 -14.05
C ASN A 71 5.32 -0.80 -14.59
N HIS A 72 4.50 0.07 -15.17
CA HIS A 72 4.98 1.33 -15.72
C HIS A 72 5.65 2.19 -14.64
N SER A 73 5.03 3.32 -14.29
CA SER A 73 5.59 4.19 -13.26
C SER A 73 4.74 4.14 -11.98
N VAL A 74 5.42 4.02 -10.85
CA VAL A 74 4.74 3.96 -9.56
C VAL A 74 4.55 5.36 -8.98
N ASP A 75 5.43 6.28 -9.38
CA ASP A 75 5.37 7.65 -8.90
C ASP A 75 3.95 8.20 -8.95
N GLN A 76 3.14 7.67 -9.86
CA GLN A 76 1.76 8.11 -10.01
C GLN A 76 0.97 7.83 -8.73
N LEU A 77 1.08 6.60 -8.23
CA LEU A 77 0.39 6.20 -7.01
C LEU A 77 1.15 6.67 -5.77
N GLN A 78 2.48 6.64 -5.86
CA GLN A 78 3.32 7.07 -4.75
C GLN A 78 3.11 8.55 -4.45
N LYS A 79 3.11 9.36 -5.51
CA LYS A 79 2.91 10.79 -5.37
C LYS A 79 1.50 11.11 -4.91
N ALA A 80 0.52 10.46 -5.53
CA ALA A 80 -0.88 10.66 -5.19
C ALA A 80 -1.17 10.18 -3.78
N MET A 81 -0.54 9.06 -3.40
CA MET A 81 -0.72 8.49 -2.07
C MET A 81 -0.17 9.42 -1.00
N LYS A 82 0.87 10.15 -1.33
CA LYS A 82 1.49 11.08 -0.39
C LYS A 82 0.79 12.43 -0.42
N GLU A 83 0.20 12.77 -1.56
CA GLU A 83 -0.52 14.03 -1.71
C GLU A 83 -1.99 13.88 -1.36
N THR A 84 -2.47 12.64 -1.30
CA THR A 84 -3.87 12.37 -0.97
C THR A 84 -4.23 12.91 0.40
N LYS A 85 -5.51 13.16 0.62
CA LYS A 85 -5.98 13.67 1.90
C LYS A 85 -7.38 13.13 2.22
N GLY A 86 -7.49 12.36 3.30
CA GLY A 86 -8.76 11.79 3.68
C GLY A 86 -8.65 10.33 4.08
N MET A 87 -9.75 9.59 3.90
CA MET A 87 -9.77 8.18 4.23
C MET A 87 -9.37 7.32 3.04
N ILE A 88 -8.24 6.63 3.18
CA ILE A 88 -7.74 5.76 2.12
C ILE A 88 -8.33 4.36 2.23
N SER A 89 -8.86 3.86 1.11
CA SER A 89 -9.45 2.53 1.07
C SER A 89 -8.59 1.60 0.21
N LEU A 90 -7.99 0.60 0.85
CA LEU A 90 -7.14 -0.35 0.14
C LEU A 90 -7.77 -1.74 0.13
N LYS A 91 -7.75 -2.36 -1.04
CA LYS A 91 -8.29 -3.70 -1.21
C LYS A 91 -7.16 -4.72 -1.15
N VAL A 92 -7.06 -5.43 -0.04
CA VAL A 92 -6.00 -6.39 0.14
C VAL A 92 -6.51 -7.72 0.70
N ILE A 93 -5.75 -8.78 0.44
CA ILE A 93 -6.11 -10.11 0.90
C ILE A 93 -5.00 -10.70 1.77
N PRO A 94 -5.29 -11.02 3.04
CA PRO A 94 -4.29 -11.57 3.96
C PRO A 94 -3.67 -12.87 3.44
N ASN A 95 -2.41 -13.09 3.77
CA ASN A 95 -1.70 -14.30 3.35
C ASN A 95 -1.71 -14.42 1.83
N GLN A 96 -1.05 -15.46 1.33
CA GLN A 96 -0.99 -15.71 -0.11
C GLN A 96 -0.61 -17.16 -0.40
N GLN A 97 -1.58 -17.93 -0.88
CA GLN A 97 -1.35 -19.33 -1.19
C GLN A 97 -0.26 -19.49 -2.24
N ARG B 7 14.97 -6.46 -8.32
CA ARG B 7 14.28 -6.46 -6.99
C ARG B 7 14.02 -5.04 -6.50
N LYS B 8 12.84 -4.51 -6.83
CA LYS B 8 12.47 -3.16 -6.43
C LYS B 8 11.41 -3.19 -5.32
N GLU B 9 11.19 -2.04 -4.70
CA GLU B 9 10.21 -1.92 -3.64
C GLU B 9 9.91 -0.45 -3.39
N TYR B 10 8.65 -0.16 -3.16
CA TYR B 10 8.21 1.20 -2.92
C TYR B 10 7.62 1.37 -1.54
N CYS B 11 8.06 2.41 -0.84
CA CYS B 11 7.54 2.69 0.48
C CYS B 11 6.61 3.88 0.40
N ILE B 12 5.35 3.65 0.69
CA ILE B 12 4.34 4.69 0.60
C ILE B 12 3.27 4.52 1.68
N VAL A 13 -12.02 -10.35 -1.43
CA VAL A 13 -11.10 -9.20 -1.27
C VAL A 13 -11.43 -8.40 0.00
N ARG A 14 -10.40 -8.05 0.75
CA ARG A 14 -10.58 -7.29 1.99
C ARG A 14 -10.41 -5.79 1.73
N LEU A 15 -11.50 -5.05 1.91
CA LEU A 15 -11.47 -3.61 1.69
C LEU A 15 -11.16 -2.86 2.98
N ILE A 16 -9.92 -2.41 3.11
CA ILE A 16 -9.49 -1.68 4.29
C ILE A 16 -9.74 -0.18 4.12
N GLN A 17 -9.95 0.52 5.23
CA GLN A 17 -10.21 1.95 5.18
C GLN A 17 -9.51 2.68 6.33
N PHE A 18 -8.68 3.66 5.97
CA PHE A 18 -7.95 4.45 6.96
C PHE A 18 -7.76 5.87 6.45
N GLU A 19 -8.03 6.85 7.31
CA GLU A 19 -7.90 8.25 6.93
C GLU A 19 -6.45 8.71 6.99
N LYS A 20 -6.09 9.59 6.04
CA LYS A 20 -4.73 10.13 5.97
C LYS A 20 -4.78 11.64 5.87
N VAL A 21 -4.33 12.31 6.93
CA VAL A 21 -4.34 13.77 6.97
C VAL A 21 -2.92 14.33 6.89
N THR A 22 -1.95 13.53 7.34
CA THR A 22 -0.56 13.95 7.33
C THR A 22 0.14 13.58 6.03
N GLU A 23 1.07 14.42 5.59
CA GLU A 23 1.80 14.17 4.36
C GLU A 23 3.02 13.31 4.64
N GLU A 24 2.82 12.01 4.55
CA GLU A 24 3.88 11.06 4.81
C GLU A 24 3.48 9.65 4.36
N PRO A 25 4.39 8.68 4.43
CA PRO A 25 4.12 7.30 4.01
C PRO A 25 3.26 6.55 5.03
N MET A 26 2.35 5.71 4.52
CA MET A 26 1.46 4.93 5.38
C MET A 26 2.26 4.17 6.44
N GLY A 27 3.18 3.32 5.98
CA GLY A 27 3.98 2.54 6.90
C GLY A 27 4.27 1.15 6.38
N ILE A 28 4.52 1.03 5.08
CA ILE A 28 4.81 -0.25 4.46
C ILE A 28 5.56 -0.08 3.15
N CYS A 29 6.05 -1.17 2.60
CA CYS A 29 6.79 -1.12 1.34
C CYS A 29 6.34 -2.24 0.41
N LEU A 30 5.72 -1.87 -0.69
CA LEU A 30 5.20 -2.82 -1.67
C LEU A 30 5.81 -2.57 -3.05
N LYS A 31 5.78 -3.59 -3.90
CA LYS A 31 6.34 -3.48 -5.25
C LYS A 31 5.40 -4.10 -6.29
N LEU A 32 5.67 -3.81 -7.56
CA LEU A 32 4.87 -4.35 -8.66
C LEU A 32 5.44 -5.69 -9.12
N ASN A 33 4.79 -6.77 -8.72
CA ASN A 33 5.23 -8.11 -9.09
C ASN A 33 5.14 -8.31 -10.61
N GLU A 34 5.60 -9.46 -11.07
CA GLU A 34 5.56 -9.78 -12.50
C GLU A 34 4.18 -9.48 -13.09
N LYS A 35 3.15 -9.56 -12.24
CA LYS A 35 1.79 -9.29 -12.67
C LYS A 35 1.39 -7.84 -12.42
N GLN A 36 2.39 -6.97 -12.30
CA GLN A 36 2.14 -5.55 -12.07
C GLN A 36 1.09 -5.37 -10.98
N SER A 37 1.48 -5.60 -9.73
CA SER A 37 0.57 -5.48 -8.60
C SER A 37 1.32 -5.03 -7.36
N CYS A 38 0.64 -4.27 -6.51
CA CYS A 38 1.26 -3.78 -5.28
C CYS A 38 1.10 -4.77 -4.14
N THR A 39 2.23 -5.32 -3.68
CA THR A 39 2.24 -6.27 -2.58
C THR A 39 3.28 -5.85 -1.56
N VAL A 40 2.87 -5.72 -0.30
CA VAL A 40 3.80 -5.30 0.74
C VAL A 40 4.98 -6.27 0.83
N ALA A 41 6.11 -5.81 0.33
CA ALA A 41 7.33 -6.61 0.32
C ALA A 41 7.94 -6.68 1.73
N ARG A 42 7.60 -5.71 2.57
CA ARG A 42 8.10 -5.66 3.93
C ARG A 42 7.40 -4.56 4.73
N ILE A 43 7.06 -4.86 5.98
CA ILE A 43 6.39 -3.90 6.84
C ILE A 43 7.40 -2.99 7.53
N LEU A 44 7.27 -1.69 7.30
CA LEU A 44 8.18 -0.71 7.90
C LEU A 44 7.87 -0.52 9.38
N HIS A 45 8.92 -0.33 10.18
CA HIS A 45 8.76 -0.13 11.61
C HIS A 45 8.50 1.33 11.94
N GLY A 46 7.47 1.57 12.76
CA GLY A 46 7.13 2.93 13.14
C GLY A 46 5.89 3.43 12.43
N GLY A 47 5.62 2.90 11.25
CA GLY A 47 4.45 3.31 10.49
C GLY A 47 3.16 2.97 11.20
N MET A 48 2.04 3.38 10.61
CA MET A 48 0.73 3.12 11.21
C MET A 48 0.27 1.70 10.90
N ILE A 49 0.70 1.18 9.76
CA ILE A 49 0.33 -0.17 9.35
C ILE A 49 0.90 -1.21 10.30
N HIS A 50 2.12 -0.95 10.79
CA HIS A 50 2.78 -1.86 11.71
C HIS A 50 2.28 -1.65 13.13
N ARG A 51 2.19 -0.38 13.54
CA ARG A 51 1.73 -0.05 14.89
C ARG A 51 0.26 -0.45 15.06
N GLN A 52 -0.55 -0.12 14.07
CA GLN A 52 -1.97 -0.45 14.11
C GLN A 52 -2.21 -1.89 13.67
N GLY A 53 -1.53 -2.29 12.61
CA GLY A 53 -1.68 -3.65 12.10
C GLY A 53 -2.79 -3.78 11.10
N SER A 54 -2.65 -3.09 9.96
CA SER A 54 -3.66 -3.13 8.91
C SER A 54 -3.23 -4.06 7.78
N LEU A 55 -1.92 -4.22 7.61
CA LEU A 55 -1.39 -5.08 6.56
C LEU A 55 -0.16 -5.83 7.05
N HIS A 56 0.16 -6.95 6.39
CA HIS A 56 1.32 -7.75 6.75
C HIS A 56 2.16 -8.06 5.53
N VAL A 57 3.48 -8.06 5.70
CA VAL A 57 4.42 -8.34 4.61
C VAL A 57 3.96 -9.51 3.76
N GLY A 58 3.62 -9.24 2.51
CA GLY A 58 3.17 -10.29 1.61
C GLY A 58 1.76 -10.07 1.12
N ASP A 59 0.94 -9.39 1.92
CA ASP A 59 -0.44 -9.11 1.56
C ASP A 59 -0.53 -8.57 0.14
N GLU A 60 -1.36 -9.21 -0.70
CA GLU A 60 -1.51 -8.80 -2.09
C GLU A 60 -2.60 -7.75 -2.25
N ILE A 61 -2.20 -6.52 -2.58
CA ILE A 61 -3.15 -5.43 -2.77
C ILE A 61 -3.58 -5.35 -4.23
N LEU A 62 -4.74 -5.93 -4.53
CA LEU A 62 -5.27 -5.93 -5.88
C LEU A 62 -5.52 -4.53 -6.40
N GLU A 63 -5.88 -3.60 -5.50
CA GLU A 63 -6.14 -2.23 -5.90
C GLU A 63 -5.61 -1.24 -4.86
N ILE A 64 -5.17 -0.08 -5.34
CA ILE A 64 -4.66 0.97 -4.47
C ILE A 64 -5.50 2.22 -4.57
N ASN A 65 -6.39 2.42 -3.60
CA ASN A 65 -7.27 3.59 -3.60
C ASN A 65 -8.17 3.60 -4.83
N GLY A 66 -8.46 2.41 -5.34
CA GLY A 66 -9.31 2.30 -6.51
C GLY A 66 -8.53 2.22 -7.81
N THR A 67 -7.20 2.20 -7.70
CA THR A 67 -6.35 2.12 -8.88
C THR A 67 -5.25 1.08 -8.69
N ASN A 68 -5.08 0.22 -9.69
CA ASN A 68 -4.06 -0.82 -9.64
C ASN A 68 -2.77 -0.35 -10.30
N VAL A 69 -1.71 -0.25 -9.52
CA VAL A 69 -0.42 0.19 -10.03
C VAL A 69 0.05 -0.68 -11.19
N THR A 70 0.96 -0.14 -12.00
CA THR A 70 1.49 -0.86 -13.15
C THR A 70 2.99 -0.66 -13.27
N ASN A 71 3.58 -1.25 -14.30
CA ASN A 71 5.02 -1.14 -14.53
C ASN A 71 5.42 0.32 -14.72
N HIS A 72 4.47 1.14 -15.17
CA HIS A 72 4.73 2.56 -15.39
C HIS A 72 5.28 3.20 -14.11
N SER A 73 5.47 4.52 -14.15
CA SER A 73 5.99 5.24 -13.00
C SER A 73 5.02 5.17 -11.83
N VAL A 74 5.56 4.89 -10.65
CA VAL A 74 4.75 4.79 -9.44
C VAL A 74 4.62 6.14 -8.75
N ASP A 75 5.49 7.07 -9.11
CA ASP A 75 5.48 8.41 -8.53
C ASP A 75 4.07 8.98 -8.48
N GLN A 76 3.22 8.51 -9.39
CA GLN A 76 1.84 8.98 -9.45
C GLN A 76 1.08 8.57 -8.18
N LEU A 77 1.13 7.28 -7.86
CA LEU A 77 0.46 6.77 -6.68
C LEU A 77 1.24 7.15 -5.42
N GLN A 78 2.55 7.27 -5.57
CA GLN A 78 3.42 7.62 -4.46
C GLN A 78 3.15 9.07 -4.01
N LYS A 79 3.05 9.97 -4.98
CA LYS A 79 2.79 11.37 -4.70
C LYS A 79 1.38 11.56 -4.16
N ALA A 80 0.44 10.80 -4.73
CA ALA A 80 -0.96 10.88 -4.32
C ALA A 80 -1.16 10.23 -2.95
N MET A 81 -0.47 9.13 -2.71
CA MET A 81 -0.57 8.42 -1.44
C MET A 81 0.01 9.25 -0.30
N LYS A 82 0.98 10.09 -0.63
CA LYS A 82 1.62 10.94 0.37
C LYS A 82 0.85 12.24 0.56
N GLU A 83 0.28 12.75 -0.54
CA GLU A 83 -0.49 13.99 -0.48
C GLU A 83 -1.99 13.71 -0.43
N THR A 84 -2.36 12.45 -0.20
CA THR A 84 -3.76 12.07 -0.11
C THR A 84 -4.41 12.67 1.13
N LYS A 85 -5.56 13.31 0.93
CA LYS A 85 -6.29 13.93 2.04
C LYS A 85 -7.69 13.35 2.16
N GLY A 86 -7.84 12.32 3.00
CA GLY A 86 -9.13 11.69 3.18
C GLY A 86 -9.01 10.23 3.56
N MET A 87 -10.07 9.47 3.30
CA MET A 87 -10.10 8.05 3.63
C MET A 87 -9.58 7.22 2.46
N ILE A 88 -8.55 6.42 2.72
CA ILE A 88 -7.95 5.58 1.68
C ILE A 88 -8.58 4.18 1.69
N SER A 89 -8.97 3.72 0.51
CA SER A 89 -9.57 2.40 0.37
C SER A 89 -8.63 1.48 -0.41
N LEU A 90 -8.11 0.46 0.25
CA LEU A 90 -7.19 -0.47 -0.40
C LEU A 90 -7.77 -1.89 -0.43
N LYS A 91 -7.62 -2.54 -1.58
CA LYS A 91 -8.11 -3.90 -1.76
C LYS A 91 -6.94 -4.88 -1.63
N VAL A 92 -6.90 -5.58 -0.51
CA VAL A 92 -5.81 -6.53 -0.25
C VAL A 92 -6.32 -7.92 0.04
N ILE A 93 -5.49 -8.92 -0.26
CA ILE A 93 -5.83 -10.32 -0.03
C ILE A 93 -4.88 -10.94 0.99
N PRO A 94 -5.40 -11.48 2.11
CA PRO A 94 -4.59 -12.09 3.15
C PRO A 94 -3.93 -13.39 2.69
N ASN A 95 -2.62 -13.47 2.84
CA ASN A 95 -1.87 -14.66 2.43
C ASN A 95 -1.47 -15.48 3.65
N GLN A 96 -2.04 -16.68 3.78
CA GLN A 96 -1.74 -17.56 4.90
C GLN A 96 -2.16 -16.92 6.22
N GLN A 97 -3.23 -17.44 6.81
CA GLN A 97 -3.72 -16.91 8.08
C GLN A 97 -2.69 -17.09 9.18
N ARG B 7 13.28 -6.29 -8.90
CA ARG B 7 13.17 -6.53 -7.44
C ARG B 7 13.08 -5.21 -6.66
N LYS B 8 12.40 -4.23 -7.25
CA LYS B 8 12.24 -2.93 -6.62
C LYS B 8 11.18 -2.97 -5.52
N GLU B 9 11.13 -1.92 -4.72
CA GLU B 9 10.18 -1.83 -3.63
C GLU B 9 9.87 -0.36 -3.34
N TYR B 10 8.60 -0.08 -3.18
CA TYR B 10 8.15 1.26 -2.90
C TYR B 10 7.55 1.38 -1.51
N CYS B 11 7.90 2.44 -0.81
CA CYS B 11 7.36 2.65 0.52
C CYS B 11 6.33 3.76 0.46
N ILE B 12 5.09 3.41 0.76
CA ILE B 12 3.99 4.35 0.70
C ILE B 12 2.94 4.05 1.75
N VAL A 13 -10.74 -10.96 -1.48
CA VAL A 13 -10.61 -9.48 -1.60
C VAL A 13 -11.18 -8.78 -0.37
N ARG A 14 -10.34 -8.03 0.32
CA ARG A 14 -10.76 -7.31 1.52
C ARG A 14 -10.66 -5.81 1.30
N LEU A 15 -11.78 -5.11 1.47
CA LEU A 15 -11.82 -3.66 1.30
C LEU A 15 -11.54 -2.94 2.61
N ILE A 16 -10.30 -2.50 2.80
CA ILE A 16 -9.91 -1.79 4.00
C ILE A 16 -9.98 -0.29 3.80
N GLN A 17 -10.16 0.46 4.89
CA GLN A 17 -10.24 1.91 4.80
C GLN A 17 -9.64 2.57 6.03
N PHE A 18 -8.73 3.51 5.80
CA PHE A 18 -8.07 4.24 6.88
C PHE A 18 -7.91 5.72 6.51
N GLU A 19 -8.20 6.60 7.44
CA GLU A 19 -8.09 8.03 7.20
C GLU A 19 -6.64 8.50 7.34
N LYS A 20 -6.22 9.36 6.43
CA LYS A 20 -4.86 9.89 6.45
C LYS A 20 -4.88 11.41 6.37
N VAL A 21 -4.50 12.07 7.45
CA VAL A 21 -4.49 13.53 7.50
C VAL A 21 -3.16 14.06 8.03
N THR A 22 -2.15 13.20 8.08
CA THR A 22 -0.84 13.60 8.57
C THR A 22 0.18 13.71 7.44
N GLU A 23 1.20 14.53 7.64
CA GLU A 23 2.24 14.71 6.65
C GLU A 23 3.35 13.70 6.85
N GLU A 24 3.10 12.48 6.38
CA GLU A 24 4.05 11.41 6.52
C GLU A 24 3.60 10.16 5.75
N PRO A 25 4.55 9.33 5.32
CA PRO A 25 4.24 8.10 4.57
C PRO A 25 3.36 7.14 5.37
N MET A 26 2.67 6.25 4.65
CA MET A 26 1.79 5.28 5.30
C MET A 26 2.55 4.46 6.34
N GLY A 27 3.65 3.84 5.90
CA GLY A 27 4.44 3.03 6.80
C GLY A 27 4.80 1.67 6.22
N ILE A 28 4.20 1.33 5.08
CA ILE A 28 4.46 0.05 4.44
C ILE A 28 5.14 0.26 3.08
N CYS A 29 5.65 -0.83 2.52
CA CYS A 29 6.32 -0.79 1.22
C CYS A 29 5.85 -1.93 0.34
N LEU A 30 5.41 -1.60 -0.87
CA LEU A 30 4.92 -2.60 -1.81
C LEU A 30 5.64 -2.50 -3.15
N LYS A 31 5.60 -3.58 -3.93
CA LYS A 31 6.25 -3.63 -5.24
C LYS A 31 5.35 -4.29 -6.28
N LEU A 32 5.67 -4.07 -7.55
CA LEU A 32 4.90 -4.64 -8.64
C LEU A 32 5.65 -5.84 -9.25
N ASN A 33 5.19 -7.03 -8.91
CA ASN A 33 5.81 -8.25 -9.43
C ASN A 33 5.63 -8.35 -10.93
N GLU A 34 6.20 -9.39 -11.53
CA GLU A 34 6.11 -9.58 -12.98
C GLU A 34 4.66 -9.49 -13.44
N LYS A 35 3.73 -9.82 -12.54
CA LYS A 35 2.30 -9.78 -12.84
C LYS A 35 1.77 -8.35 -12.80
N GLN A 36 2.53 -7.45 -12.19
CA GLN A 36 2.13 -6.05 -12.06
C GLN A 36 1.03 -5.90 -11.01
N SER A 37 1.43 -5.92 -9.75
CA SER A 37 0.47 -5.79 -8.65
C SER A 37 1.16 -5.22 -7.41
N CYS A 38 0.39 -4.51 -6.59
CA CYS A 38 0.94 -3.92 -5.37
C CYS A 38 0.88 -4.90 -4.20
N THR A 39 2.05 -5.33 -3.74
CA THR A 39 2.15 -6.25 -2.63
C THR A 39 3.16 -5.73 -1.63
N VAL A 40 2.78 -5.61 -0.37
CA VAL A 40 3.69 -5.11 0.64
C VAL A 40 4.92 -6.00 0.71
N ALA A 41 6.03 -5.48 0.19
CA ALA A 41 7.29 -6.22 0.15
C ALA A 41 7.90 -6.30 1.53
N ARG A 42 7.56 -5.36 2.40
CA ARG A 42 8.09 -5.34 3.75
C ARG A 42 7.41 -4.25 4.58
N ILE A 43 6.81 -4.64 5.69
CA ILE A 43 6.14 -3.69 6.58
C ILE A 43 7.13 -3.09 7.56
N LEU A 44 7.26 -1.77 7.51
CA LEU A 44 8.19 -1.07 8.39
C LEU A 44 7.56 -0.80 9.75
N HIS A 45 8.33 -1.04 10.81
CA HIS A 45 7.85 -0.83 12.17
C HIS A 45 7.78 0.67 12.48
N GLY A 46 6.71 1.07 13.17
CA GLY A 46 6.55 2.47 13.53
C GLY A 46 5.45 3.14 12.73
N GLY A 47 5.32 2.76 11.46
CA GLY A 47 4.29 3.34 10.60
C GLY A 47 2.90 3.18 11.18
N MET A 48 1.89 3.51 10.38
CA MET A 48 0.51 3.41 10.82
C MET A 48 -0.02 1.99 10.62
N ILE A 49 0.34 1.39 9.49
CA ILE A 49 -0.10 0.03 9.17
C ILE A 49 0.48 -0.98 10.15
N HIS A 50 1.73 -0.75 10.56
CA HIS A 50 2.41 -1.64 11.49
C HIS A 50 1.87 -1.44 12.91
N ARG A 51 1.92 -0.20 13.38
CA ARG A 51 1.43 0.11 14.72
C ARG A 51 -0.04 -0.23 14.85
N GLN A 52 -0.84 0.19 13.87
CA GLN A 52 -2.27 -0.08 13.88
C GLN A 52 -2.54 -1.53 13.51
N GLY A 53 -1.90 -2.01 12.45
CA GLY A 53 -2.09 -3.38 12.02
C GLY A 53 -3.24 -3.53 11.05
N SER A 54 -3.04 -3.07 9.81
CA SER A 54 -4.07 -3.16 8.79
C SER A 54 -3.67 -4.14 7.69
N LEU A 55 -2.37 -4.29 7.47
CA LEU A 55 -1.85 -5.19 6.45
C LEU A 55 -0.70 -6.03 6.99
N HIS A 56 -0.25 -7.00 6.19
CA HIS A 56 0.85 -7.87 6.57
C HIS A 56 1.83 -8.02 5.42
N VAL A 57 3.12 -7.98 5.75
CA VAL A 57 4.17 -8.12 4.74
C VAL A 57 3.90 -9.30 3.82
N GLY A 58 3.69 -9.01 2.54
CA GLY A 58 3.43 -10.06 1.57
C GLY A 58 2.01 -10.02 1.03
N ASP A 59 1.09 -9.44 1.80
CA ASP A 59 -0.31 -9.34 1.39
C ASP A 59 -0.42 -8.77 -0.02
N GLU A 60 -1.37 -9.27 -0.81
CA GLU A 60 -1.54 -8.78 -2.18
C GLU A 60 -2.61 -7.69 -2.26
N ILE A 61 -2.16 -6.46 -2.49
CA ILE A 61 -3.07 -5.32 -2.60
C ILE A 61 -3.56 -5.18 -4.04
N LEU A 62 -4.77 -5.67 -4.30
CA LEU A 62 -5.35 -5.59 -5.63
C LEU A 62 -5.30 -4.17 -6.19
N GLU A 63 -5.46 -3.19 -5.30
CA GLU A 63 -5.44 -1.79 -5.73
C GLU A 63 -5.39 -0.86 -4.52
N ILE A 64 -4.68 0.27 -4.68
CA ILE A 64 -4.56 1.24 -3.62
C ILE A 64 -5.44 2.47 -3.90
N ASN A 65 -6.29 2.80 -2.94
CA ASN A 65 -7.19 3.94 -3.10
C ASN A 65 -8.12 3.74 -4.29
N GLY A 66 -8.39 2.48 -4.61
CA GLY A 66 -9.26 2.18 -5.74
C GLY A 66 -8.53 2.20 -7.07
N THR A 67 -7.21 2.11 -7.03
CA THR A 67 -6.41 2.11 -8.24
C THR A 67 -5.36 1.01 -8.21
N ASN A 68 -5.32 0.19 -9.26
CA ASN A 68 -4.37 -0.90 -9.36
C ASN A 68 -3.10 -0.45 -10.08
N VAL A 69 -1.98 -0.44 -9.35
CA VAL A 69 -0.71 -0.04 -9.93
C VAL A 69 -0.06 -1.18 -10.70
N THR A 70 0.31 -0.92 -11.95
CA THR A 70 0.95 -1.92 -12.79
C THR A 70 2.47 -1.74 -12.79
N ASN A 71 3.13 -2.42 -13.72
CA ASN A 71 4.59 -2.33 -13.83
C ASN A 71 5.02 -0.93 -14.26
N HIS A 72 4.08 -0.14 -14.78
CA HIS A 72 4.39 1.21 -15.22
C HIS A 72 4.97 2.04 -14.08
N SER A 73 5.05 3.35 -14.26
CA SER A 73 5.59 4.22 -13.24
C SER A 73 4.68 4.26 -12.02
N VAL A 74 5.27 4.13 -10.84
CA VAL A 74 4.52 4.15 -9.59
C VAL A 74 4.38 5.57 -9.05
N ASP A 75 5.20 6.48 -9.56
CA ASP A 75 5.18 7.87 -9.14
C ASP A 75 3.74 8.40 -9.03
N GLN A 76 2.85 7.81 -9.81
CA GLN A 76 1.45 8.22 -9.81
C GLN A 76 0.81 7.96 -8.44
N LEU A 77 0.93 6.72 -7.97
CA LEU A 77 0.37 6.35 -6.68
C LEU A 77 1.26 6.83 -5.54
N GLN A 78 2.57 6.78 -5.76
CA GLN A 78 3.54 7.22 -4.76
C GLN A 78 3.34 8.69 -4.43
N LYS A 79 3.26 9.52 -5.47
CA LYS A 79 3.06 10.95 -5.29
C LYS A 79 1.71 11.24 -4.65
N ALA A 80 0.68 10.55 -5.13
CA ALA A 80 -0.66 10.73 -4.60
C ALA A 80 -0.76 10.24 -3.15
N MET A 81 -0.02 9.18 -2.85
CA MET A 81 -0.01 8.62 -1.50
C MET A 81 0.67 9.57 -0.52
N LYS A 82 1.60 10.37 -1.03
CA LYS A 82 2.32 11.33 -0.19
C LYS A 82 1.54 12.63 -0.05
N GLU A 83 0.74 12.95 -1.06
CA GLU A 83 -0.06 14.17 -1.05
C GLU A 83 -1.54 13.86 -0.80
N THR A 84 -1.83 12.61 -0.45
CA THR A 84 -3.22 12.21 -0.19
C THR A 84 -3.76 12.91 1.05
N LYS A 85 -5.06 13.18 1.04
CA LYS A 85 -5.71 13.84 2.17
C LYS A 85 -7.18 13.42 2.28
N GLY A 86 -7.43 12.42 3.12
CA GLY A 86 -8.79 11.95 3.30
C GLY A 86 -8.84 10.46 3.64
N MET A 87 -9.96 9.82 3.33
CA MET A 87 -10.13 8.40 3.59
C MET A 87 -9.61 7.56 2.43
N ILE A 88 -8.65 6.70 2.71
CA ILE A 88 -8.06 5.83 1.70
C ILE A 88 -8.72 4.46 1.69
N SER A 89 -8.87 3.89 0.50
CA SER A 89 -9.47 2.56 0.36
C SER A 89 -8.45 1.58 -0.22
N LEU A 90 -8.07 0.61 0.60
CA LEU A 90 -7.10 -0.39 0.17
C LEU A 90 -7.73 -1.76 -0.03
N LYS A 91 -7.54 -2.30 -1.23
CA LYS A 91 -8.06 -3.62 -1.56
C LYS A 91 -6.93 -4.63 -1.55
N VAL A 92 -6.95 -5.55 -0.60
CA VAL A 92 -5.89 -6.54 -0.49
C VAL A 92 -6.40 -7.87 0.04
N ILE A 93 -5.82 -8.96 -0.48
CA ILE A 93 -6.20 -10.30 -0.06
C ILE A 93 -5.10 -10.89 0.84
N PRO A 94 -5.51 -11.54 1.95
CA PRO A 94 -4.55 -12.15 2.89
C PRO A 94 -3.85 -13.37 2.30
N ASN A 95 -2.54 -13.43 2.47
CA ASN A 95 -1.74 -14.54 1.96
C ASN A 95 -0.73 -15.01 3.00
N GLN A 96 -0.84 -16.27 3.41
CA GLN A 96 0.07 -16.84 4.39
C GLN A 96 -0.05 -16.10 5.73
N GLN A 97 -1.27 -15.72 6.08
CA GLN A 97 -1.51 -15.00 7.34
C GLN A 97 -0.78 -13.67 7.34
N ARG B 7 12.68 -6.53 -9.63
CA ARG B 7 13.20 -6.43 -8.24
C ARG B 7 13.13 -4.99 -7.73
N LYS B 8 11.90 -4.46 -7.64
CA LYS B 8 11.70 -3.10 -7.17
C LYS B 8 10.83 -3.09 -5.91
N GLU B 9 10.77 -1.94 -5.25
CA GLU B 9 10.00 -1.78 -4.04
C GLU B 9 9.75 -0.32 -3.76
N TYR B 10 8.52 0.00 -3.38
CA TYR B 10 8.13 1.37 -3.10
C TYR B 10 7.60 1.51 -1.68
N CYS B 11 8.07 2.52 -0.98
CA CYS B 11 7.61 2.78 0.38
C CYS B 11 6.70 3.98 0.35
N ILE B 12 5.44 3.77 0.68
CA ILE B 12 4.45 4.82 0.65
C ILE B 12 3.40 4.63 1.73
N VAL A 13 -11.29 -10.38 -1.65
CA VAL A 13 -10.74 -9.00 -1.66
C VAL A 13 -11.16 -8.23 -0.40
N ARG A 14 -10.17 -7.86 0.41
CA ARG A 14 -10.43 -7.13 1.65
C ARG A 14 -10.28 -5.63 1.42
N LEU A 15 -11.35 -4.89 1.66
CA LEU A 15 -11.34 -3.44 1.48
C LEU A 15 -11.14 -2.73 2.81
N ILE A 16 -9.90 -2.32 3.09
CA ILE A 16 -9.59 -1.61 4.32
C ILE A 16 -9.55 -0.11 4.08
N GLN A 17 -9.91 0.66 5.09
CA GLN A 17 -9.92 2.12 4.98
C GLN A 17 -9.29 2.78 6.20
N PHE A 18 -8.27 3.59 5.95
CA PHE A 18 -7.58 4.30 7.02
C PHE A 18 -7.53 5.79 6.71
N GLU A 19 -7.86 6.61 7.70
CA GLU A 19 -7.87 8.06 7.52
C GLU A 19 -6.45 8.64 7.64
N LYS A 20 -6.12 9.54 6.72
CA LYS A 20 -4.81 10.17 6.72
C LYS A 20 -4.95 11.69 6.63
N VAL A 21 -4.56 12.38 7.70
CA VAL A 21 -4.65 13.83 7.74
C VAL A 21 -3.27 14.48 7.70
N THR A 22 -2.27 13.75 8.20
CA THR A 22 -0.90 14.26 8.25
C THR A 22 -0.14 13.89 6.98
N GLU A 23 0.91 14.65 6.69
CA GLU A 23 1.73 14.41 5.52
C GLU A 23 2.91 13.51 5.87
N GLU A 24 2.68 12.22 5.74
CA GLU A 24 3.69 11.23 6.07
C GLU A 24 3.39 9.89 5.40
N PRO A 25 4.42 9.09 5.11
CA PRO A 25 4.25 7.78 4.47
C PRO A 25 3.38 6.84 5.30
N MET A 26 2.63 5.99 4.61
CA MET A 26 1.75 5.02 5.28
C MET A 26 2.53 4.18 6.28
N GLY A 27 3.72 3.74 5.89
CA GLY A 27 4.53 2.93 6.75
C GLY A 27 4.79 1.54 6.19
N ILE A 28 4.28 1.30 4.98
CA ILE A 28 4.45 0.01 4.32
C ILE A 28 5.12 0.18 2.96
N CYS A 29 5.61 -0.91 2.40
CA CYS A 29 6.27 -0.87 1.10
C CYS A 29 5.78 -2.01 0.22
N LEU A 30 5.38 -1.67 -1.01
CA LEU A 30 4.86 -2.65 -1.97
C LEU A 30 5.70 -2.67 -3.25
N LYS A 31 5.61 -3.76 -4.00
CA LYS A 31 6.35 -3.89 -5.25
C LYS A 31 5.49 -4.51 -6.35
N LEU A 32 5.81 -4.17 -7.60
CA LEU A 32 5.07 -4.70 -8.74
C LEU A 32 5.84 -5.83 -9.42
N ASN A 33 5.40 -7.06 -9.17
CA ASN A 33 6.03 -8.23 -9.76
C ASN A 33 5.90 -8.22 -11.28
N GLU A 34 6.51 -9.21 -11.93
CA GLU A 34 6.45 -9.31 -13.39
C GLU A 34 5.00 -9.27 -13.88
N LYS A 35 4.08 -9.73 -13.05
CA LYS A 35 2.66 -9.75 -13.39
C LYS A 35 2.02 -8.37 -13.16
N GLN A 36 2.81 -7.43 -12.64
CA GLN A 36 2.31 -6.09 -12.37
C GLN A 36 1.24 -6.12 -11.29
N SER A 37 1.66 -6.06 -10.04
CA SER A 37 0.74 -6.09 -8.91
C SER A 37 1.40 -5.54 -7.67
N CYS A 38 0.67 -4.73 -6.91
CA CYS A 38 1.22 -4.13 -5.70
C CYS A 38 1.04 -5.04 -4.49
N THR A 39 2.15 -5.51 -3.94
CA THR A 39 2.14 -6.37 -2.77
C THR A 39 3.15 -5.85 -1.76
N VAL A 40 2.74 -5.72 -0.51
CA VAL A 40 3.63 -5.22 0.51
C VAL A 40 4.87 -6.09 0.62
N ALA A 41 5.99 -5.56 0.12
CA ALA A 41 7.24 -6.28 0.14
C ALA A 41 7.84 -6.33 1.55
N ARG A 42 7.44 -5.38 2.39
CA ARG A 42 7.93 -5.33 3.76
C ARG A 42 7.20 -4.28 4.59
N ILE A 43 6.75 -4.67 5.77
CA ILE A 43 6.05 -3.76 6.66
C ILE A 43 7.04 -3.05 7.59
N LEU A 44 7.33 -1.78 7.29
CA LEU A 44 8.27 -1.01 8.10
C LEU A 44 7.72 -0.77 9.50
N HIS A 45 8.64 -0.70 10.47
CA HIS A 45 8.26 -0.47 11.86
C HIS A 45 8.12 1.02 12.14
N GLY A 46 7.14 1.38 12.96
CA GLY A 46 6.92 2.78 13.28
C GLY A 46 5.72 3.37 12.57
N GLY A 47 5.54 2.99 11.31
CA GLY A 47 4.42 3.49 10.54
C GLY A 47 3.09 3.27 11.23
N MET A 48 2.00 3.68 10.57
CA MET A 48 0.67 3.51 11.12
C MET A 48 0.11 2.12 10.83
N ILE A 49 0.54 1.54 9.71
CA ILE A 49 0.07 0.22 9.33
C ILE A 49 0.64 -0.85 10.25
N HIS A 50 1.89 -0.67 10.65
CA HIS A 50 2.54 -1.61 11.54
C HIS A 50 2.08 -1.41 12.98
N ARG A 51 2.01 -0.15 13.40
CA ARG A 51 1.56 0.18 14.74
C ARG A 51 0.10 -0.23 14.94
N GLN A 52 -0.75 0.17 14.00
CA GLN A 52 -2.16 -0.17 14.07
C GLN A 52 -2.40 -1.61 13.62
N GLY A 53 -1.76 -1.98 12.52
CA GLY A 53 -1.92 -3.33 12.00
C GLY A 53 -3.04 -3.43 10.98
N SER A 54 -2.78 -2.98 9.76
CA SER A 54 -3.79 -3.03 8.70
C SER A 54 -3.35 -3.96 7.57
N LEU A 55 -2.04 -4.09 7.40
CA LEU A 55 -1.49 -4.95 6.35
C LEU A 55 -0.40 -5.86 6.89
N HIS A 56 0.06 -6.79 6.05
CA HIS A 56 1.11 -7.72 6.45
C HIS A 56 2.04 -8.00 5.28
N VAL A 57 3.35 -7.92 5.53
CA VAL A 57 4.36 -8.16 4.50
C VAL A 57 4.03 -9.38 3.66
N GLY A 58 3.69 -9.15 2.39
CA GLY A 58 3.37 -10.24 1.49
C GLY A 58 1.94 -10.18 0.98
N ASP A 59 1.05 -9.59 1.78
CA ASP A 59 -0.35 -9.47 1.40
C ASP A 59 -0.48 -8.90 -0.02
N GLU A 60 -1.40 -9.48 -0.81
CA GLU A 60 -1.59 -9.04 -2.18
C GLU A 60 -2.63 -7.93 -2.27
N ILE A 61 -2.18 -6.73 -2.61
CA ILE A 61 -3.07 -5.57 -2.74
C ILE A 61 -3.62 -5.48 -4.16
N LEU A 62 -4.90 -5.74 -4.31
CA LEU A 62 -5.55 -5.68 -5.62
C LEU A 62 -5.61 -4.25 -6.13
N GLU A 63 -5.69 -3.29 -5.22
CA GLU A 63 -5.76 -1.88 -5.61
C GLU A 63 -5.42 -0.96 -4.44
N ILE A 64 -4.82 0.18 -4.75
CA ILE A 64 -4.44 1.16 -3.74
C ILE A 64 -5.15 2.50 -3.98
N ASN A 65 -6.14 2.79 -3.15
CA ASN A 65 -6.90 4.03 -3.28
C ASN A 65 -7.72 4.03 -4.56
N GLY A 66 -8.12 2.84 -5.01
CA GLY A 66 -8.91 2.72 -6.22
C GLY A 66 -8.06 2.63 -7.47
N THR A 67 -6.75 2.48 -7.30
CA THR A 67 -5.84 2.38 -8.42
C THR A 67 -4.85 1.23 -8.24
N ASN A 68 -4.81 0.32 -9.21
CA ASN A 68 -3.92 -0.83 -9.15
C ASN A 68 -2.56 -0.48 -9.76
N VAL A 69 -1.55 -0.34 -8.90
CA VAL A 69 -0.21 -0.02 -9.35
C VAL A 69 0.32 -1.06 -10.32
N THR A 70 0.76 -0.61 -11.49
CA THR A 70 1.29 -1.52 -12.51
C THR A 70 2.78 -1.27 -12.71
N ASN A 71 3.35 -1.90 -13.73
CA ASN A 71 4.77 -1.76 -14.04
C ASN A 71 5.11 -0.31 -14.36
N HIS A 72 4.11 0.46 -14.79
CA HIS A 72 4.32 1.87 -15.12
C HIS A 72 4.92 2.62 -13.94
N SER A 73 5.09 3.92 -14.09
CA SER A 73 5.67 4.74 -13.04
C SER A 73 4.78 4.74 -11.80
N VAL A 74 5.40 4.55 -10.63
CA VAL A 74 4.68 4.53 -9.37
C VAL A 74 4.57 5.93 -8.77
N ASP A 75 5.49 6.81 -9.19
CA ASP A 75 5.51 8.18 -8.69
C ASP A 75 4.12 8.81 -8.70
N GLN A 76 3.26 8.31 -9.59
CA GLN A 76 1.90 8.83 -9.70
C GLN A 76 1.02 8.33 -8.55
N LEU A 77 1.17 7.05 -8.22
CA LEU A 77 0.38 6.44 -7.15
C LEU A 77 0.87 6.92 -5.78
N GLN A 78 2.17 6.93 -5.59
CA GLN A 78 2.75 7.36 -4.32
C GLN A 78 2.55 8.84 -4.07
N LYS A 79 2.85 9.65 -5.09
CA LYS A 79 2.69 11.10 -4.98
C LYS A 79 1.24 11.49 -4.74
N ALA A 80 0.32 10.76 -5.36
CA ALA A 80 -1.10 11.05 -5.22
C ALA A 80 -1.69 10.45 -3.94
N MET A 81 -1.34 9.20 -3.67
CA MET A 81 -1.84 8.51 -2.48
C MET A 81 -1.28 9.13 -1.20
N LYS A 82 -0.12 9.76 -1.30
CA LYS A 82 0.52 10.38 -0.15
C LYS A 82 -0.01 11.80 0.08
N GLU A 83 -0.07 12.59 -0.99
CA GLU A 83 -0.56 13.95 -0.90
C GLU A 83 -2.07 14.00 -0.67
N THR A 84 -2.73 12.87 -0.87
CA THR A 84 -4.18 12.80 -0.68
C THR A 84 -4.57 13.17 0.74
N LYS A 85 -5.77 13.73 0.91
CA LYS A 85 -6.26 14.12 2.22
C LYS A 85 -7.66 13.57 2.46
N GLY A 86 -7.78 12.67 3.42
CA GLY A 86 -9.07 12.08 3.73
C GLY A 86 -8.96 10.63 4.15
N MET A 87 -9.79 9.77 3.57
CA MET A 87 -9.78 8.36 3.90
C MET A 87 -9.22 7.52 2.75
N ILE A 88 -8.12 6.81 3.01
CA ILE A 88 -7.49 5.98 2.00
C ILE A 88 -8.11 4.58 1.98
N SER A 89 -8.47 4.11 0.80
CA SER A 89 -9.06 2.78 0.66
C SER A 89 -8.08 1.83 -0.03
N LEU A 90 -7.78 0.72 0.65
CA LEU A 90 -6.85 -0.27 0.11
C LEU A 90 -7.51 -1.64 -0.01
N LYS A 91 -7.37 -2.26 -1.17
CA LYS A 91 -7.93 -3.58 -1.41
C LYS A 91 -6.82 -4.62 -1.36
N VAL A 92 -6.81 -5.41 -0.30
CA VAL A 92 -5.77 -6.43 -0.13
C VAL A 92 -6.34 -7.79 0.25
N ILE A 93 -5.57 -8.83 -0.01
CA ILE A 93 -5.97 -10.19 0.32
C ILE A 93 -4.91 -10.87 1.18
N PRO A 94 -5.31 -11.39 2.37
CA PRO A 94 -4.38 -12.06 3.29
C PRO A 94 -3.89 -13.40 2.75
N ASN A 95 -2.58 -13.62 2.82
CA ASN A 95 -1.99 -14.86 2.35
C ASN A 95 -1.62 -15.77 3.52
N GLN A 96 -2.08 -17.01 3.48
CA GLN A 96 -1.80 -17.97 4.53
C GLN A 96 -2.44 -17.53 5.85
N GLN A 97 -3.18 -18.44 6.47
CA GLN A 97 -3.84 -18.15 7.74
C GLN A 97 -3.46 -19.17 8.81
N ARG B 7 14.79 -6.75 -8.77
CA ARG B 7 13.74 -6.64 -7.72
C ARG B 7 13.57 -5.19 -7.27
N LYS B 8 12.33 -4.70 -7.31
CA LYS B 8 12.04 -3.34 -6.91
C LYS B 8 11.11 -3.32 -5.70
N GLU B 9 10.97 -2.15 -5.08
CA GLU B 9 10.13 -1.98 -3.91
C GLU B 9 9.86 -0.51 -3.66
N TYR B 10 8.63 -0.20 -3.34
CA TYR B 10 8.23 1.17 -3.06
C TYR B 10 7.66 1.31 -1.68
N CYS B 11 8.08 2.35 -0.97
CA CYS B 11 7.58 2.61 0.36
C CYS B 11 6.63 3.79 0.30
N ILE B 12 5.37 3.53 0.60
CA ILE B 12 4.35 4.56 0.53
C ILE B 12 3.37 4.46 1.69
N VAL A 13 -10.85 -10.98 -0.62
CA VAL A 13 -10.74 -9.50 -0.81
C VAL A 13 -11.12 -8.77 0.47
N ARG A 14 -10.21 -7.91 0.95
CA ARG A 14 -10.46 -7.14 2.16
C ARG A 14 -10.44 -5.65 1.88
N LEU A 15 -11.50 -4.96 2.24
CA LEU A 15 -11.60 -3.52 2.02
C LEU A 15 -11.25 -2.75 3.29
N ILE A 16 -10.02 -2.25 3.36
CA ILE A 16 -9.56 -1.50 4.51
C ILE A 16 -9.75 0.00 4.28
N GLN A 17 -10.10 0.71 5.34
CA GLN A 17 -10.32 2.15 5.26
C GLN A 17 -9.60 2.88 6.39
N PHE A 18 -8.73 3.82 6.01
CA PHE A 18 -7.98 4.60 6.99
C PHE A 18 -7.81 6.04 6.51
N GLU A 19 -8.13 6.99 7.38
CA GLU A 19 -8.02 8.40 7.04
C GLU A 19 -6.58 8.90 7.16
N LYS A 20 -6.18 9.75 6.22
CA LYS A 20 -4.84 10.31 6.21
C LYS A 20 -4.89 11.82 6.09
N VAL A 21 -4.51 12.51 7.16
CA VAL A 21 -4.53 13.97 7.18
C VAL A 21 -3.11 14.55 7.23
N THR A 22 -2.18 13.77 7.77
CA THR A 22 -0.80 14.20 7.89
C THR A 22 0.01 13.81 6.67
N GLU A 23 1.08 14.56 6.40
CA GLU A 23 1.94 14.29 5.27
C GLU A 23 3.07 13.36 5.66
N GLU A 24 2.80 12.07 5.54
CA GLU A 24 3.77 11.06 5.89
C GLU A 24 3.36 9.69 5.34
N PRO A 25 4.34 8.85 4.95
CA PRO A 25 4.07 7.52 4.42
C PRO A 25 3.15 6.70 5.33
N MET A 26 2.39 5.80 4.73
CA MET A 26 1.46 4.96 5.47
C MET A 26 2.20 4.18 6.57
N GLY A 27 3.38 3.67 6.22
CA GLY A 27 4.16 2.92 7.19
C GLY A 27 4.44 1.49 6.73
N ILE A 28 4.47 1.29 5.42
CA ILE A 28 4.73 -0.03 4.86
C ILE A 28 5.48 0.07 3.54
N CYS A 29 5.97 -1.06 3.05
CA CYS A 29 6.69 -1.11 1.80
C CYS A 29 6.16 -2.23 0.92
N LEU A 30 5.79 -1.90 -0.31
CA LEU A 30 5.24 -2.87 -1.24
C LEU A 30 5.99 -2.83 -2.57
N LYS A 31 5.90 -3.91 -3.34
CA LYS A 31 6.59 -4.00 -4.62
C LYS A 31 5.68 -4.59 -5.70
N LEU A 32 5.94 -4.21 -6.96
CA LEU A 32 5.15 -4.71 -8.08
C LEU A 32 5.85 -5.91 -8.71
N ASN A 33 5.35 -7.10 -8.42
CA ASN A 33 5.92 -8.33 -8.96
C ASN A 33 5.74 -8.39 -10.47
N GLU A 34 6.28 -9.43 -11.09
CA GLU A 34 6.16 -9.60 -12.54
C GLU A 34 4.70 -9.51 -12.98
N LYS A 35 3.79 -9.80 -12.06
CA LYS A 35 2.36 -9.75 -12.35
C LYS A 35 1.80 -8.34 -12.17
N GLN A 36 2.67 -7.39 -11.82
CA GLN A 36 2.24 -6.01 -11.63
C GLN A 36 1.21 -5.94 -10.51
N SER A 37 1.67 -5.95 -9.26
CA SER A 37 0.78 -5.87 -8.11
C SER A 37 1.52 -5.37 -6.89
N CYS A 38 0.87 -4.51 -6.11
CA CYS A 38 1.50 -3.96 -4.92
C CYS A 38 1.28 -4.85 -3.69
N THR A 39 2.36 -5.47 -3.23
CA THR A 39 2.30 -6.34 -2.07
C THR A 39 3.33 -5.88 -1.04
N VAL A 40 2.90 -5.71 0.20
CA VAL A 40 3.81 -5.26 1.24
C VAL A 40 4.98 -6.22 1.40
N ALA A 41 6.14 -5.78 0.91
CA ALA A 41 7.35 -6.58 0.97
C ALA A 41 7.94 -6.59 2.38
N ARG A 42 7.59 -5.58 3.17
CA ARG A 42 8.07 -5.47 4.54
C ARG A 42 7.35 -4.35 5.28
N ILE A 43 6.92 -4.64 6.51
CA ILE A 43 6.22 -3.65 7.32
C ILE A 43 7.22 -2.78 8.09
N LEU A 44 7.42 -1.56 7.62
CA LEU A 44 8.35 -0.63 8.27
C LEU A 44 7.94 -0.38 9.73
N HIS A 45 8.93 -0.35 10.61
CA HIS A 45 8.68 -0.13 12.04
C HIS A 45 8.47 1.35 12.31
N GLY A 46 7.48 1.66 13.16
CA GLY A 46 7.19 3.04 13.50
C GLY A 46 6.08 3.62 12.64
N GLY A 47 5.89 3.06 11.46
CA GLY A 47 4.85 3.56 10.57
C GLY A 47 3.47 3.53 11.19
N MET A 48 2.48 4.03 10.47
CA MET A 48 1.11 4.06 10.96
C MET A 48 0.45 2.69 10.82
N ILE A 49 0.82 1.96 9.77
CA ILE A 49 0.27 0.64 9.52
C ILE A 49 0.82 -0.37 10.52
N HIS A 50 2.09 -0.21 10.89
CA HIS A 50 2.73 -1.10 11.84
C HIS A 50 2.29 -0.78 13.27
N ARG A 51 2.21 0.51 13.58
CA ARG A 51 1.80 0.95 14.91
C ARG A 51 0.31 0.72 15.12
N GLN A 52 -0.47 1.02 14.08
CA GLN A 52 -1.92 0.84 14.14
C GLN A 52 -2.30 -0.61 13.84
N GLY A 53 -1.69 -1.17 12.80
CA GLY A 53 -1.98 -2.54 12.42
C GLY A 53 -3.10 -2.64 11.40
N SER A 54 -2.76 -2.39 10.14
CA SER A 54 -3.75 -2.46 9.05
C SER A 54 -3.38 -3.55 8.05
N LEU A 55 -2.09 -3.78 7.86
CA LEU A 55 -1.62 -4.78 6.92
C LEU A 55 -0.45 -5.58 7.49
N HIS A 56 -0.04 -6.63 6.80
CA HIS A 56 1.07 -7.46 7.23
C HIS A 56 1.98 -7.82 6.06
N VAL A 57 3.29 -7.82 6.31
CA VAL A 57 4.28 -8.14 5.29
C VAL A 57 3.86 -9.36 4.46
N GLY A 58 3.58 -9.12 3.18
CA GLY A 58 3.17 -10.20 2.30
C GLY A 58 1.78 -9.99 1.73
N ASP A 59 0.93 -9.27 2.47
CA ASP A 59 -0.43 -8.99 2.02
C ASP A 59 -0.43 -8.45 0.59
N GLU A 60 -1.30 -9.00 -0.25
CA GLU A 60 -1.39 -8.57 -1.64
C GLU A 60 -2.48 -7.54 -1.83
N ILE A 61 -2.07 -6.30 -2.09
CA ILE A 61 -3.02 -5.21 -2.32
C ILE A 61 -3.38 -5.12 -3.81
N LEU A 62 -4.48 -5.76 -4.18
CA LEU A 62 -4.94 -5.77 -5.56
C LEU A 62 -5.36 -4.36 -6.01
N GLU A 63 -5.78 -3.54 -5.06
CA GLU A 63 -6.21 -2.18 -5.38
C GLU A 63 -5.65 -1.17 -4.40
N ILE A 64 -5.05 -0.10 -4.94
CA ILE A 64 -4.46 0.94 -4.11
C ILE A 64 -5.24 2.25 -4.25
N ASN A 65 -6.13 2.51 -3.30
CA ASN A 65 -6.94 3.71 -3.33
C ASN A 65 -7.83 3.73 -4.56
N GLY A 66 -8.17 2.54 -5.06
CA GLY A 66 -9.02 2.44 -6.24
C GLY A 66 -8.22 2.26 -7.52
N THR A 67 -6.90 2.27 -7.41
CA THR A 67 -6.03 2.11 -8.57
C THR A 67 -4.92 1.10 -8.30
N ASN A 68 -4.79 0.12 -9.18
CA ASN A 68 -3.77 -0.91 -9.05
C ASN A 68 -2.45 -0.42 -9.66
N VAL A 69 -1.40 -0.40 -8.85
CA VAL A 69 -0.09 0.05 -9.31
C VAL A 69 0.32 -0.68 -10.58
N THR A 70 0.97 0.05 -11.49
CA THR A 70 1.41 -0.52 -12.76
C THR A 70 2.93 -0.66 -12.78
N ASN A 71 3.42 -1.64 -13.54
CA ASN A 71 4.85 -1.88 -13.64
C ASN A 71 5.57 -0.64 -14.20
N HIS A 72 4.84 0.18 -14.95
CA HIS A 72 5.41 1.39 -15.53
C HIS A 72 5.95 2.30 -14.43
N SER A 73 5.25 3.40 -14.14
CA SER A 73 5.69 4.31 -13.09
C SER A 73 4.78 4.23 -11.88
N VAL A 74 5.38 4.15 -10.70
CA VAL A 74 4.62 4.08 -9.45
C VAL A 74 4.34 5.47 -8.90
N ASP A 75 5.13 6.45 -9.34
CA ASP A 75 4.98 7.81 -8.88
C ASP A 75 3.50 8.23 -8.84
N GLN A 76 2.70 7.61 -9.69
CA GLN A 76 1.27 7.90 -9.73
C GLN A 76 0.61 7.55 -8.41
N LEU A 77 0.96 6.39 -7.88
CA LEU A 77 0.41 5.93 -6.61
C LEU A 77 1.18 6.53 -5.44
N GLN A 78 2.50 6.55 -5.55
CA GLN A 78 3.36 7.11 -4.50
C GLN A 78 3.02 8.57 -4.27
N LYS A 79 2.95 9.34 -5.35
CA LYS A 79 2.63 10.77 -5.26
C LYS A 79 1.19 10.97 -4.82
N ALA A 80 0.28 10.24 -5.44
CA ALA A 80 -1.14 10.34 -5.12
C ALA A 80 -1.42 9.85 -3.70
N MET A 81 -0.60 8.91 -3.23
CA MET A 81 -0.77 8.35 -1.89
C MET A 81 -0.36 9.36 -0.82
N LYS A 82 0.68 10.14 -1.11
CA LYS A 82 1.17 11.14 -0.16
C LYS A 82 0.49 12.48 -0.38
N GLU A 83 -0.05 12.69 -1.59
CA GLU A 83 -0.72 13.95 -1.91
C GLU A 83 -2.21 13.88 -1.60
N THR A 84 -2.74 12.66 -1.44
CA THR A 84 -4.16 12.48 -1.14
C THR A 84 -4.46 12.81 0.32
N LYS A 85 -5.72 13.14 0.59
CA LYS A 85 -6.15 13.47 1.94
C LYS A 85 -7.55 12.96 2.21
N GLY A 86 -7.70 12.11 3.22
CA GLY A 86 -9.00 11.56 3.55
C GLY A 86 -8.95 10.06 3.80
N MET A 87 -10.12 9.42 3.70
CA MET A 87 -10.21 7.98 3.92
C MET A 87 -9.72 7.20 2.71
N ILE A 88 -8.58 6.53 2.87
CA ILE A 88 -8.00 5.74 1.79
C ILE A 88 -8.60 4.34 1.74
N SER A 89 -8.85 3.85 0.53
CA SER A 89 -9.41 2.51 0.35
C SER A 89 -8.36 1.56 -0.20
N LEU A 90 -8.03 0.53 0.57
CA LEU A 90 -7.03 -0.44 0.16
C LEU A 90 -7.63 -1.85 0.09
N LYS A 91 -7.60 -2.44 -1.10
CA LYS A 91 -8.12 -3.79 -1.30
C LYS A 91 -6.99 -4.79 -1.20
N VAL A 92 -6.93 -5.51 -0.08
CA VAL A 92 -5.88 -6.49 0.14
C VAL A 92 -6.44 -7.90 0.29
N ILE A 93 -5.62 -8.90 -0.02
CA ILE A 93 -6.02 -10.29 0.09
C ILE A 93 -4.96 -11.09 0.85
N PRO A 94 -5.38 -11.93 1.81
CA PRO A 94 -4.45 -12.75 2.60
C PRO A 94 -3.51 -13.57 1.73
N ASN A 95 -2.21 -13.39 1.91
CA ASN A 95 -1.21 -14.12 1.14
C ASN A 95 -1.38 -15.63 1.32
N GLN A 96 -1.08 -16.39 0.27
CA GLN A 96 -1.20 -17.84 0.32
C GLN A 96 -2.64 -18.26 0.56
N GLN A 97 -3.34 -18.59 -0.52
CA GLN A 97 -4.74 -19.01 -0.42
C GLN A 97 -5.59 -17.91 0.20
N ARG B 7 12.12 -5.86 -11.13
CA ARG B 7 11.44 -5.93 -9.82
C ARG B 7 11.87 -4.79 -8.91
N LYS B 8 10.91 -3.96 -8.50
CA LYS B 8 11.17 -2.82 -7.63
C LYS B 8 10.27 -2.85 -6.40
N GLU B 9 10.63 -2.07 -5.39
CA GLU B 9 9.86 -1.99 -4.17
C GLU B 9 9.81 -0.56 -3.67
N TYR B 10 8.61 -0.11 -3.37
CA TYR B 10 8.39 1.25 -2.90
C TYR B 10 7.88 1.28 -1.47
N CYS B 11 8.21 2.36 -0.77
CA CYS B 11 7.74 2.56 0.58
C CYS B 11 6.73 3.71 0.55
N ILE B 12 5.49 3.40 0.88
CA ILE B 12 4.44 4.41 0.84
C ILE B 12 3.42 4.19 1.95
#